data_4UM8
#
_entry.id   4UM8
#
_cell.length_a   184.450
_cell.length_b   170.010
_cell.length_c   102.390
_cell.angle_alpha   90.00
_cell.angle_beta   98.68
_cell.angle_gamma   90.00
#
_symmetry.space_group_name_H-M   'C 1 2 1'
#
loop_
_entity.id
_entity.type
_entity.pdbx_description
1 polymer 'INTEGRIN ALPHA-V'
2 polymer 'INTEGRIN BETA-6'
3 branched alpha-D-mannopyranose-(1-6)-beta-D-mannopyranose-(1-4)-2-acetamido-2-deoxy-beta-D-glucopyranose-(1-4)-2-acetamido-2-deoxy-beta-D-glucopyranose
4 branched alpha-D-mannopyranose-(1-3)-alpha-D-mannopyranose-(1-6)-beta-D-mannopyranose-(1-4)-2-acetamido-2-deoxy-beta-D-glucopyranose-(1-4)-2-acetamido-2-deoxy-beta-D-glucopyranose
5 branched alpha-D-mannopyranose-(1-3)-alpha-D-mannopyranose-(1-6)-[alpha-D-mannopyranose-(1-3)]beta-D-mannopyranose-(1-4)-2-acetamido-2-deoxy-beta-D-glucopyranose-(1-4)-2-acetamido-2-deoxy-beta-D-glucopyranose
6 branched beta-D-mannopyranose-(1-4)-2-acetamido-2-deoxy-beta-D-glucopyranose-(1-4)-2-acetamido-2-deoxy-beta-D-glucopyranose
7 branched alpha-D-mannopyranose-(1-6)-alpha-D-mannopyranose-(1-6)-beta-D-mannopyranose-(1-4)-2-acetamido-2-deoxy-beta-D-glucopyranose-(1-4)-2-acetamido-2-deoxy-beta-D-glucopyranose
8 branched 2-acetamido-2-deoxy-beta-D-glucopyranose-(1-4)-2-acetamido-2-deoxy-beta-D-glucopyranose
9 branched alpha-D-mannopyranose-(1-3)-beta-D-mannopyranose-(1-4)-2-acetamido-2-deoxy-beta-D-glucopyranose-(1-4)-2-acetamido-2-deoxy-beta-D-glucopyranose
10 branched alpha-D-mannopyranose-(1-3)-[alpha-D-mannopyranose-(1-6)]alpha-D-mannopyranose-(1-6)-[alpha-D-mannopyranose-(1-3)]beta-D-mannopyranose-(1-4)-2-acetamido-2-deoxy-beta-D-glucopyranose-(1-4)-2-acetamido-2-deoxy-beta-D-glucopyranose
11 non-polymer 'CHLORIDE ION'
12 non-polymer 'SULFATE ION'
13 non-polymer 'NICKEL (II) ION'
14 non-polymer 'CALCIUM ION'
15 non-polymer 'CACODYLATE ION'
16 non-polymer 'MAGNESIUM ION'
17 non-polymer 2-acetamido-2-deoxy-beta-D-glucopyranose
18 water water
#
loop_
_entity_poly.entity_id
_entity_poly.type
_entity_poly.pdbx_seq_one_letter_code
_entity_poly.pdbx_strand_id
1 'polypeptide(L)'
;FNLDVDSPAEYSGPEGSYFGFAVDFFVPSASSRMFLLVGAPKANTTQPGIVEGGQVLKCDWSSTRRCQPIEFDATGNRDY
AKDDPLEFKSHQWFGASVRSKQDKILACAPLYHWRTEMKQEREPVGTCFLQDGTKTVEYAPCRSQDIDADGQGFCQGGFS
IDFTKADRVLLGGPGSFYWQGQLISDQVAEIVSKYDPNVYSIKYNNQLATRTAQAIFDDSYLGYSVAVGDFNGDGIDDFV
SGVPRAARTLGMVYIYDGKNMSSLYNFTGEQMAAYFGFSVAATDINGDDYADVFIGAPLFMDRGSDGKLQEVGQVSVSLQ
RASGDFQTTKLNGFEVFARFGSAIAPLGDLDQDGFNDIAIAAPYGGEDKKGIVYIFNGRSTGLNAVPSQILEGQWAARSC
PPSFGYSMKGATDIDKNGYPDLIVGAFGVDRAILYRARPVITVNAGLEVYPSILNQDNKTCSLPGTALKVSCFNVRFCLK
ADGKGVLPRKLNFQVELLLDKLKQKGAIRRALFLYSRSPSHSKNMTISRGGLMQCEELIAYLRDESEFRDKLTPITIFME
YRLDYRTAADTTGLQPILNQFTPANISRQAHILLDTGGLEVLFQGPGENAQLEKELQALEKENAQLEWELQALEKELAQT
TGWRGGHVVEGLAGELEQLRARLEHHPQGQREPAGHHHHHH
;
A,C
2 'polypeptide(L)'
;MGIELLCLFFLFLGRNDHVQGGCALGGAETCEDCLLIGPQCAWCAQENFTHPSGVGERCDTPANLLAKGCQLNFIENPVS
QVEILKNKPLSVGRQKNSSDIVQIAPQSLILKLRPGGAQTLQVHVRQTEDYPVDLYYLMDLSASMDDDLNTIKELGSRLS
KEMSKLTSNFRLGFGSFVEKPVSPFVKTTPEEIANPCSSIPYFCLPTFGFKHILPLTNDAERFNEIVKNQKISANIDTPE
GGFDAIMQAAVCKEKIGWRNDSLHLLVFVSDADSHFGMDSKLAGIVCPNDGLCHLDSKNEYSMSTVLEYPTIGQLIDKLV
QNNVLLIFAVTQEQVHLYENYAKLIPGATVGLLQKDSGNILQLIISAYEELRSEVELEVLGDTEGLNLSFTAICNNGTLF
QHQKKCSHMKVGDTASFSVTVNIPHCERRSRHIIIKPVGLGDALELLVSPECNCDCQKEVEVNSSKCHHGNGSFQCGVCA
CHPGHMGPRCECGEDMLSTDSCKEAPDHPSCSGRGDCYCGQCICHLSPYGNIYGPYCQCDNFSCVRHKGLLCGGNGDCDC
GECVCRSGWTGEYCNCTTSTDSCVSEDGVLCSGRGDCVCGKCVCTNPGASGPTCERCPTCGDPCNSKRSCIECHLSAAGQ
AREECVDKCKLAGATISEEEDFSKDGSVSCSLQGENECLITFLITTDNEGKTIIHSINEKDCPKPPNIPMIMLGVSLAIL
LIGVVLLCIWKLLVSFHDRKEVAKFEAERSKAKWQTGTNPLYRGSTSTFKNVTYKHREKQKVDLSTDC
;
B,D
#
# COMPACT_ATOMS: atom_id res chain seq x y z
N PHE A 1 -24.71 -32.33 29.20
CA PHE A 1 -26.06 -31.76 29.26
C PHE A 1 -26.37 -31.25 30.66
N ASN A 2 -25.49 -31.56 31.61
CA ASN A 2 -25.73 -31.22 33.00
C ASN A 2 -24.93 -30.02 33.50
N LEU A 3 -24.47 -29.17 32.59
CA LEU A 3 -23.76 -27.96 33.00
C LEU A 3 -24.73 -26.82 33.28
N ASP A 4 -24.57 -26.19 34.43
CA ASP A 4 -25.41 -25.06 34.81
C ASP A 4 -24.99 -23.81 34.07
N VAL A 5 -25.93 -23.22 33.32
CA VAL A 5 -25.67 -22.02 32.55
C VAL A 5 -26.41 -20.85 33.18
N ASP A 6 -27.31 -21.16 34.09
CA ASP A 6 -28.11 -20.16 34.79
C ASP A 6 -27.25 -19.24 35.65
N SER A 7 -26.44 -19.83 36.53
CA SER A 7 -25.61 -19.04 37.43
C SER A 7 -24.18 -19.56 37.54
N PRO A 8 -23.36 -19.28 36.52
CA PRO A 8 -21.94 -19.66 36.53
C PRO A 8 -21.07 -18.64 37.26
N ALA A 9 -19.83 -19.01 37.57
CA ALA A 9 -18.90 -18.09 38.21
C ALA A 9 -18.18 -17.26 37.15
N GLU A 10 -18.34 -15.94 37.23
CA GLU A 10 -17.73 -15.05 36.24
C GLU A 10 -16.50 -14.33 36.81
N TYR A 11 -15.34 -14.61 36.21
CA TYR A 11 -14.10 -13.95 36.60
C TYR A 11 -13.62 -13.01 35.50
N SER A 12 -12.99 -11.91 35.90
CA SER A 12 -12.52 -10.92 34.94
C SER A 12 -11.14 -10.39 35.32
N GLY A 13 -10.55 -9.60 34.42
CA GLY A 13 -9.24 -9.02 34.67
C GLY A 13 -9.07 -7.66 34.04
N PRO A 14 -7.85 -7.10 34.11
CA PRO A 14 -7.53 -5.80 33.51
C PRO A 14 -7.74 -5.82 32.00
N GLU A 15 -8.33 -4.75 31.46
CA GLU A 15 -8.64 -4.68 30.04
C GLU A 15 -7.39 -4.68 29.16
N GLY A 16 -7.39 -5.52 28.13
CA GLY A 16 -6.29 -5.59 27.18
C GLY A 16 -5.21 -6.55 27.61
N SER A 17 -5.37 -7.16 28.76
CA SER A 17 -4.38 -8.10 29.29
C SER A 17 -4.60 -9.51 28.76
N TYR A 18 -5.66 -9.68 27.98
CA TYR A 18 -6.07 -10.99 27.46
C TYR A 18 -6.31 -11.97 28.61
N PHE A 19 -7.13 -11.55 29.57
CA PHE A 19 -7.48 -12.37 30.72
C PHE A 19 -8.35 -13.54 30.28
N GLY A 20 -7.75 -14.72 30.19
CA GLY A 20 -8.47 -15.92 29.78
C GLY A 20 -7.83 -16.58 28.58
N PHE A 21 -6.62 -16.14 28.24
CA PHE A 21 -5.88 -16.72 27.12
C PHE A 21 -5.41 -18.12 27.48
N ALA A 22 -5.33 -18.38 28.78
CA ALA A 22 -4.97 -19.71 29.28
C ALA A 22 -5.61 -19.94 30.64
N VAL A 23 -6.38 -21.02 30.77
CA VAL A 23 -7.02 -21.35 32.03
C VAL A 23 -6.74 -22.77 32.47
N ASP A 24 -6.79 -23.00 33.78
CA ASP A 24 -6.49 -24.30 34.36
C ASP A 24 -6.96 -24.32 35.81
N PHE A 25 -6.98 -25.51 36.41
CA PHE A 25 -7.33 -25.65 37.82
C PHE A 25 -6.07 -25.65 38.67
N PHE A 26 -6.21 -25.29 39.94
CA PHE A 26 -5.11 -25.40 40.88
C PHE A 26 -5.60 -26.00 42.19
N VAL A 27 -5.28 -27.28 42.38
CA VAL A 27 -5.65 -27.99 43.60
C VAL A 27 -4.41 -28.55 44.27
N PRO A 28 -4.03 -27.96 45.42
CA PRO A 28 -2.89 -28.51 46.16
C PRO A 28 -3.28 -29.81 46.84
N SER A 29 -2.34 -30.46 47.51
CA SER A 29 -2.60 -31.77 48.10
C SER A 29 -3.46 -31.69 49.36
N ALA A 30 -4.28 -32.71 49.55
CA ALA A 30 -5.09 -32.91 50.74
C ALA A 30 -6.16 -31.85 50.97
N SER A 31 -6.19 -31.31 52.19
CA SER A 31 -7.31 -30.49 52.66
C SER A 31 -7.40 -29.10 52.04
N SER A 32 -6.28 -28.63 51.48
CA SER A 32 -6.21 -27.27 50.93
C SER A 32 -7.31 -27.00 49.89
N ARG A 33 -7.79 -25.75 49.89
CA ARG A 33 -8.89 -25.34 49.03
C ARG A 33 -8.56 -25.34 47.54
N MET A 34 -9.58 -25.07 46.72
CA MET A 34 -9.46 -25.09 45.28
C MET A 34 -9.25 -23.68 44.72
N PHE A 35 -8.54 -23.61 43.60
CA PHE A 35 -8.25 -22.33 42.96
C PHE A 35 -8.29 -22.43 41.43
N LEU A 36 -8.40 -21.30 40.77
CA LEU A 36 -8.38 -21.24 39.32
C LEU A 36 -7.13 -20.50 38.85
N LEU A 37 -6.62 -20.89 37.69
CA LEU A 37 -5.42 -20.27 37.13
C LEU A 37 -5.71 -19.64 35.78
N VAL A 38 -5.80 -18.32 35.76
CA VAL A 38 -6.06 -17.59 34.52
C VAL A 38 -4.80 -16.85 34.06
N GLY A 39 -4.41 -17.07 32.81
CA GLY A 39 -3.24 -16.41 32.27
C GLY A 39 -3.57 -15.14 31.51
N ALA A 40 -2.96 -14.03 31.93
CA ALA A 40 -3.12 -12.76 31.23
C ALA A 40 -1.77 -12.30 30.70
N PRO A 41 -1.42 -12.75 29.48
CA PRO A 41 -0.10 -12.57 28.88
C PRO A 41 0.22 -11.13 28.44
N LYS A 42 -0.76 -10.25 28.42
CA LYS A 42 -0.52 -8.87 28.03
C LYS A 42 -0.68 -7.90 29.21
N ALA A 43 -0.70 -8.46 30.42
CA ALA A 43 -0.90 -7.66 31.62
C ALA A 43 0.35 -6.90 32.03
N ASN A 44 0.15 -5.70 32.57
CA ASN A 44 1.23 -4.89 33.09
C ASN A 44 1.78 -5.53 34.37
N THR A 45 3.10 -5.49 34.57
CA THR A 45 3.68 -6.03 35.79
C THR A 45 4.45 -4.97 36.53
N THR A 46 4.85 -5.28 37.77
CA THR A 46 5.62 -4.35 38.58
C THR A 46 7.11 -4.55 38.34
N GLN A 47 7.43 -5.32 37.31
CA GLN A 47 8.82 -5.55 36.93
C GLN A 47 9.42 -4.28 36.35
N PRO A 48 10.61 -3.88 36.84
CA PRO A 48 11.28 -2.62 36.47
C PRO A 48 11.44 -2.41 34.97
N GLY A 49 10.75 -1.40 34.44
CA GLY A 49 10.89 -1.00 33.04
C GLY A 49 10.45 -2.05 32.05
N ILE A 50 9.37 -2.77 32.38
CA ILE A 50 8.86 -3.81 31.50
C ILE A 50 7.37 -3.63 31.24
N VAL A 51 7.03 -3.34 29.98
CA VAL A 51 5.65 -3.11 29.59
C VAL A 51 4.99 -4.38 29.05
N GLU A 52 3.80 -4.67 29.55
CA GLU A 52 3.05 -5.87 29.18
C GLU A 52 3.88 -7.14 29.30
N GLY A 53 4.37 -7.41 30.52
CA GLY A 53 5.17 -8.59 30.77
C GLY A 53 4.33 -9.85 30.90
N GLY A 54 3.07 -9.67 31.27
CA GLY A 54 2.15 -10.78 31.43
C GLY A 54 2.23 -11.41 32.81
N GLN A 55 1.08 -11.88 33.31
CA GLN A 55 1.03 -12.50 34.63
C GLN A 55 -0.08 -13.54 34.72
N VAL A 56 0.07 -14.47 35.65
CA VAL A 56 -0.94 -15.50 35.89
C VAL A 56 -1.64 -15.27 37.22
N LEU A 57 -2.97 -15.16 37.18
CA LEU A 57 -3.75 -14.84 38.37
C LEU A 57 -4.32 -16.08 39.05
N LYS A 58 -4.14 -16.18 40.36
CA LYS A 58 -4.73 -17.27 41.13
C LYS A 58 -6.11 -16.86 41.63
N CYS A 59 -7.14 -17.24 40.89
CA CYS A 59 -8.51 -16.86 41.24
C CYS A 59 -9.09 -17.73 42.35
N ASP A 60 -9.66 -17.08 43.35
CA ASP A 60 -10.28 -17.75 44.48
C ASP A 60 -11.71 -18.16 44.15
N TRP A 61 -12.11 -19.34 44.62
CA TRP A 61 -13.47 -19.83 44.38
C TRP A 61 -14.35 -19.65 45.61
N SER A 62 -13.74 -19.68 46.79
CA SER A 62 -14.47 -19.52 48.04
C SER A 62 -14.91 -18.07 48.24
N SER A 63 -16.19 -17.89 48.59
CA SER A 63 -16.76 -16.57 48.85
C SER A 63 -16.59 -15.64 47.66
N THR A 64 -15.91 -14.51 47.89
CA THR A 64 -15.67 -13.53 46.84
C THR A 64 -14.77 -14.11 45.76
N ARG A 65 -14.86 -13.53 44.56
CA ARG A 65 -14.11 -14.03 43.42
C ARG A 65 -12.90 -13.17 43.10
N ARG A 66 -12.07 -12.90 44.10
CA ARG A 66 -10.85 -12.13 43.88
C ARG A 66 -9.74 -13.00 43.30
N CYS A 67 -8.96 -12.43 42.39
CA CYS A 67 -7.83 -13.14 41.80
C CYS A 67 -6.54 -12.39 42.07
N GLN A 68 -5.67 -12.98 42.88
CA GLN A 68 -4.39 -12.38 43.20
C GLN A 68 -3.31 -12.89 42.26
N PRO A 69 -2.60 -11.98 41.59
CA PRO A 69 -1.52 -12.35 40.67
C PRO A 69 -0.42 -13.13 41.37
N ILE A 70 0.04 -14.22 40.74
CA ILE A 70 1.09 -15.04 41.32
C ILE A 70 2.45 -14.48 40.94
N GLU A 71 3.34 -14.37 41.92
CA GLU A 71 4.63 -13.76 41.72
C GLU A 71 5.70 -14.78 41.35
N PHE A 72 5.85 -15.04 40.05
CA PHE A 72 6.88 -15.95 39.56
C PHE A 72 8.23 -15.24 39.45
N ASP A 73 8.19 -14.01 38.94
CA ASP A 73 9.40 -13.21 38.74
C ASP A 73 9.10 -11.72 38.81
N ALA A 74 9.60 -11.08 39.85
CA ALA A 74 9.39 -9.63 40.03
C ALA A 74 10.57 -8.84 39.49
N THR A 75 11.66 -9.54 39.18
CA THR A 75 12.86 -8.88 38.69
C THR A 75 12.70 -8.42 37.24
N GLY A 76 13.51 -7.45 36.85
CA GLY A 76 13.48 -6.94 35.49
C GLY A 76 14.49 -7.65 34.60
N ASN A 77 14.95 -6.98 33.56
CA ASN A 77 15.90 -7.57 32.64
C ASN A 77 17.32 -7.58 33.21
N ARG A 78 17.89 -8.77 33.34
CA ARG A 78 19.27 -8.92 33.79
C ARG A 78 20.23 -8.44 32.69
N ASP A 79 21.44 -8.07 33.10
CA ASP A 79 22.41 -7.53 32.15
C ASP A 79 23.59 -8.48 31.93
N TYR A 80 23.96 -8.65 30.66
CA TYR A 80 25.13 -9.43 30.30
C TYR A 80 26.39 -8.66 30.69
N ALA A 81 26.35 -7.35 30.45
CA ALA A 81 27.43 -6.45 30.84
C ALA A 81 26.85 -5.07 31.17
N LYS A 82 27.71 -4.09 31.34
CA LYS A 82 27.27 -2.73 31.64
C LYS A 82 26.57 -2.12 30.43
N ASP A 83 25.35 -1.63 30.64
CA ASP A 83 24.54 -1.02 29.59
C ASP A 83 24.38 -1.94 28.39
N ASP A 84 24.23 -3.23 28.67
CA ASP A 84 24.03 -4.23 27.63
C ASP A 84 23.10 -5.33 28.14
N PRO A 85 21.78 -5.15 27.92
CA PRO A 85 20.75 -6.07 28.40
C PRO A 85 20.96 -7.49 27.88
N LEU A 86 20.67 -8.48 28.72
CA LEU A 86 20.80 -9.88 28.33
C LEU A 86 19.45 -10.44 27.86
N GLU A 87 18.37 -9.94 28.45
CA GLU A 87 17.05 -10.44 28.14
C GLU A 87 16.03 -9.32 27.95
N PHE A 88 14.94 -9.63 27.27
CA PHE A 88 13.89 -8.66 26.99
C PHE A 88 12.52 -9.20 27.40
N LYS A 89 12.16 -9.00 28.66
CA LYS A 89 10.91 -9.54 29.20
C LYS A 89 9.69 -8.72 28.78
N SER A 90 9.92 -7.60 28.11
CA SER A 90 8.83 -6.76 27.61
C SER A 90 8.11 -7.46 26.47
N HIS A 91 6.77 -7.54 26.57
CA HIS A 91 5.93 -8.20 25.58
C HIS A 91 6.36 -9.65 25.36
N GLN A 92 6.64 -10.37 26.44
CA GLN A 92 7.10 -11.74 26.37
C GLN A 92 5.95 -12.75 26.40
N TRP A 93 4.74 -12.25 26.63
CA TRP A 93 3.54 -13.07 26.71
C TRP A 93 3.61 -14.14 27.79
N PHE A 94 4.06 -13.76 28.99
CA PHE A 94 4.09 -14.69 30.11
C PHE A 94 2.67 -14.97 30.60
N GLY A 95 2.30 -16.24 30.61
CA GLY A 95 0.96 -16.64 31.00
C GLY A 95 0.15 -17.06 29.78
N ALA A 96 0.83 -17.19 28.65
CA ALA A 96 0.19 -17.63 27.42
C ALA A 96 -0.17 -19.11 27.53
N SER A 97 0.61 -19.84 28.32
CA SER A 97 0.34 -21.25 28.58
C SER A 97 0.53 -21.58 30.05
N VAL A 98 -0.54 -22.02 30.69
CA VAL A 98 -0.51 -22.34 32.11
C VAL A 98 -0.92 -23.79 32.37
N ARG A 99 0.00 -24.57 32.91
CA ARG A 99 -0.27 -25.96 33.27
C ARG A 99 -0.01 -26.19 34.75
N SER A 100 -0.87 -26.97 35.39
CA SER A 100 -0.76 -27.22 36.82
C SER A 100 -0.86 -28.71 37.15
N LYS A 101 -0.04 -29.14 38.09
CA LYS A 101 -0.02 -30.52 38.55
C LYS A 101 0.19 -30.57 40.06
N GLN A 102 -0.86 -30.94 40.78
CA GLN A 102 -0.81 -30.98 42.24
C GLN A 102 -0.45 -29.60 42.81
N ASP A 103 0.71 -29.52 43.46
CA ASP A 103 1.19 -28.26 44.02
C ASP A 103 1.96 -27.44 42.99
N LYS A 104 2.41 -28.11 41.93
CA LYS A 104 3.26 -27.50 40.92
C LYS A 104 2.48 -26.63 39.93
N ILE A 105 3.02 -25.44 39.66
CA ILE A 105 2.45 -24.56 38.64
C ILE A 105 3.53 -24.23 37.60
N LEU A 106 3.19 -24.36 36.33
CA LEU A 106 4.13 -24.06 35.26
C LEU A 106 3.54 -23.08 34.26
N ALA A 107 4.09 -21.87 34.25
CA ALA A 107 3.69 -20.86 33.27
C ALA A 107 4.87 -20.51 32.38
N CYS A 108 4.59 -20.11 31.15
CA CYS A 108 5.65 -19.85 30.18
C CYS A 108 5.46 -18.54 29.41
N ALA A 109 6.56 -18.06 28.84
CA ALA A 109 6.56 -16.86 28.01
C ALA A 109 7.18 -17.15 26.65
N PRO A 110 6.32 -17.51 25.67
CA PRO A 110 6.74 -17.89 24.31
C PRO A 110 7.52 -16.82 23.56
N LEU A 111 7.23 -15.54 23.83
CA LEU A 111 7.89 -14.45 23.12
C LEU A 111 9.00 -13.79 23.94
N TYR A 112 9.58 -14.55 24.86
CA TYR A 112 10.72 -14.09 25.63
C TYR A 112 11.98 -14.06 24.76
N HIS A 113 12.50 -12.87 24.50
CA HIS A 113 13.71 -12.73 23.68
C HIS A 113 14.96 -12.71 24.55
N TRP A 114 16.07 -13.14 23.96
CA TRP A 114 17.30 -13.34 24.72
C TRP A 114 18.53 -12.96 23.88
N ARG A 115 19.51 -12.33 24.53
CA ARG A 115 20.74 -11.93 23.86
C ARG A 115 21.77 -13.05 23.88
N THR A 116 22.37 -13.32 22.73
CA THR A 116 23.44 -14.32 22.64
C THR A 116 24.61 -13.91 23.52
N GLU A 117 25.22 -14.89 24.18
CA GLU A 117 26.38 -14.63 25.02
C GLU A 117 27.61 -14.27 24.20
N MET A 118 27.48 -14.36 22.88
CA MET A 118 28.60 -14.05 21.98
C MET A 118 28.40 -12.69 21.32
N LYS A 119 27.39 -12.60 20.46
CA LYS A 119 27.07 -11.34 19.79
C LYS A 119 25.79 -10.74 20.36
N GLN A 120 25.56 -9.46 20.08
CA GLN A 120 24.36 -8.77 20.57
C GLN A 120 23.14 -9.03 19.69
N GLU A 121 22.39 -10.07 20.03
CA GLU A 121 21.20 -10.45 19.27
C GLU A 121 19.94 -10.36 20.10
N ARG A 122 18.79 -10.55 19.45
CA ARG A 122 17.51 -10.58 20.14
C ARG A 122 16.69 -11.77 19.65
N GLU A 123 16.95 -12.93 20.23
CA GLU A 123 16.32 -14.18 19.79
C GLU A 123 15.27 -14.68 20.78
N PRO A 124 14.06 -14.97 20.29
CA PRO A 124 12.94 -15.46 21.11
C PRO A 124 13.07 -16.94 21.45
N VAL A 125 13.92 -17.27 22.41
CA VAL A 125 14.09 -18.66 22.83
C VAL A 125 12.91 -19.12 23.68
N GLY A 126 12.24 -18.19 24.33
CA GLY A 126 11.13 -18.51 25.21
C GLY A 126 11.62 -19.07 26.54
N THR A 127 10.89 -18.79 27.61
CA THR A 127 11.27 -19.29 28.92
C THR A 127 10.05 -19.69 29.75
N CYS A 128 10.29 -20.38 30.86
CA CYS A 128 9.22 -20.82 31.73
C CYS A 128 9.62 -20.69 33.20
N PHE A 129 8.62 -20.59 34.07
CA PHE A 129 8.87 -20.49 35.50
C PHE A 129 8.08 -21.56 36.27
N LEU A 130 8.76 -22.63 36.64
CA LEU A 130 8.14 -23.70 37.41
C LEU A 130 8.10 -23.33 38.89
N GLN A 131 6.96 -23.56 39.52
CA GLN A 131 6.78 -23.22 40.93
C GLN A 131 6.26 -24.38 41.75
N ASP A 132 7.05 -24.79 42.75
CA ASP A 132 6.62 -25.85 43.67
C ASP A 132 5.89 -25.21 44.85
N GLY A 133 5.78 -25.98 45.93
CA GLY A 133 5.16 -25.49 47.15
C GLY A 133 5.90 -24.29 47.69
N THR A 134 7.19 -24.46 47.92
CA THR A 134 8.03 -23.38 48.43
C THR A 134 8.97 -22.82 47.36
N LYS A 135 9.60 -23.71 46.60
CA LYS A 135 10.58 -23.31 45.58
C LYS A 135 9.94 -22.70 44.33
N THR A 136 10.72 -21.89 43.62
CA THR A 136 10.30 -21.29 42.36
C THR A 136 11.52 -21.07 41.47
N VAL A 137 11.57 -21.80 40.36
CA VAL A 137 12.74 -21.75 39.47
C VAL A 137 12.38 -21.31 38.05
N GLU A 138 13.41 -21.13 37.23
CA GLU A 138 13.24 -20.78 35.83
C GLU A 138 13.64 -21.93 34.92
N TYR A 139 12.85 -22.16 33.88
CA TYR A 139 13.09 -23.27 32.97
C TYR A 139 13.09 -22.80 31.52
N ALA A 140 14.29 -22.64 30.96
CA ALA A 140 14.43 -22.24 29.56
C ALA A 140 15.38 -23.19 28.84
N PRO A 141 14.84 -24.30 28.32
CA PRO A 141 15.64 -25.35 27.68
C PRO A 141 16.18 -24.94 26.31
N CYS A 142 15.53 -23.99 25.64
CA CYS A 142 15.97 -23.53 24.34
C CYS A 142 17.05 -22.46 24.45
N ARG A 143 17.14 -21.85 25.63
CA ARG A 143 18.16 -20.84 25.90
C ARG A 143 19.51 -21.53 26.13
N SER A 144 20.11 -22.01 25.05
CA SER A 144 21.34 -22.79 25.14
C SER A 144 22.45 -22.23 24.26
N GLN A 145 23.47 -23.05 24.02
CA GLN A 145 24.62 -22.65 23.20
C GLN A 145 24.29 -22.77 21.71
N ASP A 146 23.22 -23.50 21.40
CA ASP A 146 22.75 -23.64 20.02
C ASP A 146 21.99 -22.39 19.61
N ILE A 147 22.67 -21.47 18.93
CA ILE A 147 22.11 -20.16 18.64
C ILE A 147 21.55 -20.02 17.22
N ASP A 148 21.03 -18.83 16.94
CA ASP A 148 20.45 -18.47 15.64
C ASP A 148 19.23 -19.33 15.27
N ALA A 149 18.73 -19.13 14.06
CA ALA A 149 17.53 -19.82 13.59
C ALA A 149 17.78 -21.31 13.41
N ASP A 150 18.96 -21.66 12.91
CA ASP A 150 19.33 -23.05 12.69
C ASP A 150 19.39 -23.82 14.00
N GLY A 151 19.63 -23.11 15.09
CA GLY A 151 19.64 -23.69 16.42
C GLY A 151 18.30 -23.55 17.11
N GLN A 152 18.33 -23.11 18.36
CA GLN A 152 17.12 -22.97 19.16
C GLN A 152 16.90 -21.50 19.55
N GLY A 153 17.37 -20.60 18.70
CA GLY A 153 17.25 -19.17 18.95
C GLY A 153 15.82 -18.67 18.85
N PHE A 154 15.12 -19.13 17.82
CA PHE A 154 13.73 -18.74 17.61
C PHE A 154 12.78 -19.83 18.06
N CYS A 155 13.26 -20.66 18.98
CA CYS A 155 12.52 -21.82 19.48
C CYS A 155 11.16 -21.47 20.08
N GLN A 156 11.11 -20.38 20.85
CA GLN A 156 9.90 -20.00 21.58
C GLN A 156 9.41 -21.13 22.47
N GLY A 157 10.34 -21.73 23.22
CA GLY A 157 10.01 -22.83 24.11
C GLY A 157 9.00 -22.44 25.16
N GLY A 158 8.00 -23.31 25.34
CA GLY A 158 6.93 -23.03 26.28
C GLY A 158 5.67 -22.62 25.53
N PHE A 159 5.74 -22.68 24.21
CA PHE A 159 4.61 -22.36 23.35
C PHE A 159 3.46 -23.29 23.66
N SER A 160 3.79 -24.53 24.00
CA SER A 160 2.82 -25.51 24.45
C SER A 160 3.47 -26.41 25.50
N ILE A 161 2.81 -26.54 26.65
CA ILE A 161 3.35 -27.33 27.75
C ILE A 161 2.31 -28.26 28.36
N ASP A 162 2.79 -29.31 29.04
CA ASP A 162 1.90 -30.26 29.70
C ASP A 162 2.67 -31.17 30.66
N PHE A 163 2.01 -31.57 31.74
CA PHE A 163 2.61 -32.49 32.71
C PHE A 163 2.24 -33.93 32.40
N THR A 164 3.05 -34.86 32.87
CA THR A 164 2.74 -36.29 32.74
C THR A 164 2.30 -36.85 34.09
N LYS A 165 1.96 -38.13 34.12
CA LYS A 165 1.50 -38.76 35.34
C LYS A 165 2.67 -39.13 36.26
N ALA A 166 3.89 -39.07 35.72
CA ALA A 166 5.08 -39.43 36.48
C ALA A 166 5.89 -38.19 36.85
N ASP A 167 5.22 -37.05 36.97
CA ASP A 167 5.86 -35.77 37.27
C ASP A 167 6.98 -35.45 36.29
N ARG A 168 6.63 -35.32 35.02
CA ARG A 168 7.58 -34.96 33.98
C ARG A 168 6.97 -33.90 33.08
N VAL A 169 7.79 -32.93 32.68
CA VAL A 169 7.30 -31.81 31.87
C VAL A 169 7.50 -32.06 30.38
N LEU A 170 6.45 -31.83 29.60
CA LEU A 170 6.55 -31.87 28.14
C LEU A 170 6.44 -30.47 27.57
N LEU A 171 7.49 -30.02 26.88
CA LEU A 171 7.53 -28.66 26.34
C LEU A 171 7.75 -28.66 24.83
N GLY A 172 7.07 -27.75 24.14
CA GLY A 172 7.16 -27.65 22.69
C GLY A 172 7.59 -26.27 22.20
N GLY A 173 8.53 -26.27 21.26
CA GLY A 173 9.00 -25.03 20.64
C GLY A 173 9.00 -25.14 19.13
N PRO A 174 8.06 -24.46 18.47
CA PRO A 174 7.82 -24.56 17.02
C PRO A 174 8.96 -24.07 16.14
N GLY A 175 9.76 -23.12 16.63
CA GLY A 175 10.73 -22.45 15.79
C GLY A 175 12.14 -23.01 15.76
N SER A 176 12.36 -24.16 16.39
CA SER A 176 13.69 -24.76 16.45
C SER A 176 14.12 -25.33 15.10
N PHE A 177 15.39 -25.14 14.75
CA PHE A 177 15.98 -25.67 13.52
C PHE A 177 15.20 -25.25 12.27
N TYR A 178 15.16 -23.95 12.02
CA TYR A 178 14.37 -23.39 10.91
C TYR A 178 12.91 -23.83 10.95
N TRP A 179 12.32 -23.69 12.14
CA TRP A 179 10.90 -23.96 12.35
C TRP A 179 10.50 -25.39 12.03
N GLN A 180 11.44 -26.31 12.20
CA GLN A 180 11.13 -27.73 12.17
C GLN A 180 10.26 -28.07 13.37
N GLY A 181 10.58 -27.44 14.50
CA GLY A 181 9.90 -27.69 15.75
C GLY A 181 10.72 -28.62 16.64
N GLN A 182 10.38 -28.67 17.92
CA GLN A 182 11.10 -29.51 18.86
C GLN A 182 10.28 -29.84 20.09
N LEU A 183 10.37 -31.08 20.55
CA LEU A 183 9.76 -31.49 21.80
C LEU A 183 10.84 -31.76 22.83
N ILE A 184 10.81 -31.03 23.94
CA ILE A 184 11.79 -31.21 25.01
C ILE A 184 11.10 -31.69 26.29
N SER A 185 11.69 -32.68 26.94
CA SER A 185 11.12 -33.22 28.18
C SER A 185 12.17 -33.38 29.27
N ASP A 186 11.93 -32.75 30.40
CA ASP A 186 12.83 -32.82 31.54
C ASP A 186 12.11 -33.22 32.82
N GLN A 187 12.83 -33.90 33.72
CA GLN A 187 12.27 -34.27 35.01
C GLN A 187 12.09 -33.01 35.86
N VAL A 188 11.00 -32.95 36.59
CA VAL A 188 10.72 -31.80 37.46
C VAL A 188 11.76 -31.71 38.58
N ALA A 189 12.44 -32.82 38.84
CA ALA A 189 13.48 -32.87 39.86
C ALA A 189 14.73 -32.13 39.40
N GLU A 190 15.07 -32.28 38.12
CA GLU A 190 16.26 -31.63 37.57
C GLU A 190 16.02 -30.14 37.30
N ILE A 191 14.75 -29.78 37.08
CA ILE A 191 14.40 -28.39 36.81
C ILE A 191 14.65 -27.54 38.05
N VAL A 192 14.40 -28.12 39.23
CA VAL A 192 14.57 -27.40 40.49
C VAL A 192 15.98 -27.58 41.08
N SER A 193 16.55 -28.77 40.91
CA SER A 193 17.85 -29.08 41.52
C SER A 193 19.01 -28.48 40.75
N LYS A 194 19.00 -28.62 39.43
CA LYS A 194 20.09 -28.10 38.60
C LYS A 194 19.93 -26.61 38.29
N TYR A 195 18.90 -26.00 38.86
CA TYR A 195 18.66 -24.58 38.64
C TYR A 195 19.78 -23.73 39.22
N ASP A 196 20.14 -22.69 38.48
CA ASP A 196 21.20 -21.77 38.91
C ASP A 196 20.92 -20.40 38.29
N PRO A 197 20.67 -19.39 39.15
CA PRO A 197 20.37 -18.04 38.67
C PRO A 197 21.54 -17.42 37.91
N ASN A 198 22.75 -17.88 38.18
CA ASN A 198 23.94 -17.37 37.50
C ASN A 198 24.22 -18.08 36.18
N VAL A 199 23.54 -19.21 35.96
CA VAL A 199 23.70 -19.95 34.71
C VAL A 199 22.49 -19.75 33.81
N TYR A 200 22.74 -19.37 32.57
CA TYR A 200 21.65 -19.07 31.63
C TYR A 200 21.34 -20.26 30.72
N SER A 201 22.34 -21.13 30.52
CA SER A 201 22.16 -22.31 29.69
C SER A 201 22.42 -23.59 30.48
N ILE A 202 21.39 -24.07 31.18
CA ILE A 202 21.52 -25.26 32.02
C ILE A 202 21.44 -26.55 31.20
N LYS A 203 22.40 -27.43 31.39
CA LYS A 203 22.41 -28.74 30.75
C LYS A 203 21.80 -29.80 31.65
N TYR A 204 20.78 -30.50 31.15
CA TYR A 204 20.14 -31.54 31.93
C TYR A 204 20.55 -32.93 31.44
N ASN A 205 20.78 -33.84 32.40
CA ASN A 205 21.24 -35.18 32.10
C ASN A 205 20.13 -36.08 31.58
N ASN A 206 19.04 -36.18 32.35
CA ASN A 206 17.93 -37.04 31.97
C ASN A 206 16.95 -36.33 31.05
N GLN A 207 17.50 -35.61 30.07
CA GLN A 207 16.68 -34.85 29.14
C GLN A 207 16.28 -35.66 27.92
N LEU A 208 15.00 -35.61 27.57
CA LEU A 208 14.50 -36.24 26.36
C LEU A 208 14.09 -35.15 25.37
N ALA A 209 14.73 -35.12 24.21
CA ALA A 209 14.44 -34.09 23.22
C ALA A 209 14.58 -34.62 21.80
N THR A 210 13.81 -34.03 20.89
CA THR A 210 13.87 -34.39 19.47
C THR A 210 15.09 -33.76 18.80
N ARG A 211 15.80 -34.56 18.01
CA ARG A 211 17.00 -34.10 17.33
C ARG A 211 16.67 -33.31 16.06
N THR A 212 17.67 -32.63 15.52
CA THR A 212 17.53 -31.89 14.27
C THR A 212 17.46 -32.83 13.08
N ALA A 213 16.67 -32.46 12.07
CA ALA A 213 16.48 -33.31 10.89
C ALA A 213 16.96 -32.64 9.61
N GLN A 214 16.57 -33.22 8.47
CA GLN A 214 16.96 -32.71 7.16
C GLN A 214 16.27 -31.38 6.85
N ALA A 215 16.71 -30.74 5.78
CA ALA A 215 16.19 -29.44 5.37
C ALA A 215 14.78 -29.54 4.81
N ILE A 216 14.38 -30.74 4.42
CA ILE A 216 13.04 -30.97 3.89
C ILE A 216 11.98 -30.83 4.98
N PHE A 217 12.41 -30.97 6.23
CA PHE A 217 11.50 -30.92 7.37
C PHE A 217 11.31 -29.52 7.93
N ASP A 218 11.99 -28.54 7.35
CA ASP A 218 11.82 -27.15 7.76
C ASP A 218 10.38 -26.70 7.54
N ASP A 219 9.98 -25.67 8.28
CA ASP A 219 8.61 -25.15 8.23
C ASP A 219 7.60 -26.25 8.53
N SER A 220 7.58 -26.71 9.78
CA SER A 220 6.66 -27.77 10.19
C SER A 220 5.88 -27.36 11.44
N TYR A 221 6.52 -26.60 12.31
CA TYR A 221 5.93 -26.12 13.57
C TYR A 221 5.59 -27.25 14.54
N LEU A 222 6.52 -28.19 14.69
CA LEU A 222 6.39 -29.24 15.69
C LEU A 222 6.41 -28.63 17.09
N GLY A 223 5.46 -29.02 17.93
CA GLY A 223 5.36 -28.48 19.27
C GLY A 223 4.38 -27.33 19.33
N TYR A 224 3.57 -27.19 18.29
CA TYR A 224 2.54 -26.17 18.24
C TYR A 224 1.50 -26.45 19.32
N SER A 225 1.28 -27.73 19.59
CA SER A 225 0.35 -28.18 20.63
C SER A 225 0.84 -29.52 21.18
N VAL A 226 0.54 -29.80 22.45
CA VAL A 226 0.99 -31.03 23.08
C VAL A 226 -0.09 -31.69 23.93
N ALA A 227 0.10 -32.99 24.17
CA ALA A 227 -0.79 -33.78 25.01
C ALA A 227 -0.08 -35.06 25.44
N VAL A 228 -0.54 -35.65 26.53
CA VAL A 228 0.09 -36.86 27.06
C VAL A 228 -0.89 -38.03 27.19
N GLY A 229 -0.35 -39.25 27.12
CA GLY A 229 -1.15 -40.46 27.21
C GLY A 229 -0.29 -41.67 26.86
N ASP A 230 -0.70 -42.85 27.33
CA ASP A 230 0.07 -44.06 27.08
C ASP A 230 -0.38 -44.70 25.76
N PHE A 231 0.58 -45.12 24.94
CA PHE A 231 0.25 -45.64 23.62
C PHE A 231 1.04 -46.89 23.22
N ASN A 232 2.05 -47.25 24.00
CA ASN A 232 2.78 -48.49 23.75
C ASN A 232 2.62 -49.47 24.91
N GLY A 233 1.71 -49.15 25.82
CA GLY A 233 1.36 -50.04 26.91
C GLY A 233 2.51 -50.36 27.85
N ASP A 234 3.19 -49.34 28.35
CA ASP A 234 4.28 -49.56 29.29
C ASP A 234 4.05 -48.80 30.60
N GLY A 235 2.99 -48.00 30.65
CA GLY A 235 2.67 -47.25 31.85
C GLY A 235 3.10 -45.79 31.76
N ILE A 236 4.21 -45.56 31.06
CA ILE A 236 4.74 -44.21 30.90
C ILE A 236 3.95 -43.40 29.88
N ASP A 237 3.57 -42.17 30.25
CA ASP A 237 2.86 -41.27 29.34
C ASP A 237 3.72 -40.94 28.14
N ASP A 238 3.13 -41.03 26.95
CA ASP A 238 3.84 -40.73 25.71
C ASP A 238 3.51 -39.32 25.23
N PHE A 239 4.31 -38.82 24.30
CA PHE A 239 4.19 -37.44 23.85
C PHE A 239 3.41 -37.32 22.54
N VAL A 240 2.34 -36.52 22.56
CA VAL A 240 1.56 -36.25 21.36
C VAL A 240 1.64 -34.78 20.99
N SER A 241 1.99 -34.48 19.74
CA SER A 241 2.17 -33.10 19.32
C SER A 241 1.65 -32.82 17.90
N GLY A 242 1.01 -31.66 17.73
CA GLY A 242 0.49 -31.26 16.44
C GLY A 242 1.54 -30.53 15.59
N VAL A 243 1.63 -30.91 14.32
CA VAL A 243 2.60 -30.32 13.40
C VAL A 243 1.88 -29.73 12.19
N PRO A 244 1.23 -28.57 12.39
CA PRO A 244 0.25 -27.98 11.45
C PRO A 244 0.78 -27.66 10.06
N ARG A 245 2.06 -27.33 9.92
CA ARG A 245 2.61 -26.96 8.62
C ARG A 245 3.45 -28.07 7.99
N ALA A 246 3.32 -29.28 8.52
CA ALA A 246 4.05 -30.42 7.97
C ALA A 246 3.40 -30.91 6.68
N ALA A 247 4.19 -31.58 5.85
CA ALA A 247 3.73 -32.15 4.58
C ALA A 247 3.11 -31.10 3.68
N ARG A 248 3.80 -29.96 3.53
CA ARG A 248 3.34 -28.86 2.68
C ARG A 248 1.96 -28.35 3.09
N THR A 249 1.87 -27.86 4.32
CA THR A 249 0.65 -27.27 4.88
C THR A 249 -0.54 -28.24 4.87
N LEU A 250 -0.24 -29.53 4.93
CA LEU A 250 -1.30 -30.55 4.98
C LEU A 250 -1.63 -30.85 6.44
N GLY A 251 -0.61 -30.80 7.29
CA GLY A 251 -0.79 -31.02 8.71
C GLY A 251 -0.52 -32.45 9.15
N MET A 252 0.29 -32.59 10.19
CA MET A 252 0.55 -33.90 10.78
C MET A 252 0.51 -33.82 12.30
N VAL A 253 0.45 -34.99 12.95
CA VAL A 253 0.49 -35.05 14.40
C VAL A 253 1.43 -36.18 14.83
N TYR A 254 2.54 -35.82 15.45
CA TYR A 254 3.54 -36.81 15.85
C TYR A 254 3.26 -37.39 17.22
N ILE A 255 3.60 -38.66 17.40
CA ILE A 255 3.56 -39.30 18.71
C ILE A 255 4.90 -39.94 19.03
N TYR A 256 5.59 -39.40 20.03
CA TYR A 256 6.87 -39.94 20.45
C TYR A 256 6.74 -40.75 21.73
N ASP A 257 7.63 -41.71 21.92
CA ASP A 257 7.64 -42.52 23.14
C ASP A 257 8.13 -41.69 24.31
N GLY A 258 7.34 -41.62 25.38
CA GLY A 258 7.66 -40.80 26.53
C GLY A 258 8.73 -41.38 27.43
N LYS A 259 9.51 -42.32 26.90
CA LYS A 259 10.55 -42.99 27.66
C LYS A 259 11.94 -42.70 27.08
N ASN A 260 12.04 -42.72 25.76
CA ASN A 260 13.33 -42.52 25.09
C ASN A 260 13.22 -41.65 23.84
N MET A 261 12.10 -40.96 23.71
CA MET A 261 11.82 -40.08 22.57
C MET A 261 11.97 -40.83 21.25
N SER A 262 11.12 -41.83 21.04
CA SER A 262 11.12 -42.62 19.82
C SER A 262 9.76 -42.54 19.12
N SER A 263 9.78 -42.44 17.81
CA SER A 263 8.55 -42.27 17.03
C SER A 263 7.64 -43.50 17.13
N LEU A 264 6.39 -43.27 17.52
CA LEU A 264 5.41 -44.35 17.62
C LEU A 264 4.45 -44.32 16.44
N TYR A 265 3.50 -43.38 16.46
CA TYR A 265 2.56 -43.23 15.36
C TYR A 265 2.48 -41.77 14.93
N ASN A 266 2.09 -41.52 13.68
CA ASN A 266 1.74 -40.16 13.31
C ASN A 266 0.68 -40.01 12.21
N PHE A 267 -0.31 -39.17 12.52
CA PHE A 267 -1.43 -38.89 11.65
C PHE A 267 -1.08 -37.86 10.59
N THR A 268 -1.97 -37.66 9.62
CA THR A 268 -1.76 -36.71 8.54
C THR A 268 -3.09 -36.12 8.07
N GLY A 269 -3.11 -34.81 7.83
CA GLY A 269 -4.31 -34.12 7.40
C GLY A 269 -4.77 -34.51 6.01
N GLU A 270 -6.02 -34.19 5.69
CA GLU A 270 -6.60 -34.54 4.40
C GLU A 270 -6.78 -33.33 3.49
N GLN A 271 -6.82 -32.14 4.08
CA GLN A 271 -7.08 -30.92 3.33
C GLN A 271 -5.96 -29.89 3.50
N MET A 272 -5.71 -29.11 2.45
CA MET A 272 -4.66 -28.10 2.47
C MET A 272 -4.99 -26.91 3.37
N ALA A 273 -4.00 -26.53 4.19
CA ALA A 273 -4.09 -25.36 5.06
C ALA A 273 -5.32 -25.37 5.97
N ALA A 274 -5.67 -26.54 6.48
CA ALA A 274 -6.78 -26.66 7.42
C ALA A 274 -6.27 -26.56 8.85
N TYR A 275 -4.96 -26.39 8.97
CA TYR A 275 -4.27 -26.32 10.26
C TYR A 275 -4.51 -27.58 11.08
N PHE A 276 -4.26 -28.72 10.46
CA PHE A 276 -4.35 -30.01 11.12
C PHE A 276 -3.24 -30.17 12.15
N GLY A 277 -3.58 -30.00 13.42
CA GLY A 277 -2.60 -30.11 14.48
C GLY A 277 -2.57 -28.86 15.35
N PHE A 278 -3.57 -28.01 15.16
CA PHE A 278 -3.67 -26.77 15.92
C PHE A 278 -3.87 -27.06 17.41
N SER A 279 -4.66 -28.08 17.70
CA SER A 279 -4.94 -28.46 19.07
C SER A 279 -5.10 -29.97 19.18
N VAL A 280 -4.39 -30.57 20.13
CA VAL A 280 -4.46 -32.00 20.36
C VAL A 280 -4.88 -32.31 21.78
N ALA A 281 -5.52 -33.46 21.96
CA ALA A 281 -5.95 -33.89 23.28
C ALA A 281 -5.93 -35.41 23.36
N ALA A 282 -5.76 -35.94 24.57
CA ALA A 282 -5.72 -37.38 24.77
C ALA A 282 -6.53 -37.80 25.99
N THR A 283 -7.63 -38.49 25.77
CA THR A 283 -8.46 -39.00 26.85
C THR A 283 -9.24 -40.24 26.39
N ASP A 284 -9.42 -41.19 27.29
CA ASP A 284 -10.16 -42.40 26.99
C ASP A 284 -11.65 -42.11 26.88
N ILE A 285 -12.17 -42.13 25.66
CA ILE A 285 -13.54 -41.69 25.41
C ILE A 285 -14.54 -42.85 25.41
N ASN A 286 -14.04 -44.08 25.27
CA ASN A 286 -14.91 -45.24 25.14
C ASN A 286 -14.87 -46.18 26.34
N GLY A 287 -14.13 -45.78 27.38
CA GLY A 287 -14.09 -46.53 28.61
C GLY A 287 -13.41 -47.89 28.53
N ASP A 288 -12.42 -48.01 27.65
CA ASP A 288 -11.68 -49.26 27.52
C ASP A 288 -10.27 -49.12 28.09
N ASP A 289 -10.07 -48.09 28.90
CA ASP A 289 -8.78 -47.81 29.53
C ASP A 289 -7.66 -47.62 28.50
N TYR A 290 -8.02 -47.12 27.32
CA TYR A 290 -7.04 -46.78 26.29
C TYR A 290 -7.15 -45.32 25.90
N ALA A 291 -6.03 -44.61 25.95
CA ALA A 291 -6.01 -43.20 25.59
C ALA A 291 -6.36 -43.01 24.12
N ASP A 292 -7.31 -42.11 23.86
CA ASP A 292 -7.77 -41.84 22.51
C ASP A 292 -7.33 -40.46 22.03
N VAL A 293 -6.88 -40.39 20.78
CA VAL A 293 -6.32 -39.15 20.23
C VAL A 293 -7.37 -38.25 19.58
N PHE A 294 -7.40 -36.99 20.01
CA PHE A 294 -8.27 -35.99 19.40
C PHE A 294 -7.43 -34.92 18.72
N ILE A 295 -7.73 -34.66 17.45
CA ILE A 295 -6.98 -33.68 16.68
C ILE A 295 -7.89 -32.66 16.02
N GLY A 296 -7.60 -31.37 16.23
CA GLY A 296 -8.42 -30.32 15.68
C GLY A 296 -7.84 -29.67 14.44
N ALA A 297 -8.74 -29.29 13.53
CA ALA A 297 -8.36 -28.57 12.31
C ALA A 297 -9.44 -27.55 11.97
N PRO A 298 -9.41 -26.39 12.64
CA PRO A 298 -10.46 -25.37 12.62
C PRO A 298 -10.69 -24.73 11.25
N LEU A 299 -9.70 -24.79 10.38
CA LEU A 299 -9.80 -24.14 9.08
C LEU A 299 -10.27 -25.10 8.00
N PHE A 300 -10.65 -26.30 8.40
CA PHE A 300 -11.10 -27.32 7.47
C PHE A 300 -12.38 -26.88 6.76
N MET A 301 -12.38 -26.98 5.43
CA MET A 301 -13.53 -26.59 4.64
C MET A 301 -14.36 -27.82 4.26
N ASP A 302 -15.67 -27.65 4.28
CA ASP A 302 -16.59 -28.77 4.06
C ASP A 302 -17.58 -28.46 2.93
N ARG A 303 -17.94 -29.50 2.18
CA ARG A 303 -18.89 -29.35 1.09
C ARG A 303 -20.33 -29.52 1.61
N GLY A 304 -21.18 -28.54 1.32
CA GLY A 304 -22.55 -28.59 1.76
C GLY A 304 -23.52 -29.12 0.72
N SER A 305 -24.82 -28.98 1.01
CA SER A 305 -25.87 -29.41 0.10
C SER A 305 -25.83 -28.60 -1.19
N ASP A 306 -25.45 -27.32 -1.07
CA ASP A 306 -25.38 -26.43 -2.22
C ASP A 306 -24.17 -26.73 -3.10
N GLY A 307 -23.33 -27.64 -2.63
CA GLY A 307 -22.13 -28.01 -3.38
C GLY A 307 -21.06 -26.95 -3.25
N LYS A 308 -21.21 -26.10 -2.24
CA LYS A 308 -20.25 -25.03 -1.98
C LYS A 308 -19.39 -25.33 -0.76
N LEU A 309 -18.08 -25.15 -0.91
CA LEU A 309 -17.16 -25.29 0.22
C LEU A 309 -17.43 -24.21 1.26
N GLN A 310 -17.34 -24.59 2.53
CA GLN A 310 -17.51 -23.64 3.61
C GLN A 310 -16.66 -24.02 4.82
N GLU A 311 -15.86 -23.07 5.29
CA GLU A 311 -15.00 -23.29 6.46
C GLU A 311 -15.82 -23.49 7.73
N VAL A 312 -15.79 -24.70 8.27
CA VAL A 312 -16.53 -25.01 9.48
C VAL A 312 -15.66 -25.69 10.55
N GLY A 313 -14.54 -26.27 10.12
CA GLY A 313 -13.64 -26.94 11.04
C GLY A 313 -13.96 -28.41 11.24
N GLN A 314 -12.95 -29.18 11.64
CA GLN A 314 -13.10 -30.63 11.78
C GLN A 314 -12.19 -31.22 12.86
N VAL A 315 -12.78 -32.06 13.71
CA VAL A 315 -12.03 -32.77 14.74
C VAL A 315 -12.02 -34.28 14.48
N SER A 316 -10.83 -34.86 14.36
CA SER A 316 -10.71 -36.29 14.08
C SER A 316 -10.56 -37.10 15.37
N VAL A 317 -11.45 -38.07 15.55
CA VAL A 317 -11.42 -38.92 16.73
C VAL A 317 -10.79 -40.28 16.44
N SER A 318 -9.57 -40.48 16.92
CA SER A 318 -8.86 -41.72 16.68
C SER A 318 -8.85 -42.61 17.92
N LEU A 319 -9.71 -43.63 17.92
CA LEU A 319 -9.79 -44.55 19.04
C LEU A 319 -8.64 -45.55 18.99
N GLN A 320 -7.91 -45.66 20.11
CA GLN A 320 -6.76 -46.56 20.17
C GLN A 320 -7.19 -47.99 20.47
N ARG A 321 -6.77 -48.92 19.62
CA ARG A 321 -7.08 -50.32 19.82
C ARG A 321 -5.88 -51.05 20.43
N ALA A 322 -6.15 -52.16 21.11
CA ALA A 322 -5.10 -52.95 21.72
C ALA A 322 -4.18 -53.56 20.67
N SER A 323 -4.72 -53.72 19.46
CA SER A 323 -3.96 -54.26 18.34
C SER A 323 -2.88 -53.29 17.88
N GLY A 324 -3.06 -52.01 18.22
CA GLY A 324 -2.12 -50.98 17.84
C GLY A 324 -2.68 -50.03 16.79
N ASP A 325 -3.77 -50.45 16.15
CA ASP A 325 -4.40 -49.64 15.13
C ASP A 325 -5.25 -48.54 15.73
N PHE A 326 -5.61 -47.55 14.91
CA PHE A 326 -6.51 -46.48 15.34
C PHE A 326 -7.79 -46.51 14.52
N GLN A 327 -8.93 -46.29 15.19
CA GLN A 327 -10.20 -46.17 14.49
C GLN A 327 -10.61 -44.71 14.35
N THR A 328 -10.06 -44.06 13.32
CA THR A 328 -10.25 -42.63 13.13
C THR A 328 -11.67 -42.29 12.65
N THR A 329 -12.29 -41.35 13.36
CA THR A 329 -13.62 -40.85 13.00
C THR A 329 -13.63 -39.33 13.04
N LYS A 330 -13.99 -38.72 11.92
CA LYS A 330 -13.95 -37.26 11.79
C LYS A 330 -15.27 -36.60 12.18
N LEU A 331 -15.16 -35.41 12.78
CA LEU A 331 -16.33 -34.68 13.26
C LEU A 331 -16.30 -33.22 12.81
N ASN A 332 -17.23 -32.83 11.95
CA ASN A 332 -17.26 -31.49 11.37
C ASN A 332 -17.96 -30.44 12.22
N GLY A 333 -17.70 -29.17 11.92
CA GLY A 333 -18.31 -28.06 12.62
C GLY A 333 -19.73 -27.80 12.20
N PHE A 334 -20.32 -26.74 12.74
CA PHE A 334 -21.74 -26.43 12.48
C PHE A 334 -21.95 -25.06 11.85
N GLU A 335 -21.27 -24.04 12.36
CA GLU A 335 -21.40 -22.69 11.82
C GLU A 335 -20.20 -22.33 10.97
N VAL A 336 -20.43 -21.51 9.95
CA VAL A 336 -19.36 -21.10 9.03
C VAL A 336 -18.43 -20.09 9.68
N PHE A 337 -17.13 -20.27 9.44
CA PHE A 337 -16.09 -19.37 9.96
C PHE A 337 -16.09 -19.28 11.48
N ALA A 338 -16.62 -20.30 12.15
CA ALA A 338 -16.64 -20.31 13.61
C ALA A 338 -15.39 -20.99 14.15
N ARG A 339 -14.66 -21.65 13.27
CA ARG A 339 -13.43 -22.37 13.62
C ARG A 339 -13.65 -23.38 14.73
N PHE A 340 -14.57 -24.31 14.48
CA PHE A 340 -14.83 -25.43 15.38
C PHE A 340 -13.60 -26.31 15.49
N GLY A 341 -13.11 -26.50 16.71
CA GLY A 341 -11.95 -27.34 16.95
C GLY A 341 -10.70 -26.59 17.34
N SER A 342 -10.85 -25.31 17.68
CA SER A 342 -9.73 -24.49 18.10
C SER A 342 -9.19 -24.96 19.45
N ALA A 343 -10.09 -25.32 20.35
CA ALA A 343 -9.72 -25.80 21.66
C ALA A 343 -10.45 -27.11 21.98
N ILE A 344 -9.69 -28.10 22.42
CA ILE A 344 -10.25 -29.42 22.75
C ILE A 344 -9.89 -29.80 24.18
N ALA A 345 -10.87 -29.77 25.07
CA ALA A 345 -10.62 -30.04 26.47
C ALA A 345 -11.41 -31.23 27.00
N PRO A 346 -10.69 -32.27 27.45
CA PRO A 346 -11.30 -33.42 28.13
C PRO A 346 -12.02 -33.01 29.40
N LEU A 347 -13.18 -33.60 29.66
CA LEU A 347 -14.00 -33.20 30.80
C LEU A 347 -14.08 -34.26 31.88
N GLY A 348 -13.45 -35.41 31.63
CA GLY A 348 -13.64 -36.57 32.49
C GLY A 348 -15.05 -37.06 32.32
N ASP A 349 -15.61 -37.69 33.35
CA ASP A 349 -16.99 -38.15 33.28
C ASP A 349 -17.94 -37.08 33.78
N LEU A 350 -18.38 -36.22 32.87
CA LEU A 350 -19.19 -35.06 33.21
C LEU A 350 -20.54 -35.44 33.84
N ASP A 351 -21.17 -36.49 33.31
CA ASP A 351 -22.47 -36.90 33.81
C ASP A 351 -22.38 -38.14 34.71
N GLN A 352 -21.16 -38.62 34.92
CA GLN A 352 -20.91 -39.80 35.76
C GLN A 352 -21.71 -41.02 35.30
N ASP A 353 -21.78 -41.23 34.00
CA ASP A 353 -22.51 -42.36 33.44
C ASP A 353 -21.61 -43.59 33.31
N GLY A 354 -20.31 -43.36 33.20
CA GLY A 354 -19.35 -44.44 33.09
C GLY A 354 -18.35 -44.24 31.97
N PHE A 355 -18.57 -43.19 31.17
CA PHE A 355 -17.67 -42.88 30.07
C PHE A 355 -17.21 -41.42 30.13
N ASN A 356 -15.92 -41.20 29.91
CA ASN A 356 -15.37 -39.85 29.89
C ASN A 356 -15.96 -39.02 28.76
N ASP A 357 -16.11 -37.73 29.00
CA ASP A 357 -16.68 -36.83 28.01
C ASP A 357 -15.65 -35.79 27.57
N ILE A 358 -16.02 -34.96 26.60
CA ILE A 358 -15.09 -33.97 26.06
C ILE A 358 -15.83 -32.73 25.57
N ALA A 359 -15.13 -31.61 25.53
CA ALA A 359 -15.71 -30.37 25.04
C ALA A 359 -14.88 -29.81 23.88
N ILE A 360 -15.57 -29.39 22.83
CA ILE A 360 -14.92 -28.78 21.67
C ILE A 360 -15.55 -27.41 21.42
N ALA A 361 -14.71 -26.39 21.33
CA ALA A 361 -15.21 -25.02 21.24
C ALA A 361 -15.07 -24.42 19.85
N ALA A 362 -16.01 -23.54 19.51
CA ALA A 362 -15.93 -22.73 18.30
C ALA A 362 -15.93 -21.26 18.72
N PRO A 363 -14.73 -20.72 19.02
CA PRO A 363 -14.52 -19.41 19.64
C PRO A 363 -15.19 -18.25 18.92
N TYR A 364 -15.36 -18.37 17.60
CA TYR A 364 -15.88 -17.25 16.82
C TYR A 364 -17.25 -17.56 16.22
N GLY A 365 -18.06 -18.31 16.95
CA GLY A 365 -19.39 -18.67 16.48
C GLY A 365 -20.48 -18.04 17.34
N GLY A 366 -21.73 -18.31 16.98
CA GLY A 366 -22.87 -17.78 17.72
C GLY A 366 -23.26 -16.40 17.24
N GLU A 367 -24.32 -15.86 17.84
CA GLU A 367 -24.76 -14.51 17.49
C GLU A 367 -23.72 -13.49 17.94
N ASP A 368 -23.46 -12.52 17.06
CA ASP A 368 -22.48 -11.46 17.31
C ASP A 368 -21.08 -12.03 17.57
N LYS A 369 -20.85 -13.26 17.11
CA LYS A 369 -19.56 -13.93 17.23
C LYS A 369 -19.03 -13.91 18.65
N LYS A 370 -19.90 -14.17 19.62
CA LYS A 370 -19.52 -14.17 21.02
C LYS A 370 -18.68 -15.39 21.36
N GLY A 371 -19.15 -16.57 20.93
CA GLY A 371 -18.43 -17.80 21.15
C GLY A 371 -19.33 -18.94 21.57
N ILE A 372 -19.02 -20.14 21.08
CA ILE A 372 -19.81 -21.33 21.41
C ILE A 372 -18.91 -22.50 21.83
N VAL A 373 -19.33 -23.21 22.88
CA VAL A 373 -18.65 -24.42 23.31
C VAL A 373 -19.61 -25.61 23.24
N TYR A 374 -19.21 -26.63 22.49
CA TYR A 374 -20.03 -27.84 22.37
C TYR A 374 -19.54 -28.94 23.30
N ILE A 375 -20.50 -29.62 23.95
CA ILE A 375 -20.17 -30.72 24.86
C ILE A 375 -20.59 -32.04 24.24
N PHE A 376 -19.62 -32.95 24.11
CA PHE A 376 -19.88 -34.27 23.54
C PHE A 376 -19.66 -35.37 24.59
N ASN A 377 -20.60 -36.31 24.66
CA ASN A 377 -20.51 -37.41 25.61
C ASN A 377 -19.94 -38.68 24.99
N GLY A 378 -19.19 -39.44 25.79
CA GLY A 378 -18.60 -40.69 25.33
C GLY A 378 -19.48 -41.88 25.64
N ARG A 379 -19.24 -42.98 24.93
CA ARG A 379 -20.00 -44.21 25.12
C ARG A 379 -19.17 -45.41 24.69
N SER A 380 -19.78 -46.60 24.79
CA SER A 380 -19.10 -47.85 24.45
C SER A 380 -18.62 -47.88 23.01
N THR A 381 -19.48 -47.44 22.10
CA THR A 381 -19.16 -47.43 20.67
C THR A 381 -18.08 -46.41 20.34
N GLY A 382 -17.99 -45.37 21.18
CA GLY A 382 -17.00 -44.33 20.98
C GLY A 382 -17.52 -42.98 21.44
N LEU A 383 -17.28 -41.95 20.63
CA LEU A 383 -17.77 -40.61 20.93
C LEU A 383 -19.09 -40.33 20.23
N ASN A 384 -20.13 -40.04 21.01
CA ASN A 384 -21.42 -39.69 20.43
C ASN A 384 -21.31 -38.40 19.63
N ALA A 385 -21.50 -38.51 18.32
CA ALA A 385 -21.27 -37.40 17.40
C ALA A 385 -22.15 -36.19 17.67
N VAL A 386 -23.34 -36.41 18.20
CA VAL A 386 -24.25 -35.32 18.50
C VAL A 386 -23.99 -34.73 19.89
N PRO A 387 -23.85 -33.40 19.97
CA PRO A 387 -23.63 -32.72 21.25
C PRO A 387 -24.88 -32.73 22.12
N SER A 388 -24.70 -32.84 23.43
CA SER A 388 -25.82 -32.91 24.34
C SER A 388 -26.10 -31.56 25.00
N GLN A 389 -25.18 -30.61 24.80
CA GLN A 389 -25.34 -29.28 25.38
C GLN A 389 -24.52 -28.24 24.63
N ILE A 390 -25.09 -27.04 24.51
CA ILE A 390 -24.42 -25.94 23.85
C ILE A 390 -24.24 -24.76 24.80
N LEU A 391 -22.99 -24.38 25.04
CA LEU A 391 -22.68 -23.25 25.91
C LEU A 391 -22.46 -22.00 25.07
N GLU A 392 -23.19 -20.94 25.39
CA GLU A 392 -23.15 -19.72 24.60
C GLU A 392 -22.48 -18.57 25.33
N GLY A 393 -21.75 -17.74 24.60
CA GLY A 393 -21.15 -16.55 25.15
C GLY A 393 -22.25 -15.53 25.42
N GLN A 394 -21.97 -14.59 26.31
CA GLN A 394 -22.97 -13.60 26.70
C GLN A 394 -22.41 -12.18 26.66
N TRP A 395 -21.31 -11.99 25.96
CA TRP A 395 -20.62 -10.71 25.98
C TRP A 395 -20.23 -10.24 24.59
N ALA A 396 -20.46 -8.96 24.31
CA ALA A 396 -20.18 -8.39 23.00
C ALA A 396 -18.71 -8.02 22.84
N ALA A 397 -18.28 -7.87 21.59
CA ALA A 397 -16.89 -7.59 21.30
C ALA A 397 -16.55 -6.11 21.47
N ARG A 398 -15.33 -5.84 21.91
CA ARG A 398 -14.83 -4.48 22.05
C ARG A 398 -14.01 -4.05 20.82
N SER A 399 -12.97 -4.82 20.51
CA SER A 399 -12.18 -4.60 19.30
C SER A 399 -11.70 -5.93 18.75
N CYS A 400 -11.30 -6.83 19.66
CA CYS A 400 -10.95 -8.20 19.33
C CYS A 400 -12.11 -9.09 19.79
N PRO A 401 -12.47 -10.09 18.97
CA PRO A 401 -13.58 -11.00 19.32
C PRO A 401 -13.40 -11.66 20.69
N PRO A 402 -14.50 -11.79 21.46
CA PRO A 402 -14.50 -12.30 22.83
C PRO A 402 -13.76 -13.62 22.98
N SER A 403 -13.77 -14.44 21.93
CA SER A 403 -13.05 -15.71 21.90
C SER A 403 -13.47 -16.63 23.04
N PHE A 404 -14.78 -16.66 23.31
CA PHE A 404 -15.33 -17.53 24.33
C PHE A 404 -15.08 -19.00 23.98
N GLY A 405 -14.07 -19.59 24.61
CA GLY A 405 -13.75 -20.98 24.38
C GLY A 405 -12.41 -21.19 23.70
N TYR A 406 -11.65 -20.11 23.54
CA TYR A 406 -10.33 -20.19 22.89
C TYR A 406 -9.40 -21.09 23.71
N SER A 407 -9.58 -21.08 25.02
CA SER A 407 -8.83 -21.94 25.91
C SER A 407 -9.73 -22.35 27.08
N MET A 408 -9.76 -23.64 27.38
CA MET A 408 -10.62 -24.14 28.44
C MET A 408 -10.02 -25.35 29.14
N LYS A 409 -10.53 -25.65 30.33
CA LYS A 409 -10.02 -26.77 31.13
C LYS A 409 -11.12 -27.36 32.01
N GLY A 410 -11.19 -28.68 32.08
CA GLY A 410 -12.19 -29.33 32.89
C GLY A 410 -11.65 -30.52 33.67
N ALA A 411 -12.52 -31.50 33.92
CA ALA A 411 -12.18 -32.72 34.63
C ALA A 411 -11.62 -32.46 36.03
N THR A 412 -12.26 -31.56 36.77
CA THR A 412 -11.85 -31.26 38.14
C THR A 412 -13.04 -30.83 39.00
N ASP A 413 -13.44 -31.69 39.93
CA ASP A 413 -14.56 -31.42 40.81
C ASP A 413 -14.19 -30.38 41.86
N ILE A 414 -14.58 -29.13 41.60
CA ILE A 414 -14.17 -28.01 42.44
C ILE A 414 -15.13 -27.77 43.61
N ASP A 415 -16.40 -28.14 43.45
CA ASP A 415 -17.40 -27.92 44.49
C ASP A 415 -17.68 -29.19 45.28
N LYS A 416 -16.94 -30.25 44.97
CA LYS A 416 -17.09 -31.55 45.63
C LYS A 416 -18.51 -32.08 45.55
N ASN A 417 -19.13 -31.92 44.38
CA ASN A 417 -20.48 -32.43 44.15
C ASN A 417 -20.47 -33.84 43.57
N GLY A 418 -19.29 -34.32 43.22
CA GLY A 418 -19.14 -35.64 42.63
C GLY A 418 -19.07 -35.57 41.12
N TYR A 419 -19.19 -34.36 40.60
CA TYR A 419 -19.17 -34.13 39.16
C TYR A 419 -18.12 -33.10 38.77
N PRO A 420 -17.26 -33.44 37.80
CA PRO A 420 -16.21 -32.54 37.32
C PRO A 420 -16.79 -31.27 36.71
N ASP A 421 -16.10 -30.15 36.88
CA ASP A 421 -16.59 -28.87 36.40
C ASP A 421 -15.74 -28.35 35.24
N LEU A 422 -16.12 -27.21 34.67
CA LEU A 422 -15.45 -26.70 33.48
C LEU A 422 -15.16 -25.20 33.53
N ILE A 423 -13.94 -24.83 33.15
CA ILE A 423 -13.54 -23.44 33.04
C ILE A 423 -13.41 -23.01 31.59
N VAL A 424 -14.12 -21.97 31.20
CA VAL A 424 -14.04 -21.47 29.82
C VAL A 424 -13.46 -20.06 29.77
N GLY A 425 -12.41 -19.86 28.98
CA GLY A 425 -11.74 -18.59 28.89
C GLY A 425 -12.18 -17.73 27.72
N ALA A 426 -12.32 -16.43 27.96
CA ALA A 426 -12.69 -15.48 26.92
C ALA A 426 -11.82 -14.24 26.98
N PHE A 427 -10.58 -14.36 26.49
CA PHE A 427 -9.60 -13.28 26.62
C PHE A 427 -9.96 -12.05 25.80
N GLY A 428 -10.80 -12.24 24.78
CA GLY A 428 -11.22 -11.14 23.93
C GLY A 428 -11.98 -10.08 24.70
N VAL A 429 -12.62 -10.50 25.79
CA VAL A 429 -13.32 -9.57 26.67
C VAL A 429 -12.78 -9.70 28.09
N ASP A 430 -11.60 -10.31 28.21
CA ASP A 430 -10.91 -10.48 29.49
C ASP A 430 -11.77 -11.14 30.56
N ARG A 431 -12.29 -12.33 30.24
CA ARG A 431 -13.13 -13.05 31.18
C ARG A 431 -12.71 -14.50 31.32
N ALA A 432 -13.14 -15.12 32.42
CA ALA A 432 -12.97 -16.54 32.65
C ALA A 432 -14.19 -17.04 33.41
N ILE A 433 -14.88 -18.02 32.86
CA ILE A 433 -16.14 -18.47 33.44
C ILE A 433 -16.07 -19.93 33.87
N LEU A 434 -16.45 -20.19 35.12
CA LEU A 434 -16.47 -21.54 35.65
C LEU A 434 -17.89 -22.08 35.68
N TYR A 435 -18.16 -23.08 34.84
CA TYR A 435 -19.47 -23.72 34.81
C TYR A 435 -19.50 -24.93 35.73
N ARG A 436 -20.51 -24.99 36.60
CA ARG A 436 -20.65 -26.12 37.51
C ARG A 436 -21.57 -27.18 36.94
N ALA A 437 -21.23 -28.43 37.15
CA ALA A 437 -22.04 -29.55 36.67
C ALA A 437 -23.15 -29.86 37.67
N ARG A 438 -24.31 -30.28 37.16
CA ARG A 438 -25.44 -30.60 38.00
C ARG A 438 -25.55 -32.10 38.18
N PRO A 439 -26.02 -32.54 39.36
CA PRO A 439 -26.21 -33.97 39.63
C PRO A 439 -27.21 -34.60 38.65
N VAL A 440 -26.94 -35.82 38.21
CA VAL A 440 -27.78 -36.51 37.24
C VAL A 440 -28.69 -37.54 37.92
N ILE A 441 -29.99 -37.42 37.65
CA ILE A 441 -30.98 -38.34 38.20
C ILE A 441 -31.41 -39.37 37.16
N THR A 442 -31.15 -40.65 37.45
CA THR A 442 -31.61 -41.72 36.57
C THR A 442 -32.88 -42.33 37.14
N VAL A 443 -33.99 -42.19 36.42
CA VAL A 443 -35.28 -42.64 36.92
C VAL A 443 -35.90 -43.72 36.03
N ASN A 444 -36.21 -44.86 36.64
CA ASN A 444 -36.86 -45.97 35.94
C ASN A 444 -38.35 -46.04 36.23
N ALA A 445 -39.15 -45.40 35.38
CA ALA A 445 -40.60 -45.40 35.55
C ALA A 445 -41.23 -46.69 35.02
N GLY A 446 -42.37 -47.05 35.59
CA GLY A 446 -43.08 -48.25 35.18
C GLY A 446 -44.58 -48.02 35.13
N LEU A 447 -45.26 -48.69 34.20
CA LEU A 447 -46.70 -48.55 34.06
C LEU A 447 -47.35 -49.87 33.65
N GLU A 448 -48.27 -50.36 34.47
CA GLU A 448 -48.96 -51.61 34.18
C GLU A 448 -50.47 -51.43 34.10
N VAL A 449 -51.06 -51.89 33.01
CA VAL A 449 -52.51 -51.85 32.82
C VAL A 449 -53.05 -53.27 32.65
N TYR A 450 -53.72 -53.78 33.68
CA TYR A 450 -54.24 -55.14 33.64
C TYR A 450 -55.71 -55.21 34.05
N PRO A 451 -56.52 -55.91 33.23
CA PRO A 451 -56.10 -56.53 31.98
C PRO A 451 -56.07 -55.53 30.82
N SER A 452 -55.29 -55.84 29.78
CA SER A 452 -55.17 -54.94 28.63
C SER A 452 -56.27 -55.22 27.60
N ILE A 453 -56.78 -56.45 27.61
CA ILE A 453 -57.88 -56.82 26.74
C ILE A 453 -59.21 -56.62 27.47
N LEU A 454 -59.79 -55.44 27.30
CA LEU A 454 -61.00 -55.05 28.03
C LEU A 454 -62.26 -55.66 27.44
N ASN A 455 -63.02 -56.37 28.28
CA ASN A 455 -64.32 -56.87 27.89
C ASN A 455 -65.39 -55.84 28.22
N GLN A 456 -66.12 -55.38 27.21
CA GLN A 456 -67.09 -54.32 27.37
C GLN A 456 -68.37 -54.80 28.07
N ASP A 457 -68.54 -56.11 28.15
CA ASP A 457 -69.70 -56.71 28.80
C ASP A 457 -69.33 -57.39 30.12
N ASN A 458 -68.15 -57.04 30.61
CA ASN A 458 -67.66 -57.54 31.89
C ASN A 458 -68.44 -56.96 33.06
N LYS A 459 -68.41 -55.64 33.20
CA LYS A 459 -69.21 -54.92 34.21
C LYS A 459 -68.96 -55.39 35.64
N THR A 460 -67.70 -55.52 36.04
CA THR A 460 -67.37 -55.99 37.38
C THR A 460 -67.44 -54.90 38.44
N CYS A 461 -66.60 -53.89 38.30
CA CYS A 461 -66.52 -52.81 39.30
C CYS A 461 -67.82 -52.03 39.41
N SER A 462 -68.27 -51.84 40.64
CA SER A 462 -69.47 -51.05 40.89
C SER A 462 -69.13 -49.56 40.83
N LEU A 463 -70.08 -48.75 40.36
CA LEU A 463 -69.88 -47.32 40.23
C LEU A 463 -70.74 -46.56 41.22
N PRO A 464 -70.10 -45.79 42.12
CA PRO A 464 -70.81 -45.01 43.14
C PRO A 464 -71.74 -43.96 42.53
N GLY A 465 -72.94 -43.86 43.09
CA GLY A 465 -73.92 -42.90 42.60
C GLY A 465 -75.09 -43.57 41.90
N THR A 466 -74.80 -44.56 41.07
CA THR A 466 -75.83 -45.27 40.32
C THR A 466 -75.75 -46.77 40.58
N ALA A 467 -76.83 -47.48 40.25
CA ALA A 467 -76.88 -48.93 40.44
C ALA A 467 -76.29 -49.65 39.23
N LEU A 468 -76.01 -48.89 38.17
CA LEU A 468 -75.43 -49.45 36.97
C LEU A 468 -73.94 -49.70 37.16
N LYS A 469 -73.51 -50.93 36.92
CA LYS A 469 -72.11 -51.28 37.00
C LYS A 469 -71.42 -51.08 35.66
N VAL A 470 -70.10 -50.93 35.68
CA VAL A 470 -69.34 -50.66 34.47
C VAL A 470 -68.13 -51.59 34.33
N SER A 471 -67.69 -51.76 33.08
CA SER A 471 -66.49 -52.54 32.82
C SER A 471 -65.27 -51.75 33.25
N CYS A 472 -64.44 -52.35 34.10
CA CYS A 472 -63.30 -51.64 34.66
C CYS A 472 -62.00 -52.42 34.57
N PHE A 473 -60.91 -51.75 34.93
CA PHE A 473 -59.58 -52.36 34.91
C PHE A 473 -58.66 -51.61 35.87
N ASN A 474 -57.41 -52.07 35.99
CA ASN A 474 -56.46 -51.45 36.90
C ASN A 474 -55.35 -50.69 36.19
N VAL A 475 -55.00 -49.55 36.74
CA VAL A 475 -53.85 -48.78 36.27
C VAL A 475 -52.82 -48.72 37.39
N ARG A 476 -51.60 -49.15 37.09
CA ARG A 476 -50.57 -49.27 38.12
C ARG A 476 -49.24 -48.69 37.65
N PHE A 477 -48.79 -47.65 38.34
CA PHE A 477 -47.52 -47.01 37.99
C PHE A 477 -46.56 -46.94 39.17
N CYS A 478 -45.28 -47.21 38.89
CA CYS A 478 -44.24 -47.21 39.90
C CYS A 478 -43.08 -46.31 39.51
N LEU A 479 -42.50 -45.62 40.50
CA LEU A 479 -41.37 -44.74 40.27
C LEU A 479 -40.15 -45.14 41.09
N LYS A 480 -39.00 -45.20 40.43
CA LYS A 480 -37.74 -45.47 41.11
C LYS A 480 -36.68 -44.54 40.55
N ALA A 481 -35.89 -43.95 41.44
CA ALA A 481 -34.84 -43.03 41.02
C ALA A 481 -33.58 -43.24 41.88
N ASP A 482 -32.43 -42.98 41.27
CA ASP A 482 -31.16 -43.12 41.96
C ASP A 482 -30.09 -42.35 41.19
N GLY A 483 -29.16 -41.74 41.91
CA GLY A 483 -28.12 -40.97 41.28
C GLY A 483 -26.79 -41.15 41.97
N LYS A 484 -25.76 -40.50 41.43
CA LYS A 484 -24.42 -40.60 41.97
C LYS A 484 -23.91 -39.24 42.44
N GLY A 485 -23.03 -39.24 43.42
CA GLY A 485 -22.48 -38.00 43.94
C GLY A 485 -23.28 -37.46 45.11
N VAL A 486 -23.25 -36.14 45.28
CA VAL A 486 -23.95 -35.50 46.40
C VAL A 486 -25.34 -35.03 45.96
N LEU A 487 -26.37 -35.68 46.48
CA LEU A 487 -27.74 -35.36 46.10
C LEU A 487 -28.71 -35.87 47.17
N PRO A 488 -29.85 -35.19 47.34
CA PRO A 488 -30.83 -35.53 48.38
C PRO A 488 -31.33 -36.98 48.32
N ARG A 489 -31.52 -37.57 49.49
CA ARG A 489 -32.02 -38.94 49.61
C ARG A 489 -33.53 -38.99 49.43
N LYS A 490 -34.17 -37.83 49.52
CA LYS A 490 -35.61 -37.74 49.30
C LYS A 490 -35.88 -36.89 48.06
N LEU A 491 -36.65 -37.46 47.13
CA LEU A 491 -36.97 -36.77 45.88
C LEU A 491 -38.48 -36.69 45.67
N ASN A 492 -38.97 -35.49 45.40
CA ASN A 492 -40.39 -35.31 45.15
C ASN A 492 -40.71 -35.25 43.66
N PHE A 493 -41.61 -36.11 43.22
CA PHE A 493 -42.03 -36.14 41.84
C PHE A 493 -43.52 -35.81 41.74
N GLN A 494 -43.93 -35.28 40.60
CA GLN A 494 -45.33 -34.98 40.36
C GLN A 494 -45.86 -35.83 39.22
N VAL A 495 -46.53 -36.91 39.55
CA VAL A 495 -46.99 -37.87 38.55
C VAL A 495 -48.37 -37.50 38.01
N GLU A 496 -48.49 -37.46 36.68
CA GLU A 496 -49.74 -37.14 36.01
C GLU A 496 -50.13 -38.26 35.04
N LEU A 497 -51.40 -38.63 35.05
CA LEU A 497 -51.90 -39.71 34.19
C LEU A 497 -53.01 -39.26 33.25
N LEU A 498 -52.97 -39.74 32.01
CA LEU A 498 -54.00 -39.43 31.03
C LEU A 498 -54.46 -40.69 30.30
N LEU A 499 -55.72 -41.06 30.49
CA LEU A 499 -56.31 -42.22 29.83
C LEU A 499 -56.83 -41.84 28.45
N ASP A 500 -56.64 -42.74 27.48
CA ASP A 500 -57.05 -42.51 26.09
C ASP A 500 -56.42 -41.23 25.56
N LYS A 501 -55.09 -41.17 25.66
CA LYS A 501 -54.32 -39.99 25.31
C LYS A 501 -54.50 -39.55 23.86
N LEU A 502 -54.49 -40.52 22.95
CA LEU A 502 -54.58 -40.25 21.52
C LEU A 502 -55.94 -39.69 21.07
N LYS A 503 -57.01 -40.23 21.64
CA LYS A 503 -58.36 -39.75 21.32
C LYS A 503 -58.78 -38.59 22.21
N ALA A 507 -62.60 -34.79 20.85
CA ALA A 507 -62.87 -36.20 20.64
C ALA A 507 -63.40 -36.86 21.91
N ILE A 508 -64.17 -37.92 21.74
CA ILE A 508 -64.80 -38.62 22.87
C ILE A 508 -63.77 -39.44 23.66
N ARG A 509 -63.72 -39.21 24.97
CA ARG A 509 -62.83 -39.97 25.84
C ARG A 509 -63.57 -41.22 26.32
N ARG A 510 -63.04 -42.38 25.98
CA ARG A 510 -63.75 -43.63 26.21
C ARG A 510 -63.48 -44.26 27.58
N ALA A 511 -62.39 -43.87 28.23
CA ALA A 511 -62.04 -44.44 29.52
C ALA A 511 -61.62 -43.37 30.52
N LEU A 512 -62.08 -43.50 31.76
CA LEU A 512 -61.69 -42.59 32.82
C LEU A 512 -61.75 -43.27 34.19
N PHE A 513 -61.07 -42.66 35.17
CA PHE A 513 -60.91 -43.26 36.50
C PHE A 513 -62.22 -43.35 37.29
N LEU A 514 -62.20 -44.17 38.34
CA LEU A 514 -63.41 -44.50 39.09
C LEU A 514 -63.77 -43.49 40.17
N TYR A 515 -62.78 -43.03 40.93
CA TYR A 515 -63.06 -42.19 42.09
C TYR A 515 -63.44 -40.76 41.68
N SER A 516 -62.83 -40.27 40.61
CA SER A 516 -63.03 -38.90 40.17
C SER A 516 -63.90 -38.78 38.92
N ARG A 517 -64.10 -39.90 38.23
CA ARG A 517 -64.82 -39.91 36.96
C ARG A 517 -64.17 -38.95 35.95
N SER A 518 -62.84 -38.84 36.04
CA SER A 518 -62.08 -37.96 35.15
C SER A 518 -60.91 -38.71 34.52
N PRO A 519 -60.65 -38.45 33.23
CA PRO A 519 -59.57 -39.10 32.47
C PRO A 519 -58.18 -38.79 33.03
N SER A 520 -58.07 -37.71 33.80
CA SER A 520 -56.79 -37.29 34.36
C SER A 520 -56.68 -37.65 35.84
N HIS A 521 -55.45 -37.71 36.32
CA HIS A 521 -55.20 -37.98 37.73
C HIS A 521 -53.83 -37.45 38.16
N SER A 522 -53.84 -36.49 39.08
CA SER A 522 -52.60 -35.94 39.62
C SER A 522 -52.25 -36.59 40.95
N LYS A 523 -50.97 -36.90 41.15
CA LYS A 523 -50.53 -37.47 42.42
C LYS A 523 -49.07 -37.14 42.72
N ASN A 524 -48.86 -36.42 43.82
CA ASN A 524 -47.51 -36.16 44.30
C ASN A 524 -46.89 -37.41 44.90
N MET A 525 -45.62 -37.64 44.59
CA MET A 525 -44.94 -38.85 45.00
C MET A 525 -43.53 -38.57 45.52
N THR A 526 -43.30 -38.87 46.80
CA THR A 526 -41.97 -38.69 47.39
C THR A 526 -41.23 -40.02 47.44
N ILE A 527 -40.37 -40.27 46.46
CA ILE A 527 -39.63 -41.51 46.41
C ILE A 527 -38.23 -41.35 46.98
N SER A 528 -37.63 -42.46 47.43
CA SER A 528 -36.32 -42.40 48.05
C SER A 528 -35.24 -42.91 47.10
N ARG A 529 -34.05 -42.37 47.25
CA ARG A 529 -32.91 -42.68 46.39
C ARG A 529 -32.37 -44.08 46.65
N GLY A 530 -32.25 -44.87 45.59
CA GLY A 530 -31.70 -46.20 45.67
C GLY A 530 -32.62 -47.27 46.23
N GLY A 531 -33.79 -46.86 46.72
CA GLY A 531 -34.75 -47.80 47.25
C GLY A 531 -35.57 -48.48 46.16
N LEU A 532 -36.33 -49.49 46.55
CA LEU A 532 -37.20 -50.19 45.60
C LEU A 532 -38.33 -49.27 45.17
N MET A 533 -38.76 -49.40 43.92
CA MET A 533 -39.82 -48.53 43.39
C MET A 533 -41.10 -48.62 44.21
N GLN A 534 -41.48 -47.50 44.80
CA GLN A 534 -42.76 -47.43 45.49
C GLN A 534 -43.83 -47.30 44.42
N CYS A 535 -44.98 -47.93 44.67
CA CYS A 535 -45.99 -48.06 43.64
C CYS A 535 -47.39 -47.74 44.15
N GLU A 536 -48.13 -47.00 43.34
CA GLU A 536 -49.51 -46.63 43.65
C GLU A 536 -50.44 -47.12 42.55
N GLU A 537 -51.48 -47.83 42.96
CA GLU A 537 -52.43 -48.44 42.04
C GLU A 537 -53.77 -47.72 42.08
N LEU A 538 -54.47 -47.68 40.95
CA LEU A 538 -55.76 -47.02 40.88
C LEU A 538 -56.69 -47.72 39.89
N ILE A 539 -57.99 -47.61 40.14
CA ILE A 539 -58.98 -48.30 39.31
C ILE A 539 -59.58 -47.36 38.27
N ALA A 540 -59.54 -47.78 37.01
CA ALA A 540 -60.15 -47.02 35.93
C ALA A 540 -61.19 -47.88 35.23
N TYR A 541 -62.30 -47.26 34.82
CA TYR A 541 -63.36 -48.01 34.17
C TYR A 541 -63.66 -47.51 32.78
N LEU A 542 -64.20 -48.42 31.96
CA LEU A 542 -64.56 -48.11 30.58
C LEU A 542 -65.97 -47.52 30.53
N ARG A 543 -66.19 -46.58 29.63
CA ARG A 543 -67.51 -45.97 29.51
C ARG A 543 -68.53 -46.93 28.90
N ASP A 544 -69.80 -46.54 28.97
CA ASP A 544 -70.88 -47.36 28.43
C ASP A 544 -70.79 -47.43 26.91
N GLU A 545 -71.32 -48.51 26.34
CA GLU A 545 -71.25 -48.72 24.89
C GLU A 545 -72.01 -47.64 24.13
N SER A 546 -73.06 -47.10 24.73
CA SER A 546 -73.91 -46.12 24.06
C SER A 546 -73.31 -44.71 24.09
N GLU A 547 -72.16 -44.57 24.76
CA GLU A 547 -71.54 -43.26 24.91
C GLU A 547 -70.45 -43.01 23.86
N PHE A 548 -70.08 -44.05 23.13
CA PHE A 548 -69.12 -43.93 22.04
C PHE A 548 -69.25 -45.09 21.07
N ARG A 549 -68.87 -44.87 19.82
CA ARG A 549 -68.98 -45.92 18.81
C ARG A 549 -67.59 -46.32 18.30
N ASP A 550 -66.57 -45.67 18.85
CA ASP A 550 -65.18 -45.94 18.46
C ASP A 550 -64.64 -47.13 19.24
N LYS A 551 -64.74 -48.32 18.65
CA LYS A 551 -64.27 -49.54 19.29
C LYS A 551 -62.96 -50.02 18.68
N LEU A 552 -62.49 -49.32 17.66
CA LEU A 552 -61.30 -49.75 16.92
C LEU A 552 -60.01 -49.19 17.49
N THR A 553 -59.99 -47.89 17.75
CA THR A 553 -58.79 -47.22 18.26
C THR A 553 -58.43 -47.70 19.67
N PRO A 554 -57.19 -48.16 19.85
CA PRO A 554 -56.71 -48.62 21.15
C PRO A 554 -56.66 -47.50 22.18
N ILE A 555 -57.00 -47.80 23.42
CA ILE A 555 -56.99 -46.81 24.49
C ILE A 555 -55.62 -46.71 25.13
N THR A 556 -54.91 -45.62 24.83
CA THR A 556 -53.54 -45.44 25.31
C THR A 556 -53.52 -44.81 26.70
N ILE A 557 -52.91 -45.51 27.65
CA ILE A 557 -52.73 -44.98 28.99
C ILE A 557 -51.38 -44.28 29.09
N PHE A 558 -51.41 -42.99 29.36
CA PHE A 558 -50.21 -42.16 29.37
C PHE A 558 -49.86 -41.68 30.77
N MET A 559 -48.59 -41.78 31.14
CA MET A 559 -48.12 -41.26 32.41
C MET A 559 -46.96 -40.29 32.21
N GLU A 560 -46.89 -39.27 33.04
CA GLU A 560 -45.84 -38.27 32.96
C GLU A 560 -45.37 -37.84 34.34
N TYR A 561 -44.07 -37.66 34.50
CA TYR A 561 -43.52 -37.26 35.80
C TYR A 561 -42.46 -36.17 35.63
N ARG A 562 -42.39 -35.28 36.61
CA ARG A 562 -41.38 -34.24 36.62
C ARG A 562 -40.86 -34.01 38.03
N LEU A 563 -39.55 -33.82 38.15
CA LEU A 563 -38.91 -33.62 39.45
C LEU A 563 -39.10 -32.21 39.97
N ASP A 564 -39.26 -32.08 41.29
CA ASP A 564 -39.34 -30.77 41.91
C ASP A 564 -37.93 -30.23 42.15
N TYR A 565 -37.45 -29.44 41.21
CA TYR A 565 -36.08 -28.94 41.24
C TYR A 565 -35.85 -27.93 42.35
N ARG A 566 -36.89 -27.16 42.70
CA ARG A 566 -36.78 -26.13 43.72
C ARG A 566 -36.45 -26.70 45.10
N THR A 567 -37.19 -27.71 45.52
CA THR A 567 -37.00 -28.28 46.86
C THR A 567 -35.88 -29.30 46.93
N ALA A 568 -35.47 -29.80 45.76
CA ALA A 568 -34.40 -30.79 45.70
C ALA A 568 -33.08 -30.17 45.29
N ALA A 569 -32.96 -28.86 45.51
CA ALA A 569 -31.78 -28.12 45.08
C ALA A 569 -30.68 -28.13 46.15
N ASP A 570 -29.46 -27.82 45.72
CA ASP A 570 -28.32 -27.74 46.62
C ASP A 570 -28.46 -26.54 47.54
N THR A 571 -27.57 -26.44 48.53
CA THR A 571 -27.57 -25.31 49.46
C THR A 571 -27.26 -24.00 48.75
N THR A 572 -26.46 -24.07 47.69
CA THR A 572 -26.11 -22.88 46.91
C THR A 572 -27.20 -22.56 45.90
N GLY A 573 -28.03 -23.56 45.60
CA GLY A 573 -29.11 -23.41 44.65
C GLY A 573 -28.87 -24.21 43.38
N LEU A 574 -27.89 -25.09 43.42
CA LEU A 574 -27.55 -25.93 42.27
C LEU A 574 -28.55 -27.07 42.12
N GLN A 575 -29.50 -26.90 41.20
CA GLN A 575 -30.54 -27.90 40.98
C GLN A 575 -30.04 -29.08 40.16
N PRO A 576 -30.39 -30.30 40.58
CA PRO A 576 -30.04 -31.52 39.84
C PRO A 576 -30.75 -31.58 38.49
N ILE A 577 -30.47 -32.62 37.71
CA ILE A 577 -31.08 -32.74 36.39
C ILE A 577 -31.38 -34.20 36.07
N LEU A 578 -32.46 -34.43 35.35
CA LEU A 578 -32.81 -35.78 34.92
C LEU A 578 -31.93 -36.16 33.74
N ASN A 579 -31.69 -37.46 33.57
CA ASN A 579 -30.82 -37.94 32.50
C ASN A 579 -31.38 -37.63 31.12
N GLN A 580 -30.49 -37.59 30.12
CA GLN A 580 -30.86 -37.20 28.76
C GLN A 580 -31.75 -38.22 28.04
N PHE A 581 -31.22 -39.43 27.83
CA PHE A 581 -31.89 -40.41 26.98
C PHE A 581 -33.14 -41.01 27.64
N THR A 582 -33.14 -41.06 28.98
CA THR A 582 -34.29 -41.58 29.72
C THR A 582 -35.51 -40.68 29.56
N PRO A 583 -36.57 -41.19 28.92
CA PRO A 583 -37.80 -40.43 28.69
C PRO A 583 -38.50 -40.06 29.99
N ALA A 584 -39.10 -38.87 30.04
CA ALA A 584 -39.80 -38.41 31.23
C ALA A 584 -41.25 -38.90 31.24
N ASN A 585 -41.60 -39.69 30.23
CA ASN A 585 -42.96 -40.17 30.05
C ASN A 585 -43.04 -41.47 29.25
N ILE A 586 -43.83 -42.42 29.75
CA ILE A 586 -44.07 -43.69 29.05
C ILE A 586 -45.57 -43.95 28.91
N SER A 587 -45.94 -44.83 27.99
CA SER A 587 -47.35 -45.10 27.72
C SER A 587 -47.65 -46.56 27.36
N ARG A 588 -48.73 -47.07 27.91
CA ARG A 588 -49.25 -48.39 27.56
C ARG A 588 -50.58 -48.23 26.85
N GLN A 589 -51.16 -49.34 26.38
CA GLN A 589 -52.45 -49.27 25.70
C GLN A 589 -53.34 -50.47 26.01
N ALA A 590 -54.61 -50.36 25.63
CA ALA A 590 -55.59 -51.41 25.86
C ALA A 590 -56.43 -51.62 24.60
N HIS A 591 -57.03 -52.81 24.48
CA HIS A 591 -57.82 -53.14 23.29
C HIS A 591 -59.27 -53.53 23.61
N ILE A 592 -60.07 -53.63 22.55
CA ILE A 592 -61.46 -54.04 22.65
C ILE A 592 -61.70 -55.22 21.70
N LEU A 593 -62.39 -56.25 22.19
CA LEU A 593 -62.60 -57.46 21.41
C LEU A 593 -63.47 -57.24 20.18
N LEU A 594 -64.45 -56.35 20.31
CA LEU A 594 -65.37 -56.01 19.21
C LEU A 594 -66.09 -57.25 18.67
N GLY B 22 -48.25 -43.16 -0.31
CA GLY B 22 -48.62 -43.19 1.09
C GLY B 22 -49.30 -41.91 1.54
N CYS B 23 -50.20 -41.40 0.70
CA CYS B 23 -50.92 -40.18 1.02
C CYS B 23 -52.20 -40.49 1.79
N ALA B 24 -52.62 -41.75 1.73
CA ALA B 24 -53.84 -42.19 2.40
C ALA B 24 -53.69 -42.27 3.93
N LEU B 25 -52.45 -42.30 4.39
CA LEU B 25 -52.18 -42.47 5.82
C LEU B 25 -51.89 -41.14 6.52
N GLY B 26 -51.43 -40.15 5.76
CA GLY B 26 -51.09 -38.86 6.32
C GLY B 26 -52.30 -38.01 6.64
N GLY B 27 -52.93 -37.49 5.59
CA GLY B 27 -54.09 -36.63 5.75
C GLY B 27 -55.31 -37.35 6.29
N THR B 30 -56.42 -32.40 7.49
CA THR B 30 -55.95 -31.06 7.18
C THR B 30 -55.39 -30.98 5.76
N CYS B 31 -55.86 -30.01 4.99
CA CYS B 31 -55.39 -29.84 3.62
C CYS B 31 -53.93 -29.42 3.57
N GLU B 32 -53.52 -28.55 4.50
CA GLU B 32 -52.16 -28.05 4.53
C GLU B 32 -51.17 -29.14 4.92
N ASP B 33 -51.57 -30.01 5.84
CA ASP B 33 -50.70 -31.10 6.29
C ASP B 33 -50.70 -32.25 5.28
N CYS B 34 -51.73 -32.29 4.43
CA CYS B 34 -51.84 -33.32 3.41
C CYS B 34 -50.79 -33.15 2.32
N LEU B 35 -50.38 -31.90 2.09
CA LEU B 35 -49.41 -31.60 1.05
C LEU B 35 -47.97 -31.67 1.59
N LEU B 36 -47.84 -31.72 2.91
CA LEU B 36 -46.54 -31.71 3.55
C LEU B 36 -45.94 -33.12 3.61
N ILE B 37 -46.82 -34.12 3.68
CA ILE B 37 -46.38 -35.51 3.81
C ILE B 37 -45.73 -36.04 2.53
N GLY B 38 -45.92 -35.33 1.43
CA GLY B 38 -45.34 -35.73 0.16
C GLY B 38 -45.64 -34.77 -0.98
N PRO B 39 -44.66 -34.59 -1.88
CA PRO B 39 -44.79 -33.71 -3.05
C PRO B 39 -45.79 -34.25 -4.08
N GLN B 40 -46.03 -35.56 -4.04
CA GLN B 40 -46.94 -36.20 -4.97
C GLN B 40 -48.36 -36.27 -4.43
N CYS B 41 -48.54 -35.80 -3.19
CA CYS B 41 -49.85 -35.85 -2.54
C CYS B 41 -50.71 -34.66 -2.93
N ALA B 42 -52.02 -34.80 -2.76
CA ALA B 42 -52.97 -33.75 -3.10
C ALA B 42 -54.21 -33.82 -2.22
N TRP B 43 -54.92 -32.70 -2.11
CA TRP B 43 -56.14 -32.66 -1.32
C TRP B 43 -57.36 -32.33 -2.17
N CYS B 44 -58.46 -33.03 -1.91
CA CYS B 44 -59.71 -32.80 -2.62
C CYS B 44 -60.68 -32.00 -1.77
N ALA B 45 -60.81 -30.72 -2.07
CA ALA B 45 -61.70 -29.84 -1.31
C ALA B 45 -63.16 -30.13 -1.64
N ARG B 58 -60.30 -36.26 0.89
CA ARG B 58 -59.28 -37.04 1.56
C ARG B 58 -57.95 -36.92 0.81
N CYS B 59 -56.85 -36.85 1.57
CA CYS B 59 -55.52 -36.69 0.99
C CYS B 59 -55.10 -37.88 0.15
N ASP B 60 -55.05 -37.67 -1.17
CA ASP B 60 -54.65 -38.72 -2.10
C ASP B 60 -54.00 -38.10 -3.33
N THR B 61 -53.34 -38.92 -4.14
CA THR B 61 -52.69 -38.45 -5.36
C THR B 61 -53.73 -37.92 -6.34
N PRO B 62 -53.37 -36.87 -7.11
CA PRO B 62 -54.29 -36.24 -8.07
C PRO B 62 -54.85 -37.20 -9.10
N ALA B 63 -54.14 -38.30 -9.36
CA ALA B 63 -54.61 -39.32 -10.29
C ALA B 63 -55.71 -40.16 -9.65
N ASN B 64 -55.53 -40.49 -8.38
CA ASN B 64 -56.51 -41.29 -7.64
C ASN B 64 -57.71 -40.47 -7.20
N LEU B 65 -57.55 -39.15 -7.15
CA LEU B 65 -58.64 -38.26 -6.78
C LEU B 65 -59.69 -38.22 -7.88
N LEU B 66 -59.26 -38.42 -9.13
CA LEU B 66 -60.18 -38.44 -10.25
C LEU B 66 -61.06 -39.69 -10.23
N ALA B 67 -60.51 -40.78 -9.71
CA ALA B 67 -61.27 -42.02 -9.56
C ALA B 67 -62.29 -41.89 -8.44
N LYS B 68 -61.95 -41.08 -7.44
CA LYS B 68 -62.85 -40.79 -6.33
C LYS B 68 -64.05 -40.00 -6.84
N GLY B 69 -63.83 -39.19 -7.87
CA GLY B 69 -64.88 -38.37 -8.45
C GLY B 69 -64.62 -36.90 -8.21
N CYS B 70 -63.41 -36.60 -7.74
CA CYS B 70 -63.05 -35.21 -7.44
C CYS B 70 -62.71 -34.46 -8.71
N GLN B 71 -63.33 -33.30 -8.88
CA GLN B 71 -63.13 -32.47 -10.07
C GLN B 71 -61.78 -31.74 -10.04
N LEU B 72 -61.34 -31.29 -11.21
CA LEU B 72 -60.04 -30.64 -11.35
C LEU B 72 -59.98 -29.32 -10.57
N ASN B 73 -61.09 -28.60 -10.52
CA ASN B 73 -61.14 -27.35 -9.78
C ASN B 73 -61.18 -27.59 -8.27
N PHE B 74 -61.52 -28.81 -7.89
CA PHE B 74 -61.52 -29.19 -6.48
C PHE B 74 -60.15 -29.72 -6.07
N ILE B 75 -59.44 -30.33 -7.01
CA ILE B 75 -58.10 -30.80 -6.75
C ILE B 75 -57.14 -29.60 -6.68
N GLU B 76 -56.48 -29.45 -5.54
CA GLU B 76 -55.56 -28.33 -5.36
C GLU B 76 -54.13 -28.82 -5.27
N ASN B 77 -53.32 -28.42 -6.23
CA ASN B 77 -51.91 -28.81 -6.29
C ASN B 77 -50.98 -27.65 -6.56
N PRO B 78 -50.33 -27.15 -5.50
CA PRO B 78 -49.33 -26.08 -5.68
C PRO B 78 -48.06 -26.64 -6.30
N VAL B 79 -48.17 -27.10 -7.54
CA VAL B 79 -47.06 -27.70 -8.26
C VAL B 79 -45.95 -26.68 -8.48
N SER B 80 -44.70 -27.12 -8.34
CA SER B 80 -43.55 -26.26 -8.55
C SER B 80 -43.55 -25.72 -9.98
N GLN B 81 -43.19 -24.46 -10.14
CA GLN B 81 -43.21 -23.83 -11.44
C GLN B 81 -42.24 -22.65 -11.53
N VAL B 82 -41.86 -22.31 -12.75
CA VAL B 82 -40.96 -21.19 -13.00
C VAL B 82 -41.67 -20.07 -13.73
N GLU B 83 -41.28 -18.83 -13.44
CA GLU B 83 -41.85 -17.67 -14.11
C GLU B 83 -40.74 -16.76 -14.61
N ILE B 84 -40.53 -16.77 -15.91
CA ILE B 84 -39.50 -15.94 -16.52
C ILE B 84 -39.84 -14.46 -16.44
N LEU B 85 -38.89 -13.66 -15.97
CA LEU B 85 -39.08 -12.22 -15.86
C LEU B 85 -38.18 -11.49 -16.86
N LYS B 86 -36.89 -11.78 -16.81
CA LYS B 86 -35.92 -11.16 -17.70
C LYS B 86 -35.11 -12.21 -18.45
N ASN B 87 -35.46 -12.43 -19.71
CA ASN B 87 -34.76 -13.39 -20.55
C ASN B 87 -34.22 -12.75 -21.82
N LYS B 88 -33.25 -11.85 -21.65
CA LYS B 88 -32.62 -11.18 -22.79
C LYS B 88 -31.62 -12.11 -23.47
N PRO B 89 -31.70 -12.22 -24.79
CA PRO B 89 -30.82 -13.10 -25.57
C PRO B 89 -29.34 -12.75 -25.46
N LEU B 90 -28.48 -13.74 -25.64
CA LEU B 90 -27.03 -13.56 -25.56
C LEU B 90 -26.53 -12.71 -26.72
N SER B 91 -25.89 -11.59 -26.41
CA SER B 91 -25.35 -10.69 -27.43
C SER B 91 -23.92 -11.10 -27.81
N VAL B 92 -23.73 -11.43 -29.07
CA VAL B 92 -22.43 -11.92 -29.54
C VAL B 92 -21.86 -11.04 -30.64
N GLY B 93 -20.54 -10.98 -30.73
CA GLY B 93 -19.85 -10.12 -31.66
C GLY B 93 -19.32 -8.92 -30.91
N ARG B 94 -18.47 -8.12 -31.53
CA ARG B 94 -17.95 -6.92 -30.87
C ARG B 94 -19.08 -5.93 -30.66
N GLN B 95 -19.35 -5.60 -29.41
CA GLN B 95 -20.42 -4.68 -29.08
C GLN B 95 -19.84 -3.32 -28.73
N LYS B 96 -20.21 -2.30 -29.49
CA LYS B 96 -19.68 -0.96 -29.27
C LYS B 96 -20.25 -0.34 -28.01
N ASN B 97 -21.48 -0.72 -27.67
CA ASN B 97 -22.12 -0.24 -26.45
C ASN B 97 -21.88 -1.21 -25.31
N SER B 98 -21.29 -0.71 -24.23
CA SER B 98 -20.92 -1.55 -23.09
C SER B 98 -22.14 -2.06 -22.32
N SER B 99 -23.22 -1.30 -22.35
CA SER B 99 -24.42 -1.65 -21.60
C SER B 99 -25.36 -2.53 -22.42
N ASP B 100 -24.84 -3.05 -23.54
CA ASP B 100 -25.64 -3.87 -24.42
C ASP B 100 -25.08 -5.29 -24.51
N ILE B 101 -24.15 -5.60 -23.60
CA ILE B 101 -23.54 -6.92 -23.56
C ILE B 101 -24.29 -7.85 -22.60
N VAL B 102 -24.73 -8.99 -23.13
CA VAL B 102 -25.40 -10.01 -22.33
C VAL B 102 -24.64 -11.33 -22.42
N GLN B 103 -24.16 -11.81 -21.28
CA GLN B 103 -23.34 -13.03 -21.26
C GLN B 103 -24.04 -14.18 -20.55
N ILE B 104 -25.23 -13.93 -20.02
CA ILE B 104 -25.99 -14.98 -19.33
C ILE B 104 -27.48 -14.88 -19.64
N ALA B 105 -28.12 -16.03 -19.80
CA ALA B 105 -29.56 -16.08 -20.08
C ALA B 105 -30.19 -17.28 -19.38
N PRO B 106 -31.31 -17.04 -18.66
CA PRO B 106 -31.96 -15.74 -18.47
C PRO B 106 -31.28 -14.91 -17.38
N GLN B 107 -31.96 -13.85 -16.92
CA GLN B 107 -31.38 -12.96 -15.93
C GLN B 107 -32.19 -12.91 -14.63
N SER B 108 -33.51 -12.91 -14.75
CA SER B 108 -34.37 -12.88 -13.57
C SER B 108 -35.42 -13.98 -13.63
N LEU B 109 -35.51 -14.75 -12.55
CA LEU B 109 -36.43 -15.89 -12.48
C LEU B 109 -37.08 -16.00 -11.11
N ILE B 110 -38.40 -15.95 -11.07
CA ILE B 110 -39.11 -16.23 -9.82
C ILE B 110 -39.46 -17.72 -9.80
N LEU B 111 -38.88 -18.42 -8.83
CA LEU B 111 -39.03 -19.86 -8.75
C LEU B 111 -39.90 -20.28 -7.59
N LYS B 112 -41.09 -20.77 -7.89
CA LYS B 112 -41.99 -21.30 -6.88
C LYS B 112 -41.77 -22.80 -6.77
N LEU B 113 -41.45 -23.27 -5.57
CA LEU B 113 -41.09 -24.67 -5.39
C LEU B 113 -41.93 -25.33 -4.30
N ARG B 114 -42.29 -26.58 -4.55
CA ARG B 114 -43.08 -27.36 -3.60
C ARG B 114 -42.12 -28.13 -2.70
N PRO B 115 -42.39 -28.15 -1.39
CA PRO B 115 -41.53 -28.85 -0.43
C PRO B 115 -41.33 -30.32 -0.79
N GLY B 116 -40.17 -30.65 -1.32
CA GLY B 116 -39.87 -32.01 -1.75
C GLY B 116 -39.77 -32.09 -3.26
N GLY B 117 -40.61 -31.34 -3.95
CA GLY B 117 -40.60 -31.30 -5.40
C GLY B 117 -39.36 -30.60 -5.93
N ALA B 118 -38.97 -30.92 -7.16
CA ALA B 118 -37.77 -30.35 -7.74
C ALA B 118 -38.07 -29.60 -9.03
N GLN B 119 -37.08 -28.83 -9.50
CA GLN B 119 -37.22 -28.06 -10.72
C GLN B 119 -35.85 -27.83 -11.34
N THR B 120 -35.74 -28.04 -12.65
CA THR B 120 -34.46 -27.89 -13.35
C THR B 120 -34.43 -26.61 -14.17
N LEU B 121 -33.40 -25.79 -13.96
CA LEU B 121 -33.25 -24.54 -14.67
C LEU B 121 -32.21 -24.64 -15.78
N GLN B 122 -32.52 -24.06 -16.94
CA GLN B 122 -31.59 -24.02 -18.06
C GLN B 122 -30.89 -22.67 -18.11
N VAL B 123 -29.60 -22.66 -17.77
CA VAL B 123 -28.82 -21.44 -17.78
C VAL B 123 -27.81 -21.45 -18.92
N HIS B 124 -27.83 -20.40 -19.74
CA HIS B 124 -26.94 -20.31 -20.89
C HIS B 124 -25.95 -19.15 -20.72
N VAL B 125 -24.67 -19.47 -20.84
CA VAL B 125 -23.63 -18.46 -20.67
C VAL B 125 -22.65 -18.44 -21.85
N ARG B 126 -22.22 -17.25 -22.22
CA ARG B 126 -21.30 -17.06 -23.35
C ARG B 126 -20.53 -15.76 -23.23
N GLN B 127 -19.20 -15.84 -23.37
CA GLN B 127 -18.33 -14.68 -23.25
C GLN B 127 -18.28 -13.88 -24.54
N THR B 128 -18.23 -12.56 -24.42
CA THR B 128 -18.14 -11.69 -25.58
C THR B 128 -16.72 -11.57 -26.10
N GLU B 129 -16.58 -11.10 -27.33
CA GLU B 129 -15.27 -11.01 -27.98
C GLU B 129 -14.41 -9.90 -27.38
N ASP B 130 -15.01 -8.73 -27.17
CA ASP B 130 -14.30 -7.61 -26.58
C ASP B 130 -14.85 -7.30 -25.19
N TYR B 131 -14.03 -7.54 -24.18
CA TYR B 131 -14.42 -7.30 -22.79
C TYR B 131 -13.28 -6.67 -22.01
N PRO B 132 -13.57 -5.63 -21.21
CA PRO B 132 -12.57 -4.89 -20.44
C PRO B 132 -11.77 -5.79 -19.49
N VAL B 133 -10.49 -5.47 -19.29
CA VAL B 133 -9.61 -6.30 -18.47
C VAL B 133 -8.80 -5.48 -17.45
N ASP B 134 -8.90 -5.86 -16.18
CA ASP B 134 -8.11 -5.23 -15.13
C ASP B 134 -7.00 -6.17 -14.65
N LEU B 135 -5.77 -5.67 -14.62
CA LEU B 135 -4.63 -6.46 -14.15
C LEU B 135 -3.99 -5.77 -12.96
N TYR B 136 -3.67 -6.53 -11.92
CA TYR B 136 -2.99 -5.98 -10.76
C TYR B 136 -1.74 -6.80 -10.45
N TYR B 137 -0.57 -6.25 -10.75
CA TYR B 137 0.68 -6.96 -10.56
C TYR B 137 1.14 -6.87 -9.10
N LEU B 138 0.84 -7.92 -8.34
CA LEU B 138 1.23 -8.02 -6.95
C LEU B 138 2.51 -8.83 -6.82
N MET B 139 3.61 -8.19 -6.44
CA MET B 139 4.92 -8.83 -6.48
C MET B 139 5.64 -8.92 -5.15
N ASP B 140 6.30 -10.05 -4.92
CA ASP B 140 7.18 -10.24 -3.79
C ASP B 140 8.44 -9.41 -3.97
N LEU B 141 8.80 -8.64 -2.94
CA LEU B 141 10.01 -7.82 -3.01
C LEU B 141 11.11 -8.33 -2.09
N SER B 142 11.16 -9.65 -1.89
CA SER B 142 12.26 -10.24 -1.15
C SER B 142 13.55 -10.08 -1.96
N ALA B 143 14.68 -10.11 -1.28
CA ALA B 143 15.98 -9.87 -1.92
C ALA B 143 16.26 -10.88 -3.03
N SER B 144 15.60 -12.03 -2.98
CA SER B 144 15.77 -13.06 -3.99
C SER B 144 14.99 -12.73 -5.26
N MET B 145 14.25 -11.62 -5.22
CA MET B 145 13.50 -11.15 -6.38
C MET B 145 14.19 -9.95 -7.02
N ASP B 146 15.47 -9.75 -6.67
CA ASP B 146 16.24 -8.64 -7.20
C ASP B 146 16.54 -8.82 -8.68
N ASP B 147 17.01 -10.01 -9.05
CA ASP B 147 17.29 -10.33 -10.45
C ASP B 147 16.01 -10.29 -11.28
N ASP B 148 14.89 -10.52 -10.61
CA ASP B 148 13.58 -10.41 -11.25
C ASP B 148 13.28 -8.97 -11.65
N LEU B 149 13.54 -8.05 -10.72
CA LEU B 149 13.26 -6.63 -10.93
C LEU B 149 13.96 -6.03 -12.15
N ASN B 150 15.10 -6.59 -12.52
CA ASN B 150 15.86 -6.08 -13.65
C ASN B 150 15.27 -6.48 -15.01
N THR B 151 14.27 -7.35 -14.99
CA THR B 151 13.67 -7.82 -16.23
C THR B 151 12.25 -7.28 -16.41
N ILE B 152 11.62 -6.91 -15.30
CA ILE B 152 10.24 -6.42 -15.31
C ILE B 152 10.21 -4.91 -15.58
N LYS B 153 11.40 -4.31 -15.68
CA LYS B 153 11.54 -2.85 -15.83
C LYS B 153 10.78 -2.28 -17.03
N GLU B 154 10.54 -3.12 -18.03
CA GLU B 154 9.80 -2.69 -19.21
C GLU B 154 8.71 -3.71 -19.56
N LEU B 155 7.94 -4.12 -18.56
CA LEU B 155 6.89 -5.09 -18.77
C LEU B 155 5.56 -4.41 -19.10
N GLY B 156 5.27 -3.31 -18.40
CA GLY B 156 4.01 -2.60 -18.55
C GLY B 156 3.69 -2.22 -19.97
N SER B 157 4.68 -1.65 -20.66
CA SER B 157 4.53 -1.29 -22.06
C SER B 157 4.44 -2.54 -22.94
N ARG B 158 5.26 -3.54 -22.62
CA ARG B 158 5.30 -4.78 -23.39
C ARG B 158 4.02 -5.59 -23.22
N LEU B 159 3.49 -5.60 -22.01
CA LEU B 159 2.26 -6.33 -21.71
C LEU B 159 1.04 -5.70 -22.37
N SER B 160 0.94 -4.39 -22.29
CA SER B 160 -0.19 -3.67 -22.87
C SER B 160 -0.17 -3.76 -24.39
N LYS B 161 1.03 -3.92 -24.94
CA LYS B 161 1.20 -4.08 -26.38
C LYS B 161 0.52 -5.33 -26.90
N GLU B 162 0.76 -6.45 -26.22
CA GLU B 162 0.21 -7.73 -26.64
C GLU B 162 -1.26 -7.85 -26.24
N MET B 163 -1.62 -7.29 -25.10
CA MET B 163 -2.99 -7.33 -24.61
C MET B 163 -3.91 -6.42 -25.42
N SER B 164 -3.30 -5.51 -26.18
CA SER B 164 -4.05 -4.62 -27.05
C SER B 164 -4.67 -5.39 -28.21
N LYS B 165 -4.03 -6.50 -28.56
CA LYS B 165 -4.52 -7.35 -29.64
C LYS B 165 -5.80 -8.08 -29.23
N LEU B 166 -5.93 -8.33 -27.94
CA LEU B 166 -7.03 -9.14 -27.41
C LEU B 166 -8.18 -8.30 -26.87
N THR B 167 -7.86 -7.13 -26.33
CA THR B 167 -8.89 -6.26 -25.77
C THR B 167 -8.53 -4.79 -25.94
N SER B 168 -9.55 -3.96 -26.12
CA SER B 168 -9.34 -2.52 -26.31
C SER B 168 -9.23 -1.81 -24.97
N ASN B 169 -9.89 -2.34 -23.95
CA ASN B 169 -9.89 -1.75 -22.62
C ASN B 169 -9.06 -2.55 -21.63
N PHE B 170 -7.83 -2.09 -21.38
CA PHE B 170 -6.92 -2.78 -20.48
C PHE B 170 -6.22 -1.82 -19.51
N ARG B 171 -6.45 -2.02 -18.22
CA ARG B 171 -5.83 -1.19 -17.20
C ARG B 171 -4.98 -2.05 -16.25
N LEU B 172 -3.77 -1.58 -15.95
CA LEU B 172 -2.84 -2.35 -15.12
C LEU B 172 -2.40 -1.59 -13.87
N GLY B 173 -2.31 -2.31 -12.75
CA GLY B 173 -1.86 -1.74 -11.49
C GLY B 173 -0.68 -2.46 -10.89
N PHE B 174 -0.21 -1.98 -9.73
CA PHE B 174 0.96 -2.57 -9.07
C PHE B 174 0.84 -2.56 -7.55
N GLY B 175 1.46 -3.54 -6.91
CA GLY B 175 1.49 -3.66 -5.46
C GLY B 175 2.66 -4.52 -5.02
N SER B 176 3.06 -4.37 -3.76
CA SER B 176 4.20 -5.14 -3.25
C SER B 176 3.96 -5.67 -1.84
N PHE B 177 4.60 -6.79 -1.52
CA PHE B 177 4.48 -7.41 -0.20
C PHE B 177 5.79 -8.08 0.22
N VAL B 178 5.95 -8.29 1.52
CA VAL B 178 7.04 -9.12 2.04
C VAL B 178 6.53 -10.01 3.18
N GLU B 179 6.40 -9.44 4.37
CA GLU B 179 6.04 -10.19 5.57
C GLU B 179 5.64 -9.24 6.70
N LYS B 180 4.84 -9.73 7.65
CA LYS B 180 4.56 -8.98 8.87
C LYS B 180 5.86 -8.64 9.58
N PRO B 181 6.13 -7.34 9.75
CA PRO B 181 7.37 -6.86 10.37
C PRO B 181 7.42 -7.05 11.89
N VAL B 182 7.14 -8.27 12.34
CA VAL B 182 7.14 -8.57 13.77
C VAL B 182 7.84 -9.91 14.01
N SER B 183 8.56 -10.00 15.12
CA SER B 183 9.17 -11.27 15.55
C SER B 183 8.09 -12.34 15.69
N PRO B 184 8.43 -13.60 15.37
CA PRO B 184 9.74 -14.10 14.95
C PRO B 184 9.96 -14.09 13.44
N PHE B 185 9.00 -13.55 12.69
CA PHE B 185 9.10 -13.55 11.23
C PHE B 185 10.27 -12.69 10.74
N VAL B 186 10.53 -11.60 11.46
CA VAL B 186 11.66 -10.72 11.13
C VAL B 186 12.50 -10.52 12.39
N LYS B 187 13.81 -10.39 12.22
CA LYS B 187 14.69 -10.05 13.34
C LYS B 187 14.34 -8.66 13.87
N THR B 188 14.44 -8.49 15.18
CA THR B 188 14.00 -7.27 15.83
C THR B 188 15.15 -6.48 16.47
N THR B 189 16.38 -6.80 16.09
CA THR B 189 17.53 -6.04 16.56
C THR B 189 17.60 -4.72 15.81
N PRO B 190 17.96 -3.63 16.51
CA PRO B 190 17.95 -2.27 15.95
C PRO B 190 18.72 -2.13 14.63
N GLU B 191 19.78 -2.91 14.46
CA GLU B 191 20.57 -2.85 13.24
C GLU B 191 19.92 -3.63 12.10
N GLU B 192 19.20 -4.69 12.44
CA GLU B 192 18.53 -5.51 11.44
C GLU B 192 17.17 -4.93 11.05
N ILE B 193 16.61 -4.11 11.94
CA ILE B 193 15.36 -3.43 11.65
C ILE B 193 15.61 -2.30 10.65
N ALA B 194 16.74 -1.61 10.83
CA ALA B 194 17.12 -0.53 9.92
C ALA B 194 17.51 -1.05 8.54
N ASN B 195 18.27 -2.13 8.52
CA ASN B 195 18.66 -2.77 7.27
C ASN B 195 18.66 -4.28 7.40
N PRO B 196 17.62 -4.93 6.87
CA PRO B 196 17.41 -6.38 6.99
C PRO B 196 18.38 -7.23 6.17
N CYS B 197 19.22 -6.59 5.36
CA CYS B 197 20.24 -7.32 4.61
C CYS B 197 21.63 -6.92 5.08
N SER B 198 21.71 -6.43 6.31
CA SER B 198 22.97 -5.93 6.86
C SER B 198 24.03 -7.01 7.00
N SER B 199 23.60 -8.26 7.11
CA SER B 199 24.50 -9.37 7.37
C SER B 199 25.25 -9.85 6.12
N ILE B 200 24.65 -9.66 4.94
CA ILE B 200 25.23 -10.16 3.70
C ILE B 200 26.60 -9.51 3.38
N PRO B 201 26.69 -8.17 3.33
CA PRO B 201 25.73 -7.07 3.44
C PRO B 201 25.20 -6.61 2.07
N TYR B 202 24.01 -6.02 2.07
CA TYR B 202 23.41 -5.47 0.85
C TYR B 202 22.40 -4.39 1.23
N PHE B 203 22.21 -3.42 0.36
CA PHE B 203 21.24 -2.37 0.65
C PHE B 203 19.81 -2.83 0.43
N CYS B 204 19.05 -2.94 1.51
CA CYS B 204 17.67 -3.39 1.44
C CYS B 204 16.77 -2.48 2.25
N LEU B 205 15.56 -2.24 1.76
CA LEU B 205 14.58 -1.45 2.50
C LEU B 205 14.00 -2.29 3.63
N PRO B 206 13.51 -1.64 4.69
CA PRO B 206 12.91 -2.34 5.83
C PRO B 206 11.70 -3.18 5.44
N THR B 207 11.50 -4.28 6.16
CA THR B 207 10.41 -5.22 5.86
C THR B 207 9.05 -4.56 6.04
N PHE B 208 8.18 -4.74 5.06
CA PHE B 208 6.83 -4.20 5.11
C PHE B 208 5.80 -5.26 4.74
N GLY B 209 4.59 -5.13 5.28
CA GLY B 209 3.53 -6.08 5.03
C GLY B 209 3.04 -6.02 3.60
N PHE B 210 2.40 -4.92 3.24
CA PHE B 210 1.86 -4.73 1.89
C PHE B 210 1.74 -3.25 1.57
N LYS B 211 2.16 -2.88 0.36
CA LYS B 211 2.10 -1.49 -0.07
C LYS B 211 1.42 -1.35 -1.43
N HIS B 212 0.18 -0.87 -1.40
CA HIS B 212 -0.51 -0.51 -2.63
C HIS B 212 0.17 0.71 -3.24
N ILE B 213 0.65 0.58 -4.47
CA ILE B 213 1.45 1.64 -5.06
C ILE B 213 0.75 2.34 -6.23
N LEU B 214 0.34 1.57 -7.23
CA LEU B 214 -0.31 2.14 -8.40
C LEU B 214 -1.72 1.57 -8.63
N PRO B 215 -2.74 2.42 -8.46
CA PRO B 215 -4.10 2.05 -8.86
C PRO B 215 -4.13 1.78 -10.36
N LEU B 216 -4.84 0.73 -10.78
CA LEU B 216 -4.78 0.31 -12.17
C LEU B 216 -5.32 1.37 -13.14
N THR B 217 -4.49 1.70 -14.13
CA THR B 217 -4.83 2.72 -15.11
C THR B 217 -4.39 2.28 -16.52
N ASN B 218 -4.78 3.04 -17.52
CA ASN B 218 -4.46 2.73 -18.91
C ASN B 218 -3.00 3.03 -19.25
N ASP B 219 -2.42 4.00 -18.54
CA ASP B 219 -1.05 4.45 -18.81
C ASP B 219 -0.03 3.38 -18.45
N ALA B 220 0.43 2.64 -19.47
CA ALA B 220 1.41 1.59 -19.27
C ALA B 220 2.81 2.17 -19.03
N GLU B 221 3.00 3.42 -19.42
CA GLU B 221 4.28 4.08 -19.25
C GLU B 221 4.52 4.41 -17.78
N ARG B 222 3.44 4.67 -17.06
CA ARG B 222 3.53 4.96 -15.63
C ARG B 222 3.93 3.71 -14.85
N PHE B 223 3.50 2.55 -15.36
CA PHE B 223 3.83 1.26 -14.76
C PHE B 223 5.33 1.04 -14.75
N ASN B 224 5.96 1.31 -15.89
CA ASN B 224 7.40 1.10 -16.06
C ASN B 224 8.24 1.95 -15.14
N GLU B 225 7.82 3.20 -14.94
CA GLU B 225 8.55 4.14 -14.09
C GLU B 225 8.57 3.67 -12.64
N ILE B 226 7.46 3.08 -12.22
CA ILE B 226 7.31 2.63 -10.83
C ILE B 226 8.13 1.39 -10.53
N VAL B 227 8.19 0.46 -11.48
CA VAL B 227 8.98 -0.75 -11.31
C VAL B 227 10.45 -0.42 -11.05
N LYS B 228 10.94 0.60 -11.73
CA LYS B 228 12.34 1.02 -11.56
C LYS B 228 12.59 1.66 -10.20
N ASN B 229 11.55 2.26 -9.62
CA ASN B 229 11.67 2.94 -8.34
C ASN B 229 11.66 1.98 -7.16
N GLN B 230 11.24 0.74 -7.41
CA GLN B 230 11.10 -0.26 -6.36
C GLN B 230 12.44 -0.79 -5.87
N LYS B 231 12.50 -1.16 -4.59
CA LYS B 231 13.71 -1.71 -4.00
C LYS B 231 13.43 -3.03 -3.30
N ILE B 232 14.44 -3.88 -3.21
CA ILE B 232 14.31 -5.16 -2.53
C ILE B 232 14.37 -5.00 -1.01
N SER B 233 13.57 -5.78 -0.30
CA SER B 233 13.58 -5.78 1.15
C SER B 233 14.44 -6.94 1.67
N ALA B 234 13.99 -7.56 2.76
CA ALA B 234 14.76 -8.61 3.41
C ALA B 234 14.90 -9.84 2.52
N ASN B 235 15.97 -10.60 2.75
CA ASN B 235 16.12 -11.91 2.13
C ASN B 235 15.53 -13.00 3.03
N ILE B 236 14.44 -13.59 2.60
CA ILE B 236 13.70 -14.54 3.42
C ILE B 236 13.56 -15.91 2.76
N ASP B 237 14.08 -16.94 3.41
CA ASP B 237 13.95 -18.31 2.92
C ASP B 237 12.75 -19.02 3.53
N THR B 238 12.01 -18.31 4.37
CA THR B 238 10.82 -18.85 5.00
C THR B 238 9.60 -18.34 4.22
N PRO B 239 8.44 -19.00 4.39
CA PRO B 239 7.21 -18.48 3.78
C PRO B 239 6.94 -17.01 4.11
N GLU B 240 6.27 -16.31 3.21
CA GLU B 240 6.12 -14.87 3.33
C GLU B 240 4.65 -14.45 3.46
N GLY B 241 4.42 -13.19 3.86
CA GLY B 241 3.07 -12.72 4.14
C GLY B 241 2.30 -12.24 2.93
N GLY B 242 2.31 -13.06 1.87
CA GLY B 242 1.63 -12.71 0.64
C GLY B 242 0.11 -12.70 0.73
N PHE B 243 -0.43 -13.54 1.60
CA PHE B 243 -1.88 -13.68 1.72
C PHE B 243 -2.56 -12.42 2.23
N ASP B 244 -1.85 -11.64 3.05
CA ASP B 244 -2.39 -10.38 3.55
C ASP B 244 -2.63 -9.41 2.41
N ALA B 245 -1.74 -9.43 1.42
CA ALA B 245 -1.83 -8.54 0.27
C ALA B 245 -3.02 -8.90 -0.63
N ILE B 246 -3.26 -10.19 -0.79
CA ILE B 246 -4.35 -10.66 -1.64
C ILE B 246 -5.71 -10.20 -1.12
N MET B 247 -5.90 -10.31 0.20
CA MET B 247 -7.16 -9.91 0.83
C MET B 247 -7.43 -8.42 0.62
N GLN B 248 -6.39 -7.60 0.78
CA GLN B 248 -6.52 -6.17 0.61
C GLN B 248 -6.67 -5.77 -0.85
N ALA B 249 -6.01 -6.51 -1.74
CA ALA B 249 -6.05 -6.21 -3.16
C ALA B 249 -7.41 -6.57 -3.76
N ALA B 250 -8.21 -7.32 -3.01
CA ALA B 250 -9.52 -7.74 -3.49
C ALA B 250 -10.64 -6.92 -2.84
N VAL B 251 -10.50 -6.66 -1.54
CA VAL B 251 -11.53 -5.94 -0.80
C VAL B 251 -11.53 -4.44 -1.09
N CYS B 252 -10.35 -3.83 -1.10
CA CYS B 252 -10.25 -2.39 -1.35
C CYS B 252 -10.56 -2.06 -2.81
N LYS B 253 -11.85 -2.05 -3.15
CA LYS B 253 -12.30 -1.82 -4.52
C LYS B 253 -11.91 -0.43 -5.03
N GLU B 254 -12.23 0.58 -4.24
CA GLU B 254 -12.00 1.97 -4.64
C GLU B 254 -10.52 2.28 -4.77
N LYS B 255 -9.75 1.91 -3.76
CA LYS B 255 -8.34 2.27 -3.70
C LYS B 255 -7.48 1.51 -4.72
N ILE B 256 -7.93 0.33 -5.12
CA ILE B 256 -7.24 -0.42 -6.18
C ILE B 256 -7.77 0.05 -7.53
N GLY B 257 -9.09 0.14 -7.65
CA GLY B 257 -9.71 0.69 -8.85
C GLY B 257 -10.30 -0.34 -9.80
N TRP B 258 -10.94 -1.37 -9.24
CA TRP B 258 -11.58 -2.39 -10.06
C TRP B 258 -12.77 -1.81 -10.84
N ARG B 259 -12.76 -2.03 -12.15
CA ARG B 259 -13.87 -1.59 -13.00
C ARG B 259 -15.06 -2.51 -12.78
N ASN B 260 -16.27 -1.95 -12.88
CA ASN B 260 -17.49 -2.69 -12.57
C ASN B 260 -17.75 -3.89 -13.48
N ASP B 261 -17.44 -3.76 -14.76
CA ASP B 261 -17.66 -4.86 -15.69
C ASP B 261 -16.39 -5.18 -16.46
N SER B 262 -15.50 -5.94 -15.82
CA SER B 262 -14.23 -6.32 -16.41
C SER B 262 -13.64 -7.52 -15.67
N LEU B 263 -12.65 -8.15 -16.28
CA LEU B 263 -11.93 -9.22 -15.62
C LEU B 263 -11.01 -8.64 -14.56
N HIS B 264 -11.14 -9.15 -13.33
CA HIS B 264 -10.30 -8.67 -12.23
C HIS B 264 -9.17 -9.66 -11.99
N LEU B 265 -8.12 -9.52 -12.78
CA LEU B 265 -6.98 -10.43 -12.70
C LEU B 265 -5.98 -9.99 -11.63
N LEU B 266 -5.60 -10.90 -10.76
CA LEU B 266 -4.63 -10.64 -9.71
C LEU B 266 -3.44 -11.55 -9.88
N VAL B 267 -2.31 -10.99 -10.29
CA VAL B 267 -1.10 -11.79 -10.53
C VAL B 267 -0.18 -11.83 -9.32
N PHE B 268 -0.17 -12.97 -8.63
CA PHE B 268 0.67 -13.16 -7.47
C PHE B 268 2.05 -13.66 -7.90
N VAL B 269 3.07 -12.84 -7.70
CA VAL B 269 4.42 -13.18 -8.14
C VAL B 269 5.37 -13.35 -6.96
N SER B 270 5.71 -14.59 -6.64
CA SER B 270 6.59 -14.88 -5.52
C SER B 270 7.49 -16.08 -5.81
N ASP B 271 8.48 -16.29 -4.93
CA ASP B 271 9.41 -17.39 -5.09
C ASP B 271 9.51 -18.21 -3.80
N ALA B 272 8.45 -18.16 -3.00
CA ALA B 272 8.43 -18.88 -1.73
C ALA B 272 7.00 -19.19 -1.31
N ASP B 273 6.87 -19.93 -0.21
CA ASP B 273 5.56 -20.30 0.32
C ASP B 273 4.94 -19.08 1.01
N SER B 274 3.73 -19.25 1.53
CA SER B 274 3.04 -18.15 2.20
C SER B 274 2.38 -18.60 3.50
N HIS B 275 2.51 -17.77 4.53
CA HIS B 275 1.83 -18.02 5.81
C HIS B 275 0.34 -17.80 5.68
N PHE B 276 -0.43 -18.45 6.55
CA PHE B 276 -1.89 -18.33 6.54
C PHE B 276 -2.46 -18.47 7.94
N GLY B 277 -3.69 -17.99 8.12
CA GLY B 277 -4.44 -18.19 9.35
C GLY B 277 -3.71 -17.94 10.66
N MET B 278 -3.55 -18.99 11.45
CA MET B 278 -3.01 -18.86 12.80
C MET B 278 -1.49 -18.95 12.85
N ASP B 279 -0.83 -18.78 11.71
CA ASP B 279 0.64 -18.76 11.70
C ASP B 279 1.14 -17.55 12.48
N SER B 280 0.30 -16.54 12.61
CA SER B 280 0.67 -15.32 13.32
C SER B 280 0.51 -15.49 14.83
N LYS B 281 0.15 -16.68 15.28
CA LYS B 281 0.03 -16.95 16.72
C LYS B 281 1.41 -16.92 17.35
N LEU B 282 2.42 -17.22 16.53
CA LEU B 282 3.80 -17.18 16.99
C LEU B 282 4.21 -15.74 17.27
N ALA B 283 3.59 -14.79 16.59
CA ALA B 283 3.94 -13.39 16.74
C ALA B 283 3.08 -12.71 17.80
N GLY B 284 2.14 -13.46 18.37
CA GLY B 284 1.25 -12.91 19.39
C GLY B 284 0.06 -12.23 18.75
N ILE B 285 -0.21 -12.55 17.49
CA ILE B 285 -1.37 -12.01 16.79
C ILE B 285 -2.49 -13.05 16.80
N VAL B 286 -3.52 -12.79 17.59
CA VAL B 286 -4.56 -13.77 17.87
C VAL B 286 -5.94 -13.27 17.41
N CYS B 287 -5.96 -12.11 16.76
CA CYS B 287 -7.21 -11.57 16.25
C CYS B 287 -7.37 -11.86 14.77
N PRO B 288 -8.40 -12.66 14.42
CA PRO B 288 -8.67 -13.09 13.04
C PRO B 288 -8.88 -11.92 12.06
N ASN B 289 -8.53 -12.15 10.80
CA ASN B 289 -8.73 -11.16 9.75
C ASN B 289 -10.22 -10.92 9.51
N ASP B 290 -10.61 -9.65 9.42
CA ASP B 290 -12.02 -9.29 9.28
C ASP B 290 -12.48 -9.19 7.83
N GLY B 291 -11.54 -9.35 6.90
CA GLY B 291 -11.87 -9.26 5.49
C GLY B 291 -12.35 -7.88 5.09
N LEU B 292 -11.79 -6.86 5.75
CA LEU B 292 -12.12 -5.48 5.45
C LEU B 292 -10.91 -4.75 4.89
N CYS B 293 -11.15 -3.59 4.28
CA CYS B 293 -10.07 -2.76 3.76
C CYS B 293 -9.39 -2.00 4.89
N HIS B 294 -8.06 -1.99 4.90
CA HIS B 294 -7.30 -1.27 5.92
C HIS B 294 -6.08 -0.58 5.35
N LEU B 295 -6.23 0.00 4.17
CA LEU B 295 -5.19 0.84 3.58
C LEU B 295 -5.28 2.25 4.14
N ASP B 296 -4.21 2.70 4.80
CA ASP B 296 -4.19 4.04 5.39
C ASP B 296 -4.04 5.11 4.32
N SER B 297 -3.79 6.34 4.74
CA SER B 297 -3.65 7.46 3.82
C SER B 297 -2.40 7.32 2.95
N LYS B 298 -1.48 6.47 3.39
CA LYS B 298 -0.22 6.27 2.69
C LYS B 298 -0.28 5.05 1.77
N ASN B 299 -1.49 4.50 1.62
CA ASN B 299 -1.71 3.27 0.84
C ASN B 299 -0.82 2.12 1.32
N GLU B 300 -0.99 1.77 2.59
CA GLU B 300 -0.22 0.69 3.20
C GLU B 300 -1.10 -0.11 4.15
N TYR B 301 -0.91 -1.42 4.19
CA TYR B 301 -1.69 -2.28 5.07
C TYR B 301 -1.37 -1.99 6.53
N SER B 302 -2.27 -1.25 7.17
CA SER B 302 -2.04 -0.76 8.53
C SER B 302 -2.22 -1.85 9.59
N MET B 303 -2.98 -2.89 9.25
CA MET B 303 -3.32 -3.92 10.23
C MET B 303 -2.50 -5.20 10.09
N SER B 304 -1.27 -5.09 9.59
CA SER B 304 -0.40 -6.26 9.43
C SER B 304 0.22 -6.70 10.75
N THR B 305 -0.08 -5.98 11.83
CA THR B 305 0.45 -6.31 13.14
C THR B 305 -0.68 -6.52 14.13
N VAL B 306 -1.92 -6.43 13.63
CA VAL B 306 -3.09 -6.54 14.49
C VAL B 306 -3.93 -7.76 14.13
N LEU B 307 -4.09 -8.00 12.83
CA LEU B 307 -4.93 -9.10 12.36
C LEU B 307 -4.11 -10.30 11.88
N GLU B 308 -4.70 -11.48 11.98
CA GLU B 308 -4.06 -12.70 11.50
C GLU B 308 -3.99 -12.71 9.98
N TYR B 309 -3.20 -13.62 9.43
CA TYR B 309 -3.23 -13.87 8.00
C TYR B 309 -4.61 -14.36 7.63
N PRO B 310 -5.10 -14.01 6.43
CA PRO B 310 -6.40 -14.55 6.03
C PRO B 310 -6.31 -16.05 5.76
N THR B 311 -7.41 -16.77 6.00
CA THR B 311 -7.46 -18.19 5.71
C THR B 311 -7.97 -18.41 4.29
N ILE B 312 -7.71 -19.59 3.74
CA ILE B 312 -8.17 -19.89 2.38
C ILE B 312 -9.69 -19.85 2.31
N GLY B 313 -10.34 -20.27 3.39
CA GLY B 313 -11.78 -20.17 3.49
C GLY B 313 -12.23 -18.72 3.43
N GLN B 314 -11.43 -17.83 4.00
CA GLN B 314 -11.72 -16.40 3.97
C GLN B 314 -11.41 -15.79 2.62
N LEU B 315 -10.26 -16.14 2.06
CA LEU B 315 -9.83 -15.61 0.76
C LEU B 315 -10.83 -15.97 -0.34
N ILE B 316 -11.36 -17.18 -0.30
CA ILE B 316 -12.34 -17.63 -1.27
C ILE B 316 -13.61 -16.78 -1.18
N ASP B 317 -14.10 -16.58 0.04
CA ASP B 317 -15.33 -15.82 0.25
C ASP B 317 -15.24 -14.39 -0.27
N LYS B 318 -14.03 -13.85 -0.27
CA LYS B 318 -13.83 -12.45 -0.68
C LYS B 318 -13.47 -12.33 -2.16
N LEU B 319 -12.67 -13.27 -2.67
CA LEU B 319 -12.32 -13.27 -4.09
C LEU B 319 -13.55 -13.53 -4.96
N VAL B 320 -14.48 -14.32 -4.43
CA VAL B 320 -15.72 -14.62 -5.13
C VAL B 320 -16.69 -13.44 -5.05
N GLN B 321 -16.79 -12.85 -3.87
CA GLN B 321 -17.66 -11.71 -3.65
C GLN B 321 -17.20 -10.49 -4.45
N ASN B 322 -15.89 -10.34 -4.58
CA ASN B 322 -15.31 -9.21 -5.32
C ASN B 322 -15.00 -9.56 -6.77
N ASN B 323 -15.30 -10.80 -7.14
CA ASN B 323 -15.12 -11.28 -8.50
C ASN B 323 -13.67 -11.14 -8.99
N VAL B 324 -12.72 -11.61 -8.19
CA VAL B 324 -11.31 -11.48 -8.55
C VAL B 324 -10.70 -12.82 -8.95
N LEU B 325 -10.11 -12.87 -10.13
CA LEU B 325 -9.46 -14.08 -10.62
C LEU B 325 -7.96 -14.09 -10.30
N LEU B 326 -7.55 -15.03 -9.47
CA LEU B 326 -6.18 -15.07 -8.96
C LEU B 326 -5.26 -15.92 -9.84
N ILE B 327 -4.08 -15.39 -10.13
CA ILE B 327 -3.08 -16.12 -10.91
C ILE B 327 -1.78 -16.26 -10.13
N PHE B 328 -1.41 -17.50 -9.83
CA PHE B 328 -0.20 -17.79 -9.07
C PHE B 328 1.02 -17.95 -9.97
N ALA B 329 1.85 -16.91 -10.02
CA ALA B 329 3.08 -16.97 -10.79
C ALA B 329 4.27 -17.27 -9.88
N VAL B 330 4.47 -18.55 -9.58
CA VAL B 330 5.51 -18.97 -8.65
C VAL B 330 6.57 -19.84 -9.32
N THR B 331 7.70 -20.01 -8.65
CA THR B 331 8.80 -20.83 -9.18
C THR B 331 8.50 -22.32 -9.01
N GLN B 332 9.37 -23.16 -9.55
CA GLN B 332 9.17 -24.61 -9.52
C GLN B 332 9.10 -25.15 -8.10
N GLU B 333 9.77 -24.48 -7.18
CA GLU B 333 9.86 -24.96 -5.81
C GLU B 333 8.53 -24.75 -5.09
N GLN B 334 7.62 -24.03 -5.74
CA GLN B 334 6.31 -23.75 -5.17
C GLN B 334 5.12 -24.13 -6.04
N VAL B 335 5.37 -24.61 -7.26
CA VAL B 335 4.29 -24.90 -8.19
C VAL B 335 3.28 -25.91 -7.65
N HIS B 336 3.76 -27.05 -7.18
CA HIS B 336 2.89 -28.10 -6.66
C HIS B 336 2.04 -27.58 -5.50
N LEU B 337 2.66 -26.77 -4.65
CA LEU B 337 2.00 -26.25 -3.46
C LEU B 337 0.86 -25.28 -3.82
N TYR B 338 1.16 -24.34 -4.70
CA TYR B 338 0.17 -23.37 -5.14
C TYR B 338 -0.83 -23.99 -6.12
N GLU B 339 -0.47 -25.11 -6.73
CA GLU B 339 -1.39 -25.84 -7.58
C GLU B 339 -2.55 -26.41 -6.76
N ASN B 340 -2.23 -26.87 -5.56
CA ASN B 340 -3.24 -27.42 -4.65
C ASN B 340 -4.09 -26.33 -4.01
N TYR B 341 -3.55 -25.13 -3.92
CA TYR B 341 -4.31 -23.99 -3.41
C TYR B 341 -5.37 -23.56 -4.42
N ALA B 342 -4.98 -23.57 -5.69
CA ALA B 342 -5.85 -23.10 -6.76
C ALA B 342 -7.03 -24.02 -7.02
N LYS B 343 -6.93 -25.26 -6.55
CA LYS B 343 -8.02 -26.23 -6.73
C LYS B 343 -9.23 -25.87 -5.87
N LEU B 344 -8.98 -25.24 -4.73
CA LEU B 344 -10.06 -24.87 -3.82
C LEU B 344 -10.65 -23.50 -4.18
N ILE B 345 -9.83 -22.64 -4.76
CA ILE B 345 -10.25 -21.29 -5.11
C ILE B 345 -10.80 -21.24 -6.53
N PRO B 346 -12.11 -21.00 -6.66
CA PRO B 346 -12.77 -20.97 -7.97
C PRO B 346 -12.27 -19.81 -8.86
N GLY B 347 -11.74 -20.16 -10.02
CA GLY B 347 -11.26 -19.18 -10.97
C GLY B 347 -9.77 -18.91 -10.85
N ALA B 348 -9.09 -19.69 -10.03
CA ALA B 348 -7.66 -19.50 -9.79
C ALA B 348 -6.81 -20.49 -10.58
N THR B 349 -5.77 -19.98 -11.22
CA THR B 349 -4.85 -20.82 -11.97
C THR B 349 -3.41 -20.56 -11.53
N VAL B 350 -2.48 -21.37 -12.00
CA VAL B 350 -1.07 -21.21 -11.67
C VAL B 350 -0.21 -21.16 -12.94
N GLY B 351 1.08 -20.92 -12.76
CA GLY B 351 2.01 -20.88 -13.88
C GLY B 351 3.45 -20.94 -13.41
N LEU B 352 4.28 -21.67 -14.16
CA LEU B 352 5.69 -21.82 -13.81
C LEU B 352 6.49 -20.56 -14.14
N LEU B 353 7.04 -19.92 -13.09
CA LEU B 353 7.83 -18.72 -13.25
C LEU B 353 9.33 -19.04 -13.24
N GLN B 354 10.07 -18.41 -14.14
CA GLN B 354 11.52 -18.60 -14.17
C GLN B 354 12.15 -17.87 -12.99
N LYS B 355 13.40 -18.22 -12.67
CA LYS B 355 14.07 -17.65 -11.50
C LYS B 355 14.27 -16.15 -11.59
N ASP B 356 14.42 -15.61 -12.79
CA ASP B 356 14.50 -14.17 -12.98
C ASP B 356 13.16 -13.61 -13.45
N SER B 357 12.17 -14.49 -13.55
CA SER B 357 10.80 -14.12 -13.97
C SER B 357 10.79 -13.46 -15.33
N GLY B 358 11.51 -14.05 -16.29
CA GLY B 358 11.63 -13.49 -17.62
C GLY B 358 10.55 -14.01 -18.55
N ASN B 359 9.66 -14.84 -18.02
CA ASN B 359 8.57 -15.39 -18.82
C ASN B 359 7.21 -15.00 -18.26
N ILE B 360 7.19 -13.93 -17.46
CA ILE B 360 5.96 -13.49 -16.81
C ILE B 360 4.94 -12.97 -17.83
N LEU B 361 5.43 -12.40 -18.91
CA LEU B 361 4.57 -11.95 -20.00
C LEU B 361 3.91 -13.14 -20.68
N GLN B 362 4.68 -14.20 -20.83
CA GLN B 362 4.23 -15.42 -21.48
C GLN B 362 3.26 -16.19 -20.59
N LEU B 363 3.35 -15.96 -19.28
CA LEU B 363 2.46 -16.61 -18.32
C LEU B 363 1.10 -15.93 -18.25
N ILE B 364 1.11 -14.60 -18.19
CA ILE B 364 -0.12 -13.83 -18.02
C ILE B 364 -1.06 -13.99 -19.22
N ILE B 365 -0.50 -13.87 -20.42
CA ILE B 365 -1.30 -13.98 -21.64
C ILE B 365 -1.86 -15.39 -21.80
N SER B 366 -1.01 -16.39 -21.58
CA SER B 366 -1.45 -17.79 -21.67
C SER B 366 -2.49 -18.11 -20.59
N ALA B 367 -2.32 -17.51 -19.41
CA ALA B 367 -3.29 -17.69 -18.33
C ALA B 367 -4.59 -16.97 -18.67
N TYR B 368 -4.47 -15.86 -19.40
CA TYR B 368 -5.63 -15.09 -19.84
C TYR B 368 -6.44 -15.86 -20.88
N GLU B 369 -5.73 -16.47 -21.83
CA GLU B 369 -6.38 -17.25 -22.88
C GLU B 369 -7.11 -18.47 -22.33
N GLU B 370 -6.57 -19.05 -21.26
CA GLU B 370 -7.23 -20.19 -20.61
C GLU B 370 -8.53 -19.75 -19.96
N LEU B 371 -8.51 -18.57 -19.33
CA LEU B 371 -9.71 -18.02 -18.70
C LEU B 371 -10.74 -17.66 -19.77
N ARG B 372 -10.26 -17.38 -20.98
CA ARG B 372 -11.13 -17.11 -22.12
C ARG B 372 -11.81 -18.41 -22.56
N SER B 373 -11.27 -19.54 -22.08
CA SER B 373 -11.78 -20.85 -22.45
C SER B 373 -12.51 -21.53 -21.28
N GLU B 374 -12.40 -20.95 -20.10
CA GLU B 374 -13.05 -21.52 -18.92
C GLU B 374 -14.37 -20.81 -18.64
N VAL B 375 -15.42 -21.59 -18.43
CA VAL B 375 -16.70 -21.03 -18.00
C VAL B 375 -17.28 -21.87 -16.86
N GLU B 376 -17.20 -21.33 -15.65
CA GLU B 376 -17.68 -22.03 -14.46
C GLU B 376 -18.80 -21.24 -13.80
N LEU B 377 -19.74 -21.94 -13.17
CA LEU B 377 -20.86 -21.28 -12.52
C LEU B 377 -20.64 -21.09 -11.02
N GLU B 378 -21.35 -20.12 -10.45
CA GLU B 378 -21.29 -19.82 -9.03
C GLU B 378 -22.71 -19.68 -8.47
N VAL B 379 -22.88 -20.01 -7.21
CA VAL B 379 -24.16 -19.80 -6.54
C VAL B 379 -23.96 -19.00 -5.26
N LEU B 380 -24.63 -17.85 -5.17
CA LEU B 380 -24.44 -16.94 -4.06
C LEU B 380 -25.73 -16.67 -3.30
N GLY B 381 -25.62 -16.50 -1.99
CA GLY B 381 -26.75 -16.15 -1.16
C GLY B 381 -27.76 -17.27 -0.99
N ASP B 382 -27.38 -18.48 -1.41
CA ASP B 382 -28.27 -19.63 -1.33
C ASP B 382 -28.41 -20.14 0.11
N THR B 383 -28.79 -21.40 0.25
CA THR B 383 -29.05 -21.96 1.57
C THR B 383 -28.07 -23.04 1.97
N GLU B 384 -27.77 -23.10 3.26
CA GLU B 384 -27.04 -24.22 3.82
C GLU B 384 -27.86 -25.50 3.65
N GLY B 385 -29.18 -25.36 3.66
CA GLY B 385 -30.08 -26.48 3.54
C GLY B 385 -30.56 -26.84 2.14
N LEU B 386 -30.38 -25.93 1.19
CA LEU B 386 -30.83 -26.21 -0.18
C LEU B 386 -29.83 -27.13 -0.89
N ASN B 387 -30.34 -28.15 -1.56
CA ASN B 387 -29.49 -29.04 -2.34
C ASN B 387 -29.56 -28.71 -3.82
N LEU B 388 -28.40 -28.56 -4.44
CA LEU B 388 -28.32 -28.21 -5.84
C LEU B 388 -27.40 -29.16 -6.58
N SER B 389 -27.74 -29.46 -7.83
CA SER B 389 -26.90 -30.32 -8.67
C SER B 389 -26.71 -29.67 -10.03
N PHE B 390 -25.52 -29.86 -10.60
CA PHE B 390 -25.16 -29.22 -11.85
C PHE B 390 -24.70 -30.24 -12.88
N THR B 391 -25.10 -30.01 -14.13
CA THR B 391 -24.58 -30.79 -15.24
C THR B 391 -24.06 -29.86 -16.31
N ALA B 392 -22.83 -30.07 -16.73
CA ALA B 392 -22.21 -29.18 -17.71
C ALA B 392 -22.42 -29.70 -19.11
N ILE B 393 -22.90 -28.83 -19.99
CA ILE B 393 -23.12 -29.21 -21.37
C ILE B 393 -22.17 -28.45 -22.29
N CYS B 394 -20.97 -28.99 -22.45
CA CYS B 394 -19.95 -28.36 -23.29
C CYS B 394 -20.15 -28.80 -24.72
N ASN B 395 -19.80 -27.94 -25.66
CA ASN B 395 -20.02 -28.18 -27.08
C ASN B 395 -21.49 -28.46 -27.37
N ASN B 396 -21.76 -29.38 -28.28
CA ASN B 396 -23.14 -29.74 -28.62
C ASN B 396 -23.58 -31.10 -28.11
N GLY B 397 -22.69 -32.08 -28.16
CA GLY B 397 -23.04 -33.43 -27.76
C GLY B 397 -22.21 -34.00 -26.64
N THR B 398 -21.84 -33.14 -25.69
CA THR B 398 -21.07 -33.55 -24.53
C THR B 398 -21.76 -33.08 -23.24
N LEU B 399 -22.09 -34.01 -22.37
CA LEU B 399 -22.76 -33.68 -21.12
C LEU B 399 -22.06 -34.30 -19.92
N PHE B 400 -21.41 -33.46 -19.12
CA PHE B 400 -20.71 -33.92 -17.92
C PHE B 400 -21.60 -33.90 -16.68
N GLN B 401 -21.52 -34.96 -15.89
CA GLN B 401 -22.27 -35.05 -14.64
C GLN B 401 -21.49 -34.42 -13.50
N HIS B 402 -22.22 -33.84 -12.54
CA HIS B 402 -21.61 -33.23 -11.36
C HIS B 402 -20.54 -32.21 -11.72
N GLN B 403 -20.82 -31.38 -12.70
CA GLN B 403 -19.86 -30.40 -13.19
C GLN B 403 -20.56 -29.11 -13.60
N LYS B 404 -20.01 -27.98 -13.16
CA LYS B 404 -20.55 -26.69 -13.50
C LYS B 404 -19.49 -25.82 -14.16
N LYS B 405 -18.56 -26.48 -14.84
CA LYS B 405 -17.44 -25.80 -15.48
C LYS B 405 -17.12 -26.41 -16.84
N CYS B 406 -17.01 -25.56 -17.86
CA CYS B 406 -16.64 -26.02 -19.20
C CYS B 406 -15.28 -25.44 -19.62
N SER B 407 -14.55 -26.20 -20.43
CA SER B 407 -13.24 -25.76 -20.89
C SER B 407 -13.02 -26.10 -22.36
N HIS B 408 -11.86 -25.69 -22.89
CA HIS B 408 -11.50 -25.89 -24.29
C HIS B 408 -12.55 -25.36 -25.25
N MET B 409 -13.08 -24.18 -24.95
CA MET B 409 -14.08 -23.56 -25.80
C MET B 409 -13.59 -22.20 -26.32
N LYS B 410 -13.71 -22.00 -27.62
CA LYS B 410 -13.34 -20.72 -28.23
C LYS B 410 -14.34 -19.64 -27.85
N VAL B 411 -13.88 -18.39 -27.85
CA VAL B 411 -14.75 -17.28 -27.48
C VAL B 411 -15.89 -17.12 -28.48
N GLY B 412 -17.12 -17.13 -27.97
CA GLY B 412 -18.29 -17.06 -28.81
C GLY B 412 -19.11 -18.34 -28.77
N ASP B 413 -18.51 -19.40 -28.22
CA ASP B 413 -19.20 -20.67 -28.05
C ASP B 413 -20.17 -20.59 -26.88
N THR B 414 -21.33 -21.24 -27.03
CA THR B 414 -22.33 -21.24 -25.97
C THR B 414 -22.02 -22.29 -24.91
N ALA B 415 -22.46 -22.04 -23.68
CA ALA B 415 -22.31 -23.00 -22.61
C ALA B 415 -23.61 -23.11 -21.80
N SER B 416 -24.26 -24.26 -21.91
CA SER B 416 -25.53 -24.47 -21.22
C SER B 416 -25.34 -25.28 -19.94
N PHE B 417 -26.17 -24.99 -18.94
CA PHE B 417 -26.11 -25.71 -17.66
C PHE B 417 -27.51 -26.05 -17.16
N SER B 418 -27.63 -27.21 -16.52
CA SER B 418 -28.90 -27.61 -15.92
C SER B 418 -28.80 -27.59 -14.39
N VAL B 419 -29.41 -26.58 -13.78
CA VAL B 419 -29.38 -26.43 -12.33
C VAL B 419 -30.68 -26.88 -11.69
N THR B 420 -30.62 -27.96 -10.92
CA THR B 420 -31.80 -28.49 -10.25
C THR B 420 -31.89 -27.96 -8.83
N VAL B 421 -33.03 -27.36 -8.50
CA VAL B 421 -33.22 -26.79 -7.17
C VAL B 421 -34.32 -27.55 -6.41
N ASN B 422 -34.05 -27.86 -5.15
CA ASN B 422 -35.03 -28.55 -4.31
C ASN B 422 -35.00 -28.06 -2.87
N ILE B 423 -36.18 -27.94 -2.29
CA ILE B 423 -36.31 -27.53 -0.89
C ILE B 423 -36.79 -28.69 -0.02
N PRO B 424 -36.01 -29.03 1.02
CA PRO B 424 -36.36 -30.15 1.91
C PRO B 424 -37.59 -29.88 2.78
N HIS B 425 -37.65 -28.72 3.41
CA HIS B 425 -38.75 -28.39 4.32
C HIS B 425 -39.74 -27.41 3.70
N CYS B 426 -40.43 -26.66 4.55
CA CYS B 426 -41.45 -25.71 4.09
C CYS B 426 -40.97 -24.26 4.15
N GLU B 427 -40.14 -23.96 5.16
CA GLU B 427 -39.57 -22.63 5.37
C GLU B 427 -40.56 -21.51 5.68
N ARG B 428 -40.00 -20.36 6.08
CA ARG B 428 -40.79 -19.17 6.41
C ARG B 428 -41.21 -18.37 5.17
N ARG B 429 -40.22 -17.87 4.43
CA ARG B 429 -40.47 -17.04 3.25
C ARG B 429 -39.43 -17.27 2.18
N SER B 430 -39.59 -16.54 1.07
CA SER B 430 -38.68 -16.65 -0.06
C SER B 430 -37.27 -16.18 0.27
N ARG B 431 -36.30 -16.68 -0.48
CA ARG B 431 -34.90 -16.35 -0.27
C ARG B 431 -34.21 -16.02 -1.59
N HIS B 432 -33.33 -15.02 -1.58
CA HIS B 432 -32.67 -14.56 -2.79
C HIS B 432 -31.37 -15.31 -3.09
N ILE B 433 -31.25 -15.79 -4.32
CA ILE B 433 -30.08 -16.53 -4.78
C ILE B 433 -29.57 -15.92 -6.08
N ILE B 434 -28.26 -15.98 -6.31
CA ILE B 434 -27.67 -15.44 -7.52
C ILE B 434 -26.78 -16.45 -8.23
N ILE B 435 -27.05 -16.71 -9.50
CA ILE B 435 -26.21 -17.58 -10.32
C ILE B 435 -25.46 -16.77 -11.38
N LYS B 436 -24.14 -16.73 -11.27
CA LYS B 436 -23.32 -15.95 -12.18
C LYS B 436 -22.06 -16.71 -12.59
N PRO B 437 -21.52 -16.40 -13.77
CA PRO B 437 -20.26 -17.02 -14.21
C PRO B 437 -19.06 -16.54 -13.40
N VAL B 438 -17.98 -17.32 -13.41
CA VAL B 438 -16.76 -16.94 -12.70
C VAL B 438 -15.98 -15.90 -13.49
N GLY B 439 -15.77 -14.73 -12.88
CA GLY B 439 -14.99 -13.68 -13.51
C GLY B 439 -15.83 -12.61 -14.20
N LEU B 440 -17.06 -12.97 -14.55
CA LEU B 440 -17.95 -12.05 -15.26
C LEU B 440 -18.89 -11.30 -14.32
N GLY B 441 -19.37 -10.15 -14.76
CA GLY B 441 -20.26 -9.34 -13.97
C GLY B 441 -21.71 -9.77 -14.08
N ASP B 442 -22.07 -10.32 -15.24
CA ASP B 442 -23.43 -10.78 -15.49
C ASP B 442 -23.88 -11.79 -14.45
N ALA B 443 -25.16 -11.73 -14.09
CA ALA B 443 -25.68 -12.60 -13.05
C ALA B 443 -27.14 -12.95 -13.29
N LEU B 444 -27.57 -14.09 -12.76
CA LEU B 444 -28.96 -14.51 -12.86
C LEU B 444 -29.58 -14.50 -11.46
N GLU B 445 -30.59 -13.66 -11.25
CA GLU B 445 -31.25 -13.58 -9.95
C GLU B 445 -32.33 -14.65 -9.81
N LEU B 446 -32.36 -15.28 -8.64
CA LEU B 446 -33.35 -16.31 -8.35
C LEU B 446 -34.17 -15.97 -7.11
N LEU B 447 -35.48 -15.89 -7.30
CA LEU B 447 -36.39 -15.72 -6.17
C LEU B 447 -37.10 -17.02 -5.89
N VAL B 448 -36.59 -17.78 -4.91
CA VAL B 448 -37.15 -19.08 -4.58
C VAL B 448 -38.18 -18.94 -3.46
N SER B 449 -39.46 -19.02 -3.81
CA SER B 449 -40.54 -18.90 -2.83
C SER B 449 -41.29 -20.22 -2.67
N PRO B 450 -41.31 -20.75 -1.44
CA PRO B 450 -42.01 -22.02 -1.19
C PRO B 450 -43.52 -21.84 -1.07
N GLU B 451 -44.25 -22.94 -1.17
CA GLU B 451 -45.70 -22.93 -1.05
C GLU B 451 -46.17 -24.15 -0.27
N CYS B 452 -47.00 -23.92 0.74
CA CYS B 452 -47.48 -25.00 1.60
C CYS B 452 -48.96 -24.84 1.91
N ASN B 453 -49.49 -23.66 1.66
CA ASN B 453 -50.89 -23.36 1.94
C ASN B 453 -51.80 -23.83 0.81
N CYS B 454 -53.08 -24.00 1.12
CA CYS B 454 -54.05 -24.46 0.14
C CYS B 454 -54.93 -23.31 -0.36
N ASP B 455 -55.44 -23.47 -1.58
CA ASP B 455 -56.28 -22.44 -2.19
C ASP B 455 -57.66 -22.39 -1.54
N CYS B 456 -58.05 -23.49 -0.90
CA CYS B 456 -59.34 -23.57 -0.22
C CYS B 456 -59.29 -22.88 1.13
N GLN B 457 -58.09 -22.54 1.58
CA GLN B 457 -57.92 -21.87 2.87
C GLN B 457 -58.01 -20.35 2.75
N LYS B 458 -58.48 -19.89 1.60
CA LYS B 458 -58.64 -18.46 1.37
C LYS B 458 -60.10 -18.10 1.12
N PHE C 1 18.53 16.00 -32.32
CA PHE C 1 19.88 15.50 -32.58
C PHE C 1 20.39 16.00 -33.92
N ASN C 2 19.51 16.61 -34.70
CA ASN C 2 19.85 17.08 -36.03
C ASN C 2 20.04 18.59 -36.10
N LEU C 3 20.31 19.21 -34.96
CA LEU C 3 20.57 20.64 -34.89
C LEU C 3 22.04 20.95 -35.14
N ASP C 4 22.31 21.92 -36.00
CA ASP C 4 23.68 22.32 -36.29
C ASP C 4 24.28 23.11 -35.13
N VAL C 5 25.38 22.59 -34.60
CA VAL C 5 26.05 23.22 -33.47
C VAL C 5 27.40 23.79 -33.90
N ASP C 6 27.85 23.41 -35.09
CA ASP C 6 29.14 23.86 -35.60
C ASP C 6 29.17 25.36 -35.86
N SER C 7 28.24 25.83 -36.69
CA SER C 7 28.19 27.25 -37.05
C SER C 7 26.76 27.79 -37.09
N PRO C 8 26.20 28.09 -35.92
CA PRO C 8 24.85 28.66 -35.88
C PRO C 8 24.87 30.16 -36.16
N ALA C 9 23.70 30.74 -36.42
CA ALA C 9 23.63 32.17 -36.68
C ALA C 9 23.54 32.96 -35.37
N GLU C 10 24.52 33.81 -35.13
CA GLU C 10 24.59 34.57 -33.90
C GLU C 10 24.22 36.04 -34.10
N TYR C 11 23.16 36.48 -33.44
CA TYR C 11 22.72 37.88 -33.50
C TYR C 11 22.98 38.55 -32.16
N SER C 12 23.28 39.85 -32.19
CA SER C 12 23.56 40.59 -30.96
C SER C 12 22.92 41.98 -31.01
N GLY C 13 22.96 42.65 -29.87
CA GLY C 13 22.40 43.99 -29.76
C GLY C 13 23.17 44.84 -28.78
N PRO C 14 22.67 46.06 -28.50
CA PRO C 14 23.30 46.96 -27.53
C PRO C 14 23.36 46.34 -26.15
N GLU C 15 24.49 46.49 -25.46
CA GLU C 15 24.68 45.87 -24.15
C GLU C 15 23.74 46.48 -23.11
N GLY C 16 23.08 45.61 -22.35
CA GLY C 16 22.17 46.04 -21.30
C GLY C 16 20.76 46.25 -21.80
N SER C 17 20.55 46.05 -23.09
CA SER C 17 19.25 46.24 -23.71
C SER C 17 18.39 44.99 -23.61
N TYR C 18 18.96 43.93 -23.04
CA TYR C 18 18.31 42.62 -22.95
C TYR C 18 17.92 42.10 -24.33
N PHE C 19 18.89 42.10 -25.24
CA PHE C 19 18.67 41.59 -26.59
C PHE C 19 18.51 40.08 -26.58
N GLY C 20 17.26 39.62 -26.69
CA GLY C 20 16.99 38.18 -26.69
C GLY C 20 16.00 37.78 -25.61
N PHE C 21 15.37 38.77 -25.00
CA PHE C 21 14.38 38.54 -23.96
C PHE C 21 13.11 37.94 -24.54
N ALA C 22 12.91 38.16 -25.84
CA ALA C 22 11.78 37.60 -26.56
C ALA C 22 12.16 37.40 -28.03
N VAL C 23 11.99 36.18 -28.52
CA VAL C 23 12.31 35.87 -29.92
C VAL C 23 11.16 35.16 -30.62
N ASP C 24 11.09 35.32 -31.93
CA ASP C 24 10.03 34.72 -32.74
C ASP C 24 10.41 34.75 -34.21
N PHE C 25 9.66 34.02 -35.03
CA PHE C 25 9.87 34.04 -36.48
C PHE C 25 8.95 35.04 -37.16
N PHE C 26 9.36 35.49 -38.34
CA PHE C 26 8.52 36.35 -39.17
C PHE C 26 8.55 35.96 -40.63
N VAL C 27 7.46 35.36 -41.11
CA VAL C 27 7.37 34.99 -42.52
C VAL C 27 6.16 35.67 -43.16
N PRO C 28 6.42 36.73 -43.94
CA PRO C 28 5.40 37.46 -44.69
C PRO C 28 4.97 36.73 -45.97
N SER C 29 3.99 37.29 -46.67
CA SER C 29 3.48 36.68 -47.89
C SER C 29 4.43 36.92 -49.06
N SER C 32 8.24 37.14 -49.79
CA SER C 32 8.55 35.75 -49.45
C SER C 32 9.83 35.65 -48.63
N ARG C 33 10.38 36.81 -48.25
CA ARG C 33 11.64 36.85 -47.53
C ARG C 33 11.48 36.29 -46.12
N MET C 34 12.59 35.90 -45.49
CA MET C 34 12.54 35.40 -44.13
C MET C 34 13.19 36.38 -43.15
N PHE C 35 12.65 36.48 -41.94
CA PHE C 35 13.22 37.39 -40.94
C PHE C 35 13.10 36.86 -39.51
N LEU C 36 13.89 37.43 -38.61
CA LEU C 36 13.86 37.09 -37.20
C LEU C 36 13.39 38.29 -36.38
N LEU C 37 12.70 38.03 -35.27
CA LEU C 37 12.20 39.09 -34.41
C LEU C 37 12.77 38.99 -33.00
N VAL C 38 13.71 39.87 -32.68
CA VAL C 38 14.31 39.89 -31.35
C VAL C 38 13.85 41.11 -30.56
N GLY C 39 13.32 40.87 -29.36
CA GLY C 39 12.85 41.94 -28.50
C GLY C 39 13.89 42.40 -27.50
N ALA C 40 14.18 43.70 -27.52
CA ALA C 40 15.09 44.30 -26.55
C ALA C 40 14.34 45.35 -25.74
N PRO C 41 13.70 44.93 -24.64
CA PRO C 41 12.80 45.78 -23.85
C PRO C 41 13.51 46.88 -23.06
N LYS C 42 14.83 46.81 -22.95
CA LYS C 42 15.59 47.84 -22.23
C LYS C 42 16.44 48.69 -23.17
N ALA C 43 16.17 48.60 -24.47
CA ALA C 43 16.95 49.34 -25.45
C ALA C 43 16.52 50.81 -25.52
N ASN C 44 17.50 51.68 -25.71
CA ASN C 44 17.22 53.11 -25.93
C ASN C 44 16.64 53.38 -27.32
N THR C 45 15.69 54.30 -27.37
CA THR C 45 15.06 54.67 -28.63
C THR C 45 15.26 56.16 -28.92
N THR C 46 14.90 56.56 -30.14
CA THR C 46 15.00 57.95 -30.55
C THR C 46 13.73 58.72 -30.22
N GLN C 47 12.86 58.10 -29.42
CA GLN C 47 11.61 58.73 -28.99
C GLN C 47 11.89 59.88 -28.02
N PRO C 48 11.26 61.04 -28.28
CA PRO C 48 11.48 62.28 -27.52
C PRO C 48 11.33 62.13 -26.02
N GLY C 49 12.44 62.30 -25.30
CA GLY C 49 12.43 62.31 -23.84
C GLY C 49 12.02 61.01 -23.19
N ILE C 50 12.41 59.89 -23.81
CA ILE C 50 12.07 58.57 -23.28
C ILE C 50 13.31 57.69 -23.16
N VAL C 51 13.67 57.35 -21.92
CA VAL C 51 14.84 56.52 -21.68
C VAL C 51 14.45 55.04 -21.54
N GLU C 52 15.17 54.18 -22.26
CA GLU C 52 14.90 52.74 -22.29
C GLU C 52 13.44 52.43 -22.60
N GLY C 53 12.98 52.87 -23.76
CA GLY C 53 11.61 52.62 -24.18
C GLY C 53 11.41 51.22 -24.71
N GLY C 54 12.49 50.62 -25.20
CA GLY C 54 12.43 49.27 -25.73
C GLY C 54 12.02 49.23 -27.19
N GLN C 55 12.58 48.30 -27.94
CA GLN C 55 12.26 48.16 -29.36
C GLN C 55 12.41 46.72 -29.84
N VAL C 56 11.74 46.40 -30.93
CA VAL C 56 11.83 45.07 -31.53
C VAL C 56 12.62 45.15 -32.83
N LEU C 57 13.68 44.35 -32.91
CA LEU C 57 14.57 44.40 -34.07
C LEU C 57 14.22 43.30 -35.08
N LYS C 58 14.09 43.69 -36.34
CA LYS C 58 13.86 42.73 -37.41
C LYS C 58 15.18 42.27 -38.00
N CYS C 59 15.68 41.14 -37.50
CA CYS C 59 16.98 40.62 -37.92
C CYS C 59 16.89 39.92 -39.27
N ASP C 60 17.80 40.29 -40.17
CA ASP C 60 17.86 39.69 -41.49
C ASP C 60 18.65 38.39 -41.44
N TRP C 61 18.18 37.38 -42.18
CA TRP C 61 18.85 36.09 -42.22
C TRP C 61 19.73 35.97 -43.45
N SER C 62 19.36 36.69 -44.51
CA SER C 62 20.13 36.69 -45.74
C SER C 62 21.44 37.46 -45.59
N SER C 63 22.53 36.85 -46.04
CA SER C 63 23.87 37.44 -45.98
C SER C 63 24.26 37.85 -44.56
N THR C 64 24.58 39.13 -44.39
CA THR C 64 24.98 39.67 -43.09
C THR C 64 23.84 39.60 -42.09
N ARG C 65 24.19 39.63 -40.81
CA ARG C 65 23.19 39.50 -39.74
C ARG C 65 22.85 40.85 -39.12
N ARG C 66 22.48 41.80 -39.96
CA ARG C 66 22.04 43.12 -39.49
C ARG C 66 20.60 43.06 -39.01
N CYS C 67 20.31 43.79 -37.93
CA CYS C 67 18.96 43.85 -37.39
C CYS C 67 18.45 45.29 -37.36
N GLN C 68 17.45 45.59 -38.18
CA GLN C 68 16.86 46.92 -38.23
C GLN C 68 15.66 47.03 -37.31
N PRO C 69 15.68 47.99 -36.37
CA PRO C 69 14.58 48.23 -35.45
C PRO C 69 13.28 48.57 -36.16
N ILE C 70 12.18 47.97 -35.73
CA ILE C 70 10.87 48.21 -36.32
C ILE C 70 10.21 49.41 -35.64
N GLU C 71 9.63 50.29 -36.45
CA GLU C 71 9.03 51.52 -35.95
C GLU C 71 7.55 51.34 -35.61
N PHE C 72 7.28 50.91 -34.38
CA PHE C 72 5.90 50.78 -33.91
C PHE C 72 5.38 52.13 -33.42
N ASP C 73 6.23 52.85 -32.70
CA ASP C 73 5.86 54.16 -32.16
C ASP C 73 7.11 55.02 -31.95
N ALA C 74 7.23 56.08 -32.75
CA ALA C 74 8.36 56.99 -32.64
C ALA C 74 8.00 58.20 -31.80
N THR C 75 6.71 58.36 -31.53
CA THR C 75 6.21 59.48 -30.75
C THR C 75 6.55 59.35 -29.27
N GLY C 76 6.54 60.47 -28.56
CA GLY C 76 6.81 60.47 -27.13
C GLY C 76 5.54 60.31 -26.31
N ASN C 77 5.57 60.81 -25.08
CA ASN C 77 4.41 60.72 -24.19
C ASN C 77 3.34 61.74 -24.53
N ARG C 78 2.13 61.26 -24.85
CA ARG C 78 1.01 62.14 -25.12
C ARG C 78 0.54 62.84 -23.85
N ASP C 79 -0.12 63.97 -24.00
CA ASP C 79 -0.58 64.75 -22.85
C ASP C 79 -2.10 64.73 -22.72
N TYR C 80 -2.57 64.50 -21.49
CA TYR C 80 -4.00 64.55 -21.18
C TYR C 80 -4.49 65.99 -21.21
N ALA C 81 -3.68 66.89 -20.68
CA ALA C 81 -3.98 68.31 -20.68
C ALA C 81 -2.68 69.11 -20.72
N LYS C 82 -2.77 70.42 -20.50
CA LYS C 82 -1.59 71.26 -20.50
C LYS C 82 -0.69 70.94 -19.30
N ASP C 83 0.58 70.65 -19.58
CA ASP C 83 1.56 70.32 -18.56
C ASP C 83 1.11 69.17 -17.67
N ASP C 84 0.47 68.18 -18.29
CA ASP C 84 -0.01 67.00 -17.57
C ASP C 84 0.07 65.76 -18.44
N PRO C 85 1.19 65.03 -18.34
CA PRO C 85 1.43 63.83 -19.15
C PRO C 85 0.34 62.78 -18.97
N LEU C 86 -0.01 62.10 -20.05
CA LEU C 86 -1.04 61.06 -20.00
C LEU C 86 -0.42 59.68 -19.85
N GLU C 87 0.77 59.49 -20.42
CA GLU C 87 1.42 58.19 -20.40
C GLU C 87 2.90 58.29 -20.06
N PHE C 88 3.48 57.17 -19.63
CA PHE C 88 4.88 57.13 -19.25
C PHE C 88 5.58 55.97 -19.96
N LYS C 89 6.06 56.23 -21.17
CA LYS C 89 6.67 55.18 -21.99
C LYS C 89 8.10 54.88 -21.54
N SER C 90 8.61 55.66 -20.58
CA SER C 90 9.93 55.42 -20.05
C SER C 90 9.96 54.13 -19.23
N HIS C 91 10.90 53.25 -19.55
CA HIS C 91 11.03 51.95 -18.90
C HIS C 91 9.74 51.15 -19.00
N GLN C 92 9.14 51.13 -20.19
CA GLN C 92 7.86 50.45 -20.40
C GLN C 92 8.06 48.99 -20.80
N TRP C 93 9.31 48.60 -21.05
CA TRP C 93 9.65 47.24 -21.45
C TRP C 93 8.95 46.81 -22.74
N PHE C 94 8.94 47.68 -23.73
CA PHE C 94 8.35 47.34 -25.02
C PHE C 94 9.22 46.31 -25.74
N GLY C 95 8.63 45.18 -26.09
CA GLY C 95 9.37 44.11 -26.73
C GLY C 95 9.64 42.97 -25.76
N ALA C 96 9.01 43.03 -24.59
CA ALA C 96 9.14 41.98 -23.59
C ALA C 96 8.45 40.71 -24.05
N SER C 97 7.41 40.88 -24.87
CA SER C 97 6.69 39.74 -25.46
C SER C 97 6.42 40.01 -26.93
N VAL C 98 6.97 39.17 -27.80
CA VAL C 98 6.82 39.35 -29.23
C VAL C 98 6.21 38.12 -29.90
N ARG C 99 5.01 38.27 -30.46
CA ARG C 99 4.36 37.20 -31.19
C ARG C 99 4.05 37.63 -32.62
N SER C 100 4.27 36.74 -33.57
CA SER C 100 4.06 37.05 -34.98
C SER C 100 3.29 35.98 -35.73
N LYS C 101 2.41 36.41 -36.62
CA LYS C 101 1.64 35.49 -37.46
C LYS C 101 1.49 36.04 -38.87
N GLN C 102 2.16 35.40 -39.82
CA GLN C 102 2.18 35.84 -41.21
C GLN C 102 2.68 37.27 -41.35
N ASP C 103 1.80 38.17 -41.79
CA ASP C 103 2.17 39.57 -41.95
C ASP C 103 2.05 40.36 -40.65
N LYS C 104 1.22 39.87 -39.74
CA LYS C 104 0.94 40.57 -38.50
C LYS C 104 2.04 40.37 -37.45
N ILE C 105 2.47 41.47 -36.85
CA ILE C 105 3.41 41.42 -35.74
C ILE C 105 2.82 42.11 -34.51
N LEU C 106 2.89 41.44 -33.37
CA LEU C 106 2.34 41.99 -32.14
C LEU C 106 3.37 42.04 -31.02
N ALA C 107 3.77 43.25 -30.65
CA ALA C 107 4.70 43.45 -29.53
C ALA C 107 4.00 44.23 -28.42
N CYS C 108 4.43 44.02 -27.18
CA CYS C 108 3.76 44.64 -26.03
C CYS C 108 4.73 45.28 -25.04
N ALA C 109 4.20 46.18 -24.23
CA ALA C 109 4.96 46.83 -23.16
C ALA C 109 4.25 46.65 -21.82
N PRO C 110 4.62 45.59 -21.08
CA PRO C 110 4.00 45.23 -19.80
C PRO C 110 4.10 46.32 -18.74
N LEU C 111 5.17 47.10 -18.77
CA LEU C 111 5.38 48.15 -17.77
C LEU C 111 5.01 49.53 -18.30
N TYR C 112 4.12 49.55 -19.28
CA TYR C 112 3.57 50.80 -19.78
C TYR C 112 2.62 51.39 -18.75
N HIS C 113 3.00 52.52 -18.16
CA HIS C 113 2.17 53.17 -17.16
C HIS C 113 1.25 54.21 -17.81
N TRP C 114 0.11 54.44 -17.19
CA TRP C 114 -0.93 55.28 -17.78
C TRP C 114 -1.66 56.10 -16.72
N ARG C 115 -1.94 57.35 -17.05
CA ARG C 115 -2.66 58.24 -16.14
C ARG C 115 -4.16 58.12 -16.31
N THR C 116 -4.86 58.00 -15.18
CA THR C 116 -6.32 57.95 -15.18
C THR C 116 -6.89 59.25 -15.74
N GLU C 117 -7.96 59.16 -16.51
CA GLU C 117 -8.62 60.34 -17.07
C GLU C 117 -9.30 61.17 -15.98
N MET C 118 -9.35 60.62 -14.78
CA MET C 118 -9.96 61.29 -13.64
C MET C 118 -8.92 61.81 -12.66
N LYS C 119 -8.14 60.90 -12.07
CA LYS C 119 -7.10 61.30 -11.12
C LYS C 119 -5.72 61.25 -11.78
N GLN C 120 -4.76 61.94 -11.18
CA GLN C 120 -3.39 61.93 -11.66
C GLN C 120 -2.65 60.73 -11.10
N GLU C 121 -2.72 59.60 -11.80
CA GLU C 121 -2.10 58.37 -11.32
C GLU C 121 -1.05 57.86 -12.31
N ARG C 122 -0.33 56.83 -11.89
CA ARG C 122 0.65 56.17 -12.75
C ARG C 122 0.45 54.67 -12.66
N GLU C 123 -0.51 54.16 -13.44
CA GLU C 123 -0.91 52.76 -13.36
C GLU C 123 -0.42 51.97 -14.57
N PRO C 124 0.26 50.84 -14.30
CA PRO C 124 0.79 49.96 -15.35
C PRO C 124 -0.29 49.08 -15.99
N VAL C 125 -1.08 49.66 -16.88
CA VAL C 125 -2.13 48.90 -17.56
C VAL C 125 -1.54 48.02 -18.66
N GLY C 126 -0.38 48.43 -19.19
CA GLY C 126 0.26 47.73 -20.27
C GLY C 126 -0.43 47.99 -21.60
N THR C 127 0.36 48.03 -22.67
CA THR C 127 -0.19 48.28 -24.00
C THR C 127 0.53 47.48 -25.06
N CYS C 128 -0.04 47.44 -26.26
CA CYS C 128 0.53 46.69 -27.37
C CYS C 128 0.39 47.46 -28.68
N PHE C 129 1.25 47.14 -29.65
CA PHE C 129 1.20 47.76 -30.96
C PHE C 129 1.13 46.73 -32.08
N LEU C 130 -0.07 46.50 -32.60
CA LEU C 130 -0.29 45.55 -33.68
C LEU C 130 0.03 46.18 -35.04
N GLN C 131 0.76 45.43 -35.87
CA GLN C 131 1.13 45.91 -37.19
C GLN C 131 0.78 44.92 -38.29
N ASP C 132 -0.11 45.32 -39.19
CA ASP C 132 -0.48 44.49 -40.33
C ASP C 132 0.37 44.82 -41.56
N GLY C 133 1.68 44.77 -41.40
CA GLY C 133 2.60 45.03 -42.50
C GLY C 133 2.74 46.51 -42.83
N THR C 134 1.64 47.14 -43.19
CA THR C 134 1.63 48.56 -43.52
C THR C 134 0.93 49.32 -42.39
N LYS C 135 -0.19 48.78 -41.93
CA LYS C 135 -0.98 49.38 -40.87
C LYS C 135 -0.26 49.21 -39.54
N THR C 136 -0.53 50.12 -38.60
CA THR C 136 0.02 50.01 -37.26
C THR C 136 -0.89 50.69 -36.25
N VAL C 137 -1.49 49.90 -35.36
CA VAL C 137 -2.42 50.41 -34.38
C VAL C 137 -1.95 50.13 -32.96
N GLU C 138 -2.67 50.69 -31.98
CA GLU C 138 -2.34 50.47 -30.58
C GLU C 138 -3.43 49.64 -29.92
N TYR C 139 -3.04 48.68 -29.08
CA TYR C 139 -3.99 47.78 -28.44
C TYR C 139 -3.80 47.73 -26.93
N ALA C 140 -4.64 48.46 -26.20
CA ALA C 140 -4.60 48.46 -24.75
C ALA C 140 -5.99 48.20 -24.17
N PRO C 141 -6.35 46.92 -24.00
CA PRO C 141 -7.67 46.52 -23.52
C PRO C 141 -7.87 46.77 -22.04
N CYS C 142 -6.77 46.85 -21.29
CA CYS C 142 -6.83 47.09 -19.86
C CYS C 142 -6.94 48.58 -19.56
N ARG C 143 -6.63 49.41 -20.54
CA ARG C 143 -6.73 50.85 -20.41
C ARG C 143 -8.18 51.30 -20.54
N SER C 144 -8.96 51.08 -19.48
CA SER C 144 -10.38 51.38 -19.49
C SER C 144 -10.78 52.28 -18.34
N GLN C 145 -12.09 52.37 -18.08
CA GLN C 145 -12.59 53.19 -16.99
C GLN C 145 -12.49 52.48 -15.65
N ASP C 146 -12.32 51.15 -15.70
CA ASP C 146 -12.14 50.37 -14.50
C ASP C 146 -10.69 50.54 -14.03
N ILE C 147 -10.47 51.49 -13.14
CA ILE C 147 -9.12 51.87 -12.74
C ILE C 147 -8.69 51.28 -11.39
N ASP C 148 -7.45 51.60 -11.01
CA ASP C 148 -6.85 51.13 -9.75
C ASP C 148 -6.74 49.61 -9.73
N ALA C 149 -6.36 49.05 -8.58
CA ALA C 149 -6.11 47.62 -8.46
C ALA C 149 -7.37 46.78 -8.66
N ASP C 150 -8.49 47.22 -8.10
CA ASP C 150 -9.74 46.49 -8.23
C ASP C 150 -10.20 46.44 -9.68
N GLY C 151 -9.77 47.41 -10.46
CA GLY C 151 -10.07 47.43 -11.88
C GLY C 151 -8.94 46.81 -12.67
N GLN C 152 -8.53 47.47 -13.75
CA GLN C 152 -7.48 46.95 -14.62
C GLN C 152 -6.29 47.91 -14.66
N GLY C 153 -6.08 48.64 -13.57
CA GLY C 153 -5.00 49.61 -13.51
C GLY C 153 -3.63 48.97 -13.47
N PHE C 154 -3.50 47.93 -12.66
CA PHE C 154 -2.23 47.22 -12.54
C PHE C 154 -2.27 45.92 -13.35
N CYS C 155 -3.13 45.91 -14.36
CA CYS C 155 -3.35 44.74 -15.22
C CYS C 155 -2.05 44.26 -15.88
N GLN C 156 -1.25 45.20 -16.36
CA GLN C 156 -0.04 44.90 -17.13
C GLN C 156 -0.36 44.02 -18.33
N GLY C 157 -1.41 44.39 -19.06
CA GLY C 157 -1.84 43.64 -20.23
C GLY C 157 -0.76 43.56 -21.29
N GLY C 158 -0.58 42.37 -21.84
CA GLY C 158 0.46 42.13 -22.84
C GLY C 158 1.65 41.42 -22.23
N PHE C 159 1.52 41.05 -20.96
CA PHE C 159 2.56 40.32 -20.25
C PHE C 159 2.82 38.98 -20.94
N SER C 160 1.76 38.39 -21.49
CA SER C 160 1.87 37.17 -22.28
C SER C 160 0.84 37.19 -23.41
N ILE C 161 1.30 36.95 -24.63
CA ILE C 161 0.43 37.00 -25.81
C ILE C 161 0.64 35.80 -26.72
N ASP C 162 -0.37 35.50 -27.53
CA ASP C 162 -0.32 34.38 -28.47
C ASP C 162 -1.47 34.47 -29.48
N PHE C 163 -1.23 34.04 -30.71
CA PHE C 163 -2.26 34.05 -31.75
C PHE C 163 -2.99 32.72 -31.86
N THR C 164 -4.21 32.76 -32.39
CA THR C 164 -4.98 31.55 -32.65
C THR C 164 -5.01 31.27 -34.16
N LYS C 165 -5.66 30.16 -34.54
CA LYS C 165 -5.76 29.78 -35.94
C LYS C 165 -6.87 30.54 -36.66
N ALA C 166 -7.71 31.22 -35.88
CA ALA C 166 -8.84 31.95 -36.45
C ALA C 166 -8.59 33.46 -36.45
N ASP C 167 -7.32 33.84 -36.49
CA ASP C 167 -6.89 35.24 -36.47
C ASP C 167 -7.49 35.99 -35.28
N ARG C 168 -7.17 35.54 -34.08
CA ARG C 168 -7.63 36.20 -32.86
C ARG C 168 -6.51 36.30 -31.84
N VAL C 169 -6.46 37.43 -31.13
CA VAL C 169 -5.38 37.70 -30.19
C VAL C 169 -5.74 37.22 -28.78
N LEU C 170 -4.83 36.48 -28.16
CA LEU C 170 -4.97 36.07 -26.76
C LEU C 170 -3.98 36.84 -25.89
N LEU C 171 -4.51 37.61 -24.95
CA LEU C 171 -3.67 38.44 -24.10
C LEU C 171 -3.88 38.12 -22.62
N GLY C 172 -2.79 38.16 -21.85
CA GLY C 172 -2.86 37.87 -20.43
C GLY C 172 -2.33 39.00 -19.57
N GLY C 173 -3.08 39.35 -18.53
CA GLY C 173 -2.67 40.37 -17.58
C GLY C 173 -2.82 39.90 -16.15
N PRO C 174 -1.68 39.59 -15.49
CA PRO C 174 -1.64 38.99 -14.16
C PRO C 174 -2.21 39.87 -13.04
N GLY C 175 -2.14 41.19 -13.20
CA GLY C 175 -2.47 42.09 -12.11
C GLY C 175 -3.89 42.61 -12.04
N SER C 176 -4.77 42.09 -12.89
CA SER C 176 -6.15 42.55 -12.92
C SER C 176 -6.94 42.10 -11.69
N PHE C 177 -7.79 43.00 -11.20
CA PHE C 177 -8.66 42.74 -10.06
C PHE C 177 -7.89 42.25 -8.84
N TYR C 178 -7.00 43.10 -8.32
CA TYR C 178 -6.11 42.74 -7.22
C TYR C 178 -5.32 41.48 -7.53
N TRP C 179 -4.72 41.46 -8.71
CA TRP C 179 -3.84 40.37 -9.15
C TRP C 179 -4.56 39.02 -9.19
N GLN C 180 -5.87 39.04 -9.43
CA GLN C 180 -6.60 37.83 -9.75
C GLN C 180 -6.11 37.32 -11.10
N GLY C 181 -5.83 38.27 -11.98
CA GLY C 181 -5.43 37.95 -13.34
C GLY C 181 -6.61 38.08 -14.27
N GLN C 182 -6.34 38.15 -15.57
CA GLN C 182 -7.40 38.27 -16.55
C GLN C 182 -6.92 37.80 -17.91
N LEU C 183 -7.78 37.06 -18.61
CA LEU C 183 -7.51 36.65 -19.97
C LEU C 183 -8.40 37.43 -20.91
N ILE C 184 -7.80 38.18 -21.82
CA ILE C 184 -8.55 38.99 -22.77
C ILE C 184 -8.32 38.49 -24.19
N SER C 185 -9.40 38.36 -24.95
CA SER C 185 -9.31 37.89 -26.33
C SER C 185 -10.13 38.75 -27.28
N ASP C 186 -9.45 39.34 -28.26
CA ASP C 186 -10.10 40.15 -29.27
C ASP C 186 -9.68 39.73 -30.67
N GLN C 187 -10.60 39.84 -31.62
CA GLN C 187 -10.30 39.54 -33.02
C GLN C 187 -9.39 40.60 -33.61
N VAL C 188 -8.45 40.18 -34.45
CA VAL C 188 -7.50 41.10 -35.08
C VAL C 188 -8.19 42.09 -35.99
N ALA C 189 -9.41 41.76 -36.42
CA ALA C 189 -10.18 42.63 -37.30
C ALA C 189 -10.71 43.84 -36.54
N GLU C 190 -11.17 43.63 -35.31
CA GLU C 190 -11.72 44.71 -34.51
C GLU C 190 -10.64 45.57 -33.86
N ILE C 191 -9.45 45.00 -33.67
CA ILE C 191 -8.35 45.75 -33.08
C ILE C 191 -7.88 46.87 -34.00
N VAL C 192 -7.90 46.62 -35.31
CA VAL C 192 -7.44 47.60 -36.29
C VAL C 192 -8.57 48.49 -36.78
N SER C 193 -9.77 47.94 -36.91
CA SER C 193 -10.90 48.68 -37.45
C SER C 193 -11.50 49.65 -36.43
N LYS C 194 -11.70 49.17 -35.21
CA LYS C 194 -12.30 49.98 -34.17
C LYS C 194 -11.28 50.90 -33.50
N TYR C 195 -10.05 50.88 -34.00
CA TYR C 195 -8.97 51.69 -33.45
C TYR C 195 -9.24 53.18 -33.61
N ASP C 196 -8.87 53.94 -32.60
CA ASP C 196 -9.05 55.39 -32.60
C ASP C 196 -7.95 56.06 -31.80
N PRO C 197 -7.11 56.88 -32.48
CA PRO C 197 -5.99 57.57 -31.82
C PRO C 197 -6.45 58.59 -30.79
N ASN C 198 -7.65 59.13 -30.97
CA ASN C 198 -8.20 60.11 -30.04
C ASN C 198 -8.91 59.47 -28.86
N VAL C 199 -9.15 58.17 -28.96
CA VAL C 199 -9.79 57.41 -27.88
C VAL C 199 -8.78 56.55 -27.15
N TYR C 200 -8.76 56.66 -25.82
CA TYR C 200 -7.79 55.94 -25.00
C TYR C 200 -8.37 54.64 -24.46
N SER C 201 -9.70 54.58 -24.38
CA SER C 201 -10.39 53.37 -23.94
C SER C 201 -11.32 52.86 -25.03
N ILE C 202 -10.76 52.09 -25.96
CA ILE C 202 -11.52 51.59 -27.09
C ILE C 202 -12.35 50.38 -26.70
N LYS C 203 -13.64 50.41 -27.04
CA LYS C 203 -14.53 49.30 -26.77
C LYS C 203 -14.66 48.37 -27.98
N TYR C 204 -14.40 47.09 -27.76
CA TYR C 204 -14.52 46.09 -28.81
C TYR C 204 -15.80 45.28 -28.60
N ASN C 205 -16.49 44.94 -29.69
CA ASN C 205 -17.78 44.27 -29.59
C ASN C 205 -17.68 42.80 -29.20
N ASN C 206 -16.93 42.03 -29.98
CA ASN C 206 -16.77 40.60 -29.73
C ASN C 206 -15.63 40.29 -28.77
N GLN C 207 -15.57 41.01 -27.65
CA GLN C 207 -14.49 40.84 -26.69
C GLN C 207 -14.80 39.69 -25.72
N LEU C 208 -13.83 38.80 -25.57
CA LEU C 208 -13.94 37.71 -24.61
C LEU C 208 -12.94 37.92 -23.47
N ALA C 209 -13.46 38.05 -22.25
CA ALA C 209 -12.61 38.29 -21.10
C ALA C 209 -13.14 37.60 -19.86
N THR C 210 -12.23 37.22 -18.96
CA THR C 210 -12.63 36.61 -17.70
C THR C 210 -13.14 37.69 -16.76
N ARG C 211 -14.26 37.42 -16.10
CA ARG C 211 -14.87 38.39 -15.20
C ARG C 211 -14.16 38.42 -13.86
N THR C 212 -14.42 39.44 -13.07
CA THR C 212 -13.87 39.54 -11.72
C THR C 212 -14.51 38.51 -10.81
N ALA C 213 -13.73 37.96 -9.89
CA ALA C 213 -14.22 36.92 -9.00
C ALA C 213 -14.16 37.35 -7.54
N GLN C 214 -14.31 36.39 -6.63
CA GLN C 214 -14.28 36.67 -5.20
C GLN C 214 -12.89 37.09 -4.73
N ALA C 215 -12.81 37.58 -3.50
CA ALA C 215 -11.56 38.06 -2.94
C ALA C 215 -10.61 36.90 -2.63
N ILE C 216 -11.15 35.69 -2.55
CA ILE C 216 -10.34 34.51 -2.30
C ILE C 216 -9.49 34.18 -3.52
N PHE C 217 -9.89 34.69 -4.68
CA PHE C 217 -9.19 34.44 -5.92
C PHE C 217 -8.11 35.49 -6.18
N ASP C 218 -8.00 36.46 -5.27
CA ASP C 218 -6.93 37.46 -5.34
C ASP C 218 -5.56 36.78 -5.22
N ASP C 219 -4.52 37.43 -5.72
CA ASP C 219 -3.17 36.89 -5.68
C ASP C 219 -3.11 35.53 -6.38
N SER C 220 -3.31 35.52 -7.70
CA SER C 220 -3.32 34.29 -8.47
C SER C 220 -2.40 34.39 -9.69
N TYR C 221 -2.34 35.60 -10.26
CA TYR C 221 -1.51 35.91 -11.44
C TYR C 221 -1.97 35.14 -12.68
N LEU C 222 -3.27 35.09 -12.92
CA LEU C 222 -3.80 34.51 -14.15
C LEU C 222 -3.37 35.31 -15.37
N GLY C 223 -2.86 34.64 -16.40
CA GLY C 223 -2.37 35.32 -17.58
C GLY C 223 -0.88 35.52 -17.53
N TYR C 224 -0.23 34.80 -16.62
CA TYR C 224 1.22 34.85 -16.48
C TYR C 224 1.88 34.28 -17.72
N SER C 225 1.25 33.29 -18.32
CA SER C 225 1.73 32.67 -19.55
C SER C 225 0.53 32.16 -20.35
N VAL C 226 0.67 32.11 -21.67
CA VAL C 226 -0.45 31.70 -22.53
C VAL C 226 -0.04 30.74 -23.64
N ALA C 227 -1.02 29.98 -24.12
CA ALA C 227 -0.83 29.04 -25.23
C ALA C 227 -2.19 28.71 -25.82
N VAL C 228 -2.21 28.26 -27.08
CA VAL C 228 -3.47 27.96 -27.75
C VAL C 228 -3.54 26.53 -28.26
N GLY C 229 -4.76 26.01 -28.35
CA GLY C 229 -5.00 24.66 -28.83
C GLY C 229 -6.45 24.25 -28.59
N ASP C 230 -6.93 23.31 -29.38
CA ASP C 230 -8.31 22.83 -29.26
C ASP C 230 -8.41 21.67 -28.28
N PHE C 231 -9.45 21.68 -27.44
CA PHE C 231 -9.57 20.67 -26.40
C PHE C 231 -11.00 20.13 -26.26
N ASN C 232 -11.95 20.74 -26.95
CA ASN C 232 -13.32 20.24 -26.94
C ASN C 232 -13.78 19.77 -28.32
N GLY C 233 -12.83 19.67 -29.24
CA GLY C 233 -13.08 19.14 -30.56
C GLY C 233 -14.09 19.91 -31.38
N ASP C 234 -13.88 21.22 -31.51
CA ASP C 234 -14.76 22.06 -32.32
C ASP C 234 -13.97 22.78 -33.41
N GLY C 235 -12.65 22.66 -33.36
CA GLY C 235 -11.79 23.27 -34.36
C GLY C 235 -11.16 24.57 -33.90
N ILE C 236 -11.91 25.34 -33.12
CA ILE C 236 -11.43 26.63 -32.63
C ILE C 236 -10.45 26.45 -31.48
N ASP C 237 -9.31 27.12 -31.57
CA ASP C 237 -8.28 27.07 -30.53
C ASP C 237 -8.80 27.62 -29.21
N ASP C 238 -8.55 26.87 -28.14
CA ASP C 238 -8.97 27.28 -26.80
C ASP C 238 -7.81 27.91 -26.04
N PHE C 239 -8.13 28.57 -24.93
CA PHE C 239 -7.14 29.36 -24.20
C PHE C 239 -6.56 28.62 -23.01
N VAL C 240 -5.24 28.50 -23.00
CA VAL C 240 -4.53 27.88 -21.88
C VAL C 240 -3.65 28.91 -21.19
N SER C 241 -3.80 29.04 -19.87
CA SER C 241 -3.05 30.03 -19.11
C SER C 241 -2.59 29.53 -17.75
N GLY C 242 -1.36 29.89 -17.38
CA GLY C 242 -0.81 29.50 -16.11
C GLY C 242 -1.19 30.47 -15.00
N VAL C 243 -1.60 29.92 -13.86
CA VAL C 243 -2.01 30.72 -12.71
C VAL C 243 -1.13 30.36 -11.51
N PRO C 244 0.13 30.81 -11.53
CA PRO C 244 1.20 30.35 -10.62
C PRO C 244 0.94 30.55 -9.13
N ARG C 245 0.20 31.59 -8.77
CA ARG C 245 -0.01 31.87 -7.35
C ARG C 245 -1.41 31.47 -6.86
N ALA C 246 -2.11 30.69 -7.68
CA ALA C 246 -3.44 30.21 -7.30
C ALA C 246 -3.35 29.05 -6.32
N ALA C 247 -4.43 28.83 -5.56
CA ALA C 247 -4.51 27.74 -4.60
C ALA C 247 -3.39 27.78 -3.56
N ARG C 248 -3.18 28.96 -2.98
CA ARG C 248 -2.16 29.18 -1.96
C ARG C 248 -0.76 28.83 -2.46
N THR C 249 -0.33 29.53 -3.51
CA THR C 249 1.00 29.36 -4.10
C THR C 249 1.29 27.93 -4.50
N LEU C 250 0.25 27.18 -4.84
CA LEU C 250 0.41 25.81 -5.29
C LEU C 250 0.55 25.78 -6.80
N GLY C 251 -0.15 26.68 -7.46
CA GLY C 251 -0.09 26.81 -8.91
C GLY C 251 -1.21 26.06 -9.60
N MET C 252 -1.89 26.73 -10.51
CA MET C 252 -2.92 26.10 -11.32
C MET C 252 -2.79 26.51 -12.78
N VAL C 253 -3.47 25.79 -13.66
CA VAL C 253 -3.48 26.15 -15.08
C VAL C 253 -4.90 26.06 -15.62
N TYR C 254 -5.45 27.23 -15.98
CA TYR C 254 -6.83 27.30 -16.45
C TYR C 254 -6.93 27.04 -17.95
N ILE C 255 -8.02 26.40 -18.36
CA ILE C 255 -8.31 26.22 -19.78
C ILE C 255 -9.71 26.73 -20.09
N TYR C 256 -9.78 27.81 -20.87
CA TYR C 256 -11.06 28.39 -21.25
C TYR C 256 -11.41 28.07 -22.69
N ASP C 257 -12.71 28.03 -22.97
CA ASP C 257 -13.22 27.79 -24.31
C ASP C 257 -13.01 29.02 -25.19
N GLY C 258 -12.36 28.82 -26.34
CA GLY C 258 -12.04 29.92 -27.22
C GLY C 258 -13.21 30.46 -28.03
N LYS C 259 -14.43 30.17 -27.57
CA LYS C 259 -15.62 30.63 -28.25
C LYS C 259 -16.43 31.59 -27.38
N ASN C 260 -16.54 31.26 -26.09
CA ASN C 260 -17.34 32.06 -25.16
C ASN C 260 -16.71 32.23 -23.78
N MET C 261 -15.41 31.95 -23.69
CA MET C 261 -14.67 32.08 -22.44
C MET C 261 -15.32 31.29 -21.30
N SER C 262 -15.36 29.97 -21.45
CA SER C 262 -15.93 29.10 -20.42
C SER C 262 -14.91 28.10 -19.92
N SER C 263 -14.90 27.87 -18.60
CA SER C 263 -13.93 26.97 -17.98
C SER C 263 -14.15 25.52 -18.39
N LEU C 264 -13.08 24.87 -18.85
CA LEU C 264 -13.13 23.46 -19.25
C LEU C 264 -12.49 22.56 -18.20
N TYR C 265 -11.16 22.53 -18.18
CA TYR C 265 -10.42 21.73 -17.20
C TYR C 265 -9.43 22.63 -16.49
N ASN C 266 -9.07 22.27 -15.27
CA ASN C 266 -8.08 23.05 -14.53
C ASN C 266 -7.11 22.18 -13.74
N PHE C 267 -5.82 22.39 -14.00
CA PHE C 267 -4.75 21.65 -13.35
C PHE C 267 -4.38 22.26 -12.01
N THR C 268 -3.58 21.55 -11.23
CA THR C 268 -3.17 22.03 -9.92
C THR C 268 -1.78 21.48 -9.56
N GLY C 269 -0.93 22.35 -9.01
CA GLY C 269 0.41 21.95 -8.64
C GLY C 269 0.43 20.98 -7.49
N GLU C 270 1.58 20.31 -7.31
CA GLU C 270 1.71 19.30 -6.25
C GLU C 270 2.59 19.80 -5.11
N GLN C 271 3.40 20.81 -5.40
CA GLN C 271 4.35 21.33 -4.42
C GLN C 271 4.13 22.82 -4.17
N MET C 272 4.37 23.24 -2.93
CA MET C 272 4.19 24.63 -2.53
C MET C 272 5.25 25.53 -3.15
N ALA C 273 4.80 26.65 -3.73
CA ALA C 273 5.69 27.69 -4.26
C ALA C 273 6.73 27.16 -5.25
N ALA C 274 6.33 26.20 -6.07
CA ALA C 274 7.20 25.67 -7.12
C ALA C 274 7.00 26.43 -8.42
N TYR C 275 6.10 27.42 -8.37
CA TYR C 275 5.74 28.23 -9.53
C TYR C 275 5.16 27.37 -10.66
N PHE C 276 4.18 26.55 -10.32
CA PHE C 276 3.48 25.75 -11.30
C PHE C 276 2.61 26.64 -12.19
N GLY C 277 3.09 26.90 -13.41
CA GLY C 277 2.36 27.74 -14.34
C GLY C 277 3.19 28.89 -14.89
N PHE C 278 4.50 28.82 -14.66
CA PHE C 278 5.42 29.84 -15.15
C PHE C 278 5.43 29.88 -16.67
N SER C 279 5.36 28.69 -17.28
CA SER C 279 5.37 28.59 -18.74
C SER C 279 4.49 27.42 -19.20
N VAL C 280 3.62 27.69 -20.16
CA VAL C 280 2.74 26.67 -20.70
C VAL C 280 2.89 26.53 -22.22
N ALA C 281 2.61 25.34 -22.73
CA ALA C 281 2.70 25.07 -24.15
C ALA C 281 1.67 24.01 -24.58
N ALA C 282 1.26 24.06 -25.83
CA ALA C 282 0.29 23.11 -26.36
C ALA C 282 0.66 22.63 -27.75
N THR C 283 1.02 21.35 -27.86
CA THR C 283 1.33 20.76 -29.16
C THR C 283 1.08 19.25 -29.12
N ASP C 284 0.64 18.70 -30.25
CA ASP C 284 0.38 17.27 -30.34
C ASP C 284 1.69 16.49 -30.39
N ILE C 285 2.01 15.81 -29.28
CA ILE C 285 3.30 15.17 -29.13
C ILE C 285 3.28 13.69 -29.54
N ASN C 286 2.10 13.10 -29.64
CA ASN C 286 1.98 11.68 -29.92
C ASN C 286 1.38 11.38 -31.29
N GLY C 287 1.13 12.43 -32.08
CA GLY C 287 0.65 12.27 -33.43
C GLY C 287 -0.76 11.72 -33.54
N ASP C 288 -1.60 12.04 -32.56
CA ASP C 288 -2.99 11.60 -32.58
C ASP C 288 -3.93 12.76 -32.86
N ASP C 289 -3.38 13.85 -33.41
CA ASP C 289 -4.15 15.05 -33.75
C ASP C 289 -4.90 15.64 -32.55
N TYR C 290 -4.34 15.44 -31.36
CA TYR C 290 -4.88 16.05 -30.15
C TYR C 290 -3.82 16.92 -29.49
N ALA C 291 -4.14 18.19 -29.26
CA ALA C 291 -3.22 19.11 -28.61
C ALA C 291 -2.90 18.65 -27.20
N ASP C 292 -1.61 18.56 -26.88
CA ASP C 292 -1.18 18.10 -25.56
C ASP C 292 -0.59 19.24 -24.75
N VAL C 293 -0.96 19.32 -23.48
CA VAL C 293 -0.58 20.44 -22.63
C VAL C 293 0.76 20.22 -21.92
N PHE C 294 1.64 21.19 -22.05
CA PHE C 294 2.92 21.18 -21.34
C PHE C 294 2.96 22.29 -20.31
N ILE C 295 3.26 21.95 -19.06
CA ILE C 295 3.30 22.93 -17.98
C ILE C 295 4.62 22.87 -17.23
N GLY C 296 5.27 24.02 -17.09
CA GLY C 296 6.55 24.10 -16.42
C GLY C 296 6.49 24.60 -14.99
N ALA C 297 7.35 24.05 -14.14
CA ALA C 297 7.49 24.48 -12.75
C ALA C 297 8.95 24.41 -12.33
N PRO C 298 9.74 25.43 -12.71
CA PRO C 298 11.20 25.43 -12.58
C PRO C 298 11.70 25.40 -11.14
N LEU C 299 10.85 25.75 -10.18
CA LEU C 299 11.28 25.81 -8.78
C LEU C 299 10.96 24.53 -8.03
N PHE C 300 10.44 23.53 -8.75
CA PHE C 300 10.07 22.26 -8.13
C PHE C 300 11.28 21.54 -7.55
N MET C 301 11.13 21.10 -6.29
CA MET C 301 12.21 20.40 -5.61
C MET C 301 12.00 18.88 -5.64
N ASP C 302 13.08 18.14 -5.84
CA ASP C 302 12.99 16.69 -5.98
C ASP C 302 13.92 15.98 -5.00
N ARG C 303 13.49 14.83 -4.49
CA ARG C 303 14.31 14.02 -3.60
C ARG C 303 15.14 13.01 -4.37
N GLY C 304 16.44 12.99 -4.11
CA GLY C 304 17.34 12.07 -4.78
C GLY C 304 17.55 10.80 -3.97
N SER C 305 18.55 10.02 -4.36
CA SER C 305 18.87 8.79 -3.66
C SER C 305 19.27 9.05 -2.22
N ASP C 306 19.95 10.16 -1.99
CA ASP C 306 20.39 10.54 -0.65
C ASP C 306 19.24 11.07 0.21
N GLY C 307 18.07 11.22 -0.40
CA GLY C 307 16.89 11.68 0.32
C GLY C 307 16.86 13.17 0.61
N LYS C 308 17.65 13.94 -0.15
CA LYS C 308 17.71 15.38 0.03
C LYS C 308 16.96 16.11 -1.07
N LEU C 309 16.14 17.08 -0.68
CA LEU C 309 15.44 17.93 -1.64
C LEU C 309 16.42 18.76 -2.46
N GLN C 310 16.14 18.89 -3.74
CA GLN C 310 16.95 19.74 -4.60
C GLN C 310 16.11 20.35 -5.71
N GLU C 311 16.18 21.68 -5.84
CA GLU C 311 15.44 22.38 -6.88
C GLU C 311 15.99 22.03 -8.25
N VAL C 312 15.20 21.30 -9.03
CA VAL C 312 15.63 20.86 -10.35
C VAL C 312 14.61 21.24 -11.43
N GLY C 313 13.38 21.51 -11.02
CA GLY C 313 12.34 21.89 -11.96
C GLY C 313 11.60 20.68 -12.49
N GLN C 314 10.37 20.89 -12.95
CA GLN C 314 9.53 19.79 -13.42
C GLN C 314 8.54 20.25 -14.49
N VAL C 315 8.48 19.49 -15.58
CA VAL C 315 7.53 19.75 -16.65
C VAL C 315 6.50 18.63 -16.76
N SER C 316 5.22 18.98 -16.63
CA SER C 316 4.17 17.98 -16.68
C SER C 316 3.61 17.84 -18.10
N VAL C 317 3.67 16.63 -18.63
CA VAL C 317 3.18 16.36 -19.98
C VAL C 317 1.81 15.69 -19.92
N SER C 318 0.77 16.45 -20.24
CA SER C 318 -0.59 15.93 -20.20
C SER C 318 -1.10 15.64 -21.61
N LEU C 319 -1.09 14.36 -21.98
CA LEU C 319 -1.58 13.93 -23.28
C LEU C 319 -3.11 13.93 -23.31
N GLN C 320 -3.69 14.58 -24.31
CA GLN C 320 -5.14 14.69 -24.42
C GLN C 320 -5.76 13.44 -25.02
N ARG C 321 -6.70 12.85 -24.31
CA ARG C 321 -7.44 11.69 -24.79
C ARG C 321 -8.80 12.10 -25.30
N ALA C 322 -9.38 11.28 -26.18
CA ALA C 322 -10.70 11.56 -26.75
C ALA C 322 -11.78 11.52 -25.68
N SER C 323 -11.51 10.79 -24.60
CA SER C 323 -12.44 10.68 -23.49
C SER C 323 -12.58 11.99 -22.74
N GLY C 324 -11.58 12.85 -22.86
CA GLY C 324 -11.57 14.13 -22.19
C GLY C 324 -10.55 14.17 -21.07
N ASP C 325 -10.09 13.00 -20.65
CA ASP C 325 -9.10 12.88 -19.60
C ASP C 325 -7.70 13.18 -20.13
N PHE C 326 -6.76 13.40 -19.23
CA PHE C 326 -5.39 13.66 -19.62
C PHE C 326 -4.43 12.56 -19.14
N GLN C 327 -3.44 12.26 -19.97
CA GLN C 327 -2.41 11.28 -19.61
C GLN C 327 -1.18 12.01 -19.07
N THR C 328 -1.25 12.40 -17.80
CA THR C 328 -0.21 13.23 -17.21
C THR C 328 1.07 12.45 -16.93
N THR C 329 2.19 12.98 -17.42
CA THR C 329 3.50 12.42 -17.16
C THR C 329 4.47 13.54 -16.79
N LYS C 330 5.07 13.44 -15.61
CA LYS C 330 5.95 14.49 -15.12
C LYS C 330 7.41 14.25 -15.51
N LEU C 331 8.13 15.32 -15.79
CA LEU C 331 9.52 15.25 -16.24
C LEU C 331 10.40 16.19 -15.44
N ASN C 332 11.31 15.63 -14.63
CA ASN C 332 12.15 16.42 -13.76
C ASN C 332 13.41 16.94 -14.45
N GLY C 333 14.03 17.95 -13.84
CA GLY C 333 15.25 18.54 -14.36
C GLY C 333 16.46 17.68 -14.08
N PHE C 334 17.64 18.17 -14.43
CA PHE C 334 18.87 17.40 -14.28
C PHE C 334 19.88 18.08 -13.36
N GLU C 335 20.05 19.39 -13.51
CA GLU C 335 20.97 20.14 -12.68
C GLU C 335 20.23 20.94 -11.61
N VAL C 336 20.86 21.10 -10.45
CA VAL C 336 20.27 21.83 -9.34
C VAL C 336 20.30 23.34 -9.59
N PHE C 337 19.20 24.00 -9.24
CA PHE C 337 19.08 25.46 -9.38
C PHE C 337 19.26 25.94 -10.82
N ALA C 338 19.00 25.04 -11.77
CA ALA C 338 19.11 25.40 -13.19
C ALA C 338 17.77 25.91 -13.70
N ARG C 339 16.73 25.69 -12.90
CA ARG C 339 15.35 26.07 -13.24
C ARG C 339 14.93 25.50 -14.60
N PHE C 340 15.00 24.18 -14.70
CA PHE C 340 14.55 23.45 -15.87
C PHE C 340 13.04 23.60 -16.04
N GLY C 341 12.61 24.11 -17.19
CA GLY C 341 11.20 24.29 -17.46
C GLY C 341 10.79 25.76 -17.49
N SER C 342 11.78 26.64 -17.55
CA SER C 342 11.51 28.08 -17.63
C SER C 342 10.85 28.43 -18.97
N ALA C 343 11.32 27.81 -20.03
CA ALA C 343 10.75 28.03 -21.36
C ALA C 343 10.42 26.70 -22.05
N ILE C 344 9.20 26.60 -22.55
CA ILE C 344 8.76 25.39 -23.25
C ILE C 344 8.24 25.74 -24.63
N ALA C 345 9.02 25.44 -25.66
CA ALA C 345 8.66 25.81 -27.03
C ALA C 345 8.56 24.59 -27.93
N PRO C 346 7.37 24.36 -28.50
CA PRO C 346 7.16 23.31 -29.50
C PRO C 346 8.02 23.52 -30.73
N LEU C 347 8.57 22.43 -31.28
CA LEU C 347 9.47 22.53 -32.42
C LEU C 347 8.84 21.96 -33.68
N GLY C 348 7.63 21.44 -33.54
CA GLY C 348 7.01 20.71 -34.62
C GLY C 348 7.74 19.40 -34.83
N ASP C 349 7.73 18.89 -36.05
CA ASP C 349 8.45 17.66 -36.36
C ASP C 349 9.88 17.98 -36.76
N LEU C 350 10.76 18.04 -35.76
CA LEU C 350 12.14 18.45 -35.97
C LEU C 350 12.92 17.49 -36.87
N ASP C 351 12.69 16.19 -36.69
CA ASP C 351 13.41 15.19 -37.46
C ASP C 351 12.56 14.59 -38.58
N GLN C 352 11.33 15.07 -38.71
CA GLN C 352 10.40 14.61 -39.74
C GLN C 352 10.18 13.09 -39.67
N ASP C 353 10.05 12.57 -38.46
CA ASP C 353 9.83 11.14 -38.27
C ASP C 353 8.35 10.80 -38.29
N GLY C 354 7.51 11.79 -37.97
CA GLY C 354 6.07 11.59 -37.98
C GLY C 354 5.42 12.11 -36.71
N PHE C 355 6.23 12.51 -35.75
CA PHE C 355 5.72 13.02 -34.48
C PHE C 355 6.34 14.38 -34.18
N ASN C 356 5.52 15.32 -33.73
CA ASN C 356 6.02 16.63 -33.34
C ASN C 356 6.95 16.51 -32.14
N ASP C 357 7.95 17.39 -32.09
CA ASP C 357 8.92 17.37 -31.00
C ASP C 357 8.82 18.65 -30.20
N ILE C 358 9.59 18.73 -29.10
CA ILE C 358 9.54 19.89 -28.22
C ILE C 358 10.89 20.12 -27.55
N ALA C 359 11.13 21.37 -27.15
CA ALA C 359 12.37 21.72 -26.46
C ALA C 359 12.09 22.36 -25.11
N ILE C 360 12.83 21.93 -24.09
CA ILE C 360 12.71 22.53 -22.77
C ILE C 360 14.08 23.01 -22.30
N ALA C 361 14.15 24.27 -21.88
CA ALA C 361 15.42 24.89 -21.55
C ALA C 361 15.64 25.06 -20.05
N ALA C 362 16.92 25.01 -19.65
CA ALA C 362 17.31 25.33 -18.29
C ALA C 362 18.29 26.50 -18.33
N PRO C 363 17.76 27.73 -18.34
CA PRO C 363 18.50 28.98 -18.59
C PRO C 363 19.71 29.19 -17.68
N TYR C 364 19.65 28.68 -16.45
CA TYR C 364 20.71 28.94 -15.49
C TYR C 364 21.49 27.68 -15.15
N GLY C 365 21.66 26.80 -16.14
CA GLY C 365 22.40 25.57 -15.94
C GLY C 365 23.68 25.51 -16.75
N GLY C 366 24.41 24.42 -16.62
CA GLY C 366 25.66 24.23 -17.34
C GLY C 366 26.85 24.82 -16.62
N GLU C 367 28.03 24.66 -17.21
CA GLU C 367 29.25 25.22 -16.64
C GLU C 367 29.20 26.74 -16.67
N ASP C 368 29.61 27.36 -15.57
CA ASP C 368 29.63 28.82 -15.44
C ASP C 368 28.25 29.44 -15.63
N LYS C 369 27.21 28.61 -15.45
CA LYS C 369 25.81 29.05 -15.55
C LYS C 369 25.53 29.78 -16.87
N LYS C 370 26.03 29.24 -17.97
CA LYS C 370 25.82 29.85 -19.28
C LYS C 370 24.39 29.64 -19.77
N GLY C 371 23.92 28.41 -19.70
CA GLY C 371 22.57 28.08 -20.13
C GLY C 371 22.51 26.78 -20.92
N ILE C 372 21.42 26.04 -20.72
CA ILE C 372 21.26 24.75 -21.40
C ILE C 372 19.87 24.63 -22.04
N VAL C 373 19.83 24.10 -23.26
CA VAL C 373 18.57 23.79 -23.92
C VAL C 373 18.50 22.29 -24.23
N TYR C 374 17.45 21.63 -23.73
CA TYR C 374 17.28 20.20 -23.97
C TYR C 374 16.27 19.96 -25.09
N ILE C 375 16.58 19.01 -25.97
CA ILE C 375 15.68 18.67 -27.08
C ILE C 375 15.05 17.28 -26.86
N PHE C 376 13.73 17.23 -26.83
CA PHE C 376 13.01 15.97 -26.64
C PHE C 376 12.19 15.60 -27.88
N ASN C 377 12.27 14.33 -28.27
CA ASN C 377 11.53 13.84 -29.43
C ASN C 377 10.22 13.18 -29.03
N GLY C 378 9.21 13.31 -29.88
CA GLY C 378 7.91 12.71 -29.63
C GLY C 378 7.78 11.35 -30.26
N ARG C 379 6.84 10.55 -29.76
CA ARG C 379 6.58 9.22 -30.28
C ARG C 379 5.16 8.77 -29.98
N SER C 380 4.82 7.55 -30.38
CA SER C 380 3.47 7.02 -30.21
C SER C 380 3.04 6.97 -28.75
N THR C 381 3.92 6.47 -27.89
CA THR C 381 3.64 6.34 -26.47
C THR C 381 3.51 7.70 -25.78
N GLY C 382 4.18 8.70 -26.33
CA GLY C 382 4.15 10.04 -25.77
C GLY C 382 5.45 10.79 -26.00
N LEU C 383 5.93 11.47 -24.95
CA LEU C 383 7.18 12.21 -25.04
C LEU C 383 8.34 11.39 -24.51
N ASN C 384 9.35 11.18 -25.36
CA ASN C 384 10.54 10.44 -24.97
C ASN C 384 11.30 11.17 -23.87
N ALA C 385 11.36 10.55 -22.70
CA ALA C 385 11.90 11.19 -21.50
C ALA C 385 13.38 11.57 -21.64
N VAL C 386 14.13 10.80 -22.42
CA VAL C 386 15.54 11.10 -22.62
C VAL C 386 15.76 12.07 -23.78
N PRO C 387 16.52 13.14 -23.53
CA PRO C 387 16.84 14.14 -24.57
C PRO C 387 17.82 13.59 -25.59
N SER C 388 17.65 13.98 -26.86
CA SER C 388 18.50 13.48 -27.92
C SER C 388 19.63 14.45 -28.25
N GLN C 389 19.55 15.65 -27.68
CA GLN C 389 20.56 16.67 -27.91
C GLN C 389 20.57 17.73 -26.82
N ILE C 390 21.77 18.19 -26.46
CA ILE C 390 21.93 19.22 -25.44
C ILE C 390 22.63 20.44 -26.02
N LEU C 391 21.94 21.57 -25.98
CA LEU C 391 22.49 22.83 -26.49
C LEU C 391 23.11 23.65 -25.35
N GLU C 392 24.38 24.01 -25.51
CA GLU C 392 25.10 24.71 -24.46
C GLU C 392 25.41 26.17 -24.82
N GLY C 393 25.37 27.04 -23.81
CA GLY C 393 25.73 28.42 -23.98
C GLY C 393 27.22 28.60 -24.18
N GLN C 394 27.62 29.73 -24.76
CA GLN C 394 29.02 30.00 -25.05
C GLN C 394 29.47 31.38 -24.59
N TRP C 395 28.72 31.99 -23.66
CA TRP C 395 28.99 33.36 -23.24
C TRP C 395 28.96 33.54 -21.72
N ALA C 396 29.94 34.28 -21.22
CA ALA C 396 30.08 34.53 -19.78
C ALA C 396 29.22 35.70 -19.32
N ALA C 397 28.94 35.76 -18.02
CA ALA C 397 28.07 36.78 -17.45
C ALA C 397 28.81 38.10 -17.22
N ARG C 398 28.07 39.20 -17.37
CA ARG C 398 28.60 40.54 -17.08
C ARG C 398 28.23 40.97 -15.66
N SER C 399 26.92 41.00 -15.38
CA SER C 399 26.38 41.29 -14.07
C SER C 399 25.14 40.44 -13.87
N CYS C 400 24.38 40.31 -14.95
CA CYS C 400 23.22 39.43 -14.99
C CYS C 400 23.58 38.16 -15.77
N PRO C 401 23.14 36.98 -15.26
CA PRO C 401 23.42 35.70 -15.92
C PRO C 401 22.92 35.67 -17.37
N PRO C 402 23.69 35.03 -18.26
CA PRO C 402 23.43 35.00 -19.71
C PRO C 402 22.00 34.60 -20.06
N SER C 403 21.39 33.77 -19.23
CA SER C 403 20.00 33.35 -19.41
C SER C 403 19.76 32.73 -20.78
N PHE C 404 20.72 31.93 -21.23
CA PHE C 404 20.62 31.21 -22.49
C PHE C 404 19.47 30.21 -22.47
N GLY C 405 18.36 30.57 -23.09
CA GLY C 405 17.20 29.70 -23.16
C GLY C 405 16.00 30.22 -22.40
N TYR C 406 16.08 31.47 -21.93
CA TYR C 406 14.98 32.09 -21.20
C TYR C 406 13.73 32.22 -22.07
N SER C 407 13.96 32.47 -23.35
CA SER C 407 12.86 32.58 -24.31
C SER C 407 13.30 32.03 -25.66
N MET C 408 12.47 31.17 -26.24
CA MET C 408 12.80 30.55 -27.52
C MET C 408 11.56 30.28 -28.36
N LYS C 409 11.78 30.04 -29.65
CA LYS C 409 10.70 29.76 -30.57
C LYS C 409 11.20 28.90 -31.73
N GLY C 410 10.41 27.89 -32.11
CA GLY C 410 10.79 27.00 -33.19
C GLY C 410 9.62 26.71 -34.11
N ALA C 411 9.64 25.52 -34.70
CA ALA C 411 8.57 25.06 -35.61
C ALA C 411 8.38 25.99 -36.79
N THR C 412 9.48 26.39 -37.42
CA THR C 412 9.42 27.26 -38.59
C THR C 412 10.57 27.00 -39.55
N ASP C 413 10.25 26.43 -40.71
CA ASP C 413 11.26 26.14 -41.72
C ASP C 413 11.71 27.45 -42.39
N ILE C 414 12.78 28.03 -41.87
CA ILE C 414 13.25 29.34 -42.32
C ILE C 414 14.27 29.20 -43.46
N ASP C 415 14.95 28.06 -43.50
CA ASP C 415 15.99 27.83 -44.51
C ASP C 415 15.46 26.99 -45.66
N LYS C 416 14.19 26.62 -45.58
CA LYS C 416 13.51 25.83 -46.61
C LYS C 416 14.22 24.52 -46.93
N ASN C 417 14.77 23.87 -45.90
CA ASN C 417 15.42 22.57 -46.10
C ASN C 417 14.46 21.42 -45.82
N GLY C 418 13.27 21.77 -45.34
CA GLY C 418 12.26 20.78 -45.02
C GLY C 418 12.25 20.43 -43.54
N TYR C 419 13.17 21.03 -42.79
CA TYR C 419 13.27 20.79 -41.36
C TYR C 419 13.24 22.10 -40.58
N PRO C 420 12.32 22.19 -39.60
CA PRO C 420 12.13 23.38 -38.77
C PRO C 420 13.36 23.70 -37.92
N ASP C 421 13.63 24.98 -37.71
CA ASP C 421 14.79 25.41 -36.93
C ASP C 421 14.37 26.05 -35.61
N LEU C 422 15.36 26.44 -34.81
CA LEU C 422 15.09 26.96 -33.48
C LEU C 422 15.88 28.22 -33.17
N ILE C 423 15.20 29.20 -32.59
CA ILE C 423 15.84 30.43 -32.14
C ILE C 423 15.93 30.45 -30.62
N VAL C 424 17.14 30.61 -30.09
CA VAL C 424 17.34 30.66 -28.65
C VAL C 424 17.86 32.03 -28.23
N GLY C 425 17.15 32.66 -27.30
CA GLY C 425 17.51 34.00 -26.83
C GLY C 425 18.32 33.99 -25.56
N ALA C 426 19.31 34.87 -25.50
CA ALA C 426 20.15 35.00 -24.32
C ALA C 426 20.34 36.47 -23.98
N PHE C 427 19.31 37.06 -23.37
CA PHE C 427 19.29 38.50 -23.11
C PHE C 427 20.30 38.92 -22.06
N GLY C 428 20.76 37.95 -21.25
CA GLY C 428 21.75 38.22 -20.22
C GLY C 428 23.07 38.70 -20.79
N VAL C 429 23.35 38.31 -22.04
CA VAL C 429 24.55 38.76 -22.73
C VAL C 429 24.19 39.45 -24.03
N ASP C 430 22.92 39.84 -24.14
CA ASP C 430 22.39 40.55 -25.31
C ASP C 430 22.68 39.81 -26.61
N ARG C 431 22.27 38.55 -26.66
CA ARG C 431 22.52 37.72 -27.84
C ARG C 431 21.26 36.99 -28.29
N ALA C 432 21.25 36.57 -29.55
CA ALA C 432 20.19 35.74 -30.09
C ALA C 432 20.76 34.77 -31.12
N ILE C 433 20.55 33.47 -30.90
CA ILE C 433 21.18 32.47 -31.74
C ILE C 433 20.16 31.59 -32.46
N LEU C 434 20.32 31.47 -33.78
CA LEU C 434 19.46 30.61 -34.59
C LEU C 434 20.17 29.31 -34.93
N TYR C 435 19.66 28.21 -34.40
CA TYR C 435 20.20 26.89 -34.69
C TYR C 435 19.49 26.26 -35.88
N ARG C 436 20.28 25.79 -36.84
CA ARG C 436 19.77 25.20 -38.06
C ARG C 436 19.63 23.68 -37.95
N ALA C 437 18.54 23.15 -38.49
CA ALA C 437 18.30 21.71 -38.47
C ALA C 437 18.97 21.02 -39.65
N ARG C 438 19.46 19.80 -39.40
CA ARG C 438 20.13 19.02 -40.44
C ARG C 438 19.21 17.92 -40.95
N PRO C 439 19.34 17.57 -42.25
CA PRO C 439 18.56 16.50 -42.87
C PRO C 439 18.78 15.14 -42.21
N VAL C 440 17.72 14.35 -42.08
CA VAL C 440 17.81 13.04 -41.44
C VAL C 440 17.91 11.92 -42.47
N ILE C 441 18.95 11.11 -42.35
CA ILE C 441 19.16 9.99 -43.26
C ILE C 441 18.78 8.65 -42.63
N THR C 442 17.79 7.99 -43.20
CA THR C 442 17.39 6.66 -42.74
C THR C 442 17.98 5.59 -43.65
N VAL C 443 18.84 4.75 -43.09
CA VAL C 443 19.56 3.75 -43.87
C VAL C 443 19.21 2.32 -43.43
N ASN C 444 18.77 1.51 -44.38
CA ASN C 444 18.47 0.11 -44.10
C ASN C 444 19.63 -0.80 -44.50
N ALA C 445 20.53 -1.05 -43.56
CA ALA C 445 21.68 -1.90 -43.83
C ALA C 445 21.30 -3.38 -43.75
N GLY C 446 22.01 -4.20 -44.52
CA GLY C 446 21.75 -5.63 -44.54
C GLY C 446 23.04 -6.44 -44.61
N LEU C 447 23.03 -7.61 -43.98
CA LEU C 447 24.17 -8.50 -44.00
C LEU C 447 23.71 -9.96 -44.01
N GLU C 448 24.11 -10.69 -45.05
CA GLU C 448 23.75 -12.09 -45.18
C GLU C 448 24.99 -12.98 -45.27
N VAL C 449 25.05 -13.99 -44.40
CA VAL C 449 26.15 -14.95 -44.43
C VAL C 449 25.61 -16.36 -44.66
N TYR C 450 25.81 -16.88 -45.86
CA TYR C 450 25.31 -18.21 -46.20
C TYR C 450 26.40 -19.07 -46.85
N PRO C 451 26.54 -20.32 -46.37
CA PRO C 451 25.77 -20.87 -45.25
C PRO C 451 26.33 -20.45 -43.89
N SER C 452 25.47 -20.46 -42.87
CA SER C 452 25.89 -20.07 -41.53
C SER C 452 26.44 -21.28 -40.75
N ILE C 453 26.00 -22.47 -41.11
CA ILE C 453 26.52 -23.69 -40.51
C ILE C 453 27.67 -24.25 -41.34
N LEU C 454 28.89 -23.85 -40.99
CA LEU C 454 30.07 -24.21 -41.78
C LEU C 454 30.57 -25.63 -41.50
N ASN C 455 30.68 -26.43 -42.56
CA ASN C 455 31.29 -27.74 -42.46
C ASN C 455 32.79 -27.66 -42.75
N GLN C 456 33.61 -28.06 -41.78
CA GLN C 456 35.05 -27.90 -41.88
C GLN C 456 35.70 -28.91 -42.84
N ASP C 457 34.96 -29.95 -43.22
CA ASP C 457 35.49 -30.98 -44.12
C ASP C 457 34.84 -30.91 -45.50
N ASN C 458 34.18 -29.78 -45.74
CA ASN C 458 33.53 -29.49 -47.00
C ASN C 458 34.52 -29.22 -48.14
N LYS C 459 35.36 -28.21 -47.97
CA LYS C 459 36.46 -27.90 -48.90
C LYS C 459 36.02 -27.66 -50.36
N THR C 460 35.03 -26.79 -50.57
CA THR C 460 34.52 -26.53 -51.90
C THR C 460 35.37 -25.55 -52.71
N CYS C 461 35.44 -24.30 -52.25
CA CYS C 461 36.14 -23.24 -52.98
C CYS C 461 37.64 -23.50 -53.12
N SER C 462 38.14 -23.33 -54.34
CA SER C 462 39.57 -23.49 -54.62
C SER C 462 40.35 -22.25 -54.19
N LEU C 463 41.59 -22.46 -53.77
CA LEU C 463 42.44 -21.36 -53.30
C LEU C 463 43.57 -21.12 -54.28
N PRO C 464 43.62 -19.90 -54.85
CA PRO C 464 44.66 -19.54 -55.83
C PRO C 464 46.07 -19.58 -55.24
N GLY C 465 47.01 -20.14 -55.99
CA GLY C 465 48.38 -20.24 -55.53
C GLY C 465 48.78 -21.66 -55.18
N THR C 466 47.87 -22.37 -54.52
CA THR C 466 48.13 -23.74 -54.09
C THR C 466 47.06 -24.71 -54.61
N ALA C 467 47.38 -25.99 -54.57
CA ALA C 467 46.45 -27.02 -55.03
C ALA C 467 45.49 -27.43 -53.92
N LEU C 468 45.75 -26.94 -52.70
CA LEU C 468 44.92 -27.24 -51.55
C LEU C 468 43.63 -26.44 -51.56
N LYS C 469 42.49 -27.14 -51.47
CA LYS C 469 41.20 -26.49 -51.41
C LYS C 469 40.80 -26.22 -49.96
N VAL C 470 39.90 -25.25 -49.76
CA VAL C 470 39.49 -24.87 -48.41
C VAL C 470 37.98 -24.75 -48.29
N SER C 471 37.48 -24.89 -47.06
CA SER C 471 36.06 -24.69 -46.78
C SER C 471 35.72 -23.22 -46.82
N CYS C 472 34.72 -22.86 -47.61
CA CYS C 472 34.40 -21.45 -47.82
C CYS C 472 32.90 -21.16 -47.68
N PHE C 473 32.56 -19.87 -47.70
CA PHE C 473 31.18 -19.43 -47.62
C PHE C 473 31.06 -18.04 -48.25
N ASN C 474 29.85 -17.52 -48.29
CA ASN C 474 29.61 -16.22 -48.91
C ASN C 474 29.27 -15.13 -47.91
N VAL C 475 29.84 -13.94 -48.12
CA VAL C 475 29.50 -12.78 -47.32
C VAL C 475 28.86 -11.71 -48.21
N ARG C 476 27.69 -11.26 -47.81
CA ARG C 476 26.91 -10.34 -48.64
C ARG C 476 26.32 -9.18 -47.83
N PHE C 477 26.71 -7.95 -48.16
CA PHE C 477 26.22 -6.78 -47.45
C PHE C 477 25.54 -5.81 -48.41
N CYS C 478 24.43 -5.22 -47.96
CA CYS C 478 23.67 -4.31 -48.80
C CYS C 478 23.40 -2.96 -48.11
N LEU C 479 23.47 -1.88 -48.88
CA LEU C 479 23.22 -0.54 -48.35
C LEU C 479 22.08 0.16 -49.09
N LYS C 480 21.13 0.70 -48.34
CA LYS C 480 20.03 1.47 -48.90
C LYS C 480 19.73 2.69 -48.04
N ALA C 481 19.54 3.85 -48.67
CA ALA C 481 19.25 5.07 -47.92
C ALA C 481 18.22 5.95 -48.62
N ASP C 482 17.46 6.70 -47.82
CA ASP C 482 16.46 7.63 -48.35
C ASP C 482 16.07 8.65 -47.29
N GLY C 483 15.85 9.90 -47.72
CA GLY C 483 15.50 10.97 -46.81
C GLY C 483 14.49 11.96 -47.37
N LYS C 484 14.13 12.94 -46.56
CA LYS C 484 13.17 13.96 -46.96
C LYS C 484 13.81 15.35 -46.94
N GLY C 485 13.28 16.26 -47.74
CA GLY C 485 13.79 17.62 -47.78
C GLY C 485 14.87 17.84 -48.83
N VAL C 486 15.76 18.77 -48.56
CA VAL C 486 16.84 19.12 -49.49
C VAL C 486 18.11 18.35 -49.17
N LEU C 487 18.47 17.41 -50.05
CA LEU C 487 19.65 16.57 -49.83
C LEU C 487 20.13 15.96 -51.15
N PRO C 488 21.45 15.73 -51.26
CA PRO C 488 22.06 15.18 -52.48
C PRO C 488 21.46 13.85 -52.91
N ARG C 489 21.35 13.63 -54.22
CA ARG C 489 20.79 12.38 -54.73
C ARG C 489 21.82 11.27 -54.71
N LYS C 490 23.10 11.65 -54.57
CA LYS C 490 24.19 10.68 -54.51
C LYS C 490 24.87 10.68 -53.15
N LEU C 491 24.97 9.50 -52.55
CA LEU C 491 25.62 9.38 -51.24
C LEU C 491 26.71 8.31 -51.26
N ASN C 492 27.91 8.70 -50.85
CA ASN C 492 29.04 7.78 -50.77
C ASN C 492 29.31 7.33 -49.33
N PHE C 493 29.38 6.03 -49.12
CA PHE C 493 29.59 5.47 -47.79
C PHE C 493 30.90 4.71 -47.65
N GLN C 494 31.35 4.55 -46.42
CA GLN C 494 32.58 3.81 -46.12
C GLN C 494 32.26 2.51 -45.39
N VAL C 495 32.15 1.43 -46.15
CA VAL C 495 31.76 0.13 -45.59
C VAL C 495 32.97 -0.68 -45.15
N GLU C 496 32.92 -1.18 -43.92
CA GLU C 496 34.00 -2.00 -43.39
C GLU C 496 33.48 -3.35 -42.90
N LEU C 497 34.19 -4.41 -43.26
CA LEU C 497 33.81 -5.76 -42.85
C LEU C 497 34.92 -6.43 -42.05
N LEU C 498 34.54 -7.13 -40.99
CA LEU C 498 35.51 -7.83 -40.15
C LEU C 498 35.03 -9.24 -39.82
N LEU C 499 35.77 -10.24 -40.30
CA LEU C 499 35.44 -11.63 -40.00
C LEU C 499 36.06 -12.02 -38.66
N ASP C 500 35.28 -12.74 -37.86
CA ASP C 500 35.69 -13.16 -36.52
C ASP C 500 36.12 -11.95 -35.70
N LYS C 501 35.26 -10.94 -35.65
CA LYS C 501 35.57 -9.68 -35.00
C LYS C 501 35.88 -9.81 -33.51
N LEU C 502 35.11 -10.65 -32.82
CA LEU C 502 35.25 -10.80 -31.38
C LEU C 502 36.64 -11.32 -31.03
N LYS C 503 37.16 -12.21 -31.86
CA LYS C 503 38.50 -12.75 -31.65
C LYS C 503 39.56 -11.85 -32.27
N GLY C 506 44.53 -10.05 -30.59
CA GLY C 506 45.63 -10.95 -30.26
C GLY C 506 45.28 -12.40 -30.54
N ALA C 507 44.00 -12.74 -30.43
CA ALA C 507 43.54 -14.09 -30.68
C ALA C 507 43.50 -14.41 -32.16
N ILE C 508 43.63 -15.69 -32.49
CA ILE C 508 43.66 -16.12 -33.89
C ILE C 508 42.29 -16.05 -34.56
N ARG C 509 42.24 -15.39 -35.72
CA ARG C 509 41.02 -15.29 -36.50
C ARG C 509 40.88 -16.49 -37.44
N ARG C 510 39.77 -17.20 -37.30
CA ARG C 510 39.58 -18.50 -37.94
C ARG C 510 39.07 -18.41 -39.36
N ALA C 511 38.53 -17.26 -39.74
CA ALA C 511 37.99 -17.08 -41.09
C ALA C 511 38.47 -15.77 -41.71
N LEU C 512 38.81 -15.83 -42.99
CA LEU C 512 39.24 -14.64 -43.72
C LEU C 512 38.86 -14.75 -45.19
N PHE C 513 38.83 -13.60 -45.87
CA PHE C 513 38.35 -13.55 -47.25
C PHE C 513 39.29 -14.28 -48.20
N LEU C 514 38.81 -14.62 -49.39
CA LEU C 514 39.55 -15.48 -50.30
C LEU C 514 40.56 -14.74 -51.18
N TYR C 515 40.13 -13.64 -51.77
CA TYR C 515 40.95 -12.91 -52.72
C TYR C 515 42.06 -12.09 -52.05
N SER C 516 41.80 -11.59 -50.85
CA SER C 516 42.78 -10.75 -50.15
C SER C 516 43.50 -11.54 -49.07
N ARG C 517 42.95 -12.70 -48.71
CA ARG C 517 43.48 -13.55 -47.65
C ARG C 517 43.63 -12.81 -46.32
N SER C 518 42.77 -11.82 -46.09
CA SER C 518 42.82 -11.03 -44.87
C SER C 518 41.43 -10.93 -44.25
N PRO C 519 41.36 -11.01 -42.91
CA PRO C 519 40.08 -10.94 -42.19
C PRO C 519 39.35 -9.60 -42.36
N SER C 520 40.09 -8.56 -42.76
CA SER C 520 39.49 -7.24 -42.92
C SER C 520 39.29 -6.92 -44.40
N HIS C 521 38.32 -6.04 -44.68
CA HIS C 521 38.08 -5.56 -46.03
C HIS C 521 37.31 -4.25 -46.06
N SER C 522 37.92 -3.22 -46.65
CA SER C 522 37.24 -1.95 -46.83
C SER C 522 36.66 -1.87 -48.23
N LYS C 523 35.46 -1.33 -48.35
CA LYS C 523 34.82 -1.17 -49.65
C LYS C 523 33.95 0.06 -49.70
N ASN C 524 34.32 0.98 -50.59
CA ASN C 524 33.50 2.15 -50.83
C ASN C 524 32.24 1.84 -51.60
N MET C 525 31.15 2.46 -51.21
CA MET C 525 29.87 2.22 -51.86
C MET C 525 29.14 3.54 -52.06
N THR C 526 28.95 3.92 -53.32
CA THR C 526 28.19 5.12 -53.63
C THR C 526 26.77 4.72 -54.00
N ILE C 527 25.88 4.78 -53.02
CA ILE C 527 24.48 4.41 -53.22
C ILE C 527 23.65 5.65 -53.49
N SER C 528 22.48 5.46 -54.10
CA SER C 528 21.63 6.57 -54.48
C SER C 528 20.42 6.74 -53.56
N ARG C 529 19.96 7.97 -53.43
CA ARG C 529 18.82 8.26 -52.57
C ARG C 529 17.52 7.73 -53.17
N GLY C 530 16.80 6.95 -52.38
CA GLY C 530 15.50 6.45 -52.80
C GLY C 530 15.61 5.39 -53.89
N GLY C 531 16.83 5.16 -54.38
CA GLY C 531 17.08 4.17 -55.42
C GLY C 531 17.10 2.79 -54.82
N LEU C 532 17.14 1.77 -55.68
CA LEU C 532 17.17 0.40 -55.20
C LEU C 532 18.46 0.08 -54.47
N MET C 533 18.35 -0.78 -53.46
CA MET C 533 19.44 -1.12 -52.58
C MET C 533 20.64 -1.74 -53.31
N GLN C 534 21.79 -1.07 -53.25
CA GLN C 534 23.02 -1.61 -53.83
C GLN C 534 23.65 -2.68 -52.94
N CYS C 535 24.15 -3.73 -53.56
CA CYS C 535 24.70 -4.86 -52.81
C CYS C 535 25.95 -5.43 -53.47
N GLU C 536 26.98 -5.69 -52.68
CA GLU C 536 28.18 -6.34 -53.20
C GLU C 536 28.50 -7.60 -52.41
N GLU C 537 28.68 -8.71 -53.12
CA GLU C 537 28.95 -9.98 -52.47
C GLU C 537 30.37 -10.46 -52.77
N LEU C 538 31.00 -11.13 -51.81
CA LEU C 538 32.35 -11.64 -51.98
C LEU C 538 32.59 -12.91 -51.16
N ILE C 539 33.55 -13.72 -51.58
CA ILE C 539 33.79 -15.03 -50.97
C ILE C 539 34.84 -15.02 -49.86
N ALA C 540 34.47 -15.59 -48.71
CA ALA C 540 35.37 -15.74 -47.58
C ALA C 540 35.51 -17.21 -47.21
N TYR C 541 36.70 -17.65 -46.84
CA TYR C 541 36.91 -19.05 -46.52
C TYR C 541 37.40 -19.28 -45.09
N LEU C 542 37.17 -20.48 -44.58
CA LEU C 542 37.58 -20.88 -43.25
C LEU C 542 39.01 -21.39 -43.26
N ARG C 543 39.75 -21.12 -42.18
CA ARG C 543 41.14 -21.57 -42.07
C ARG C 543 41.23 -23.08 -41.89
N ASP C 544 42.45 -23.60 -41.99
CA ASP C 544 42.69 -25.04 -41.85
C ASP C 544 42.40 -25.49 -40.41
N GLU C 545 42.00 -26.76 -40.28
CA GLU C 545 41.63 -27.33 -38.98
C GLU C 545 42.82 -27.39 -38.01
N SER C 546 44.01 -27.62 -38.55
CA SER C 546 45.21 -27.80 -37.73
C SER C 546 45.81 -26.48 -37.25
N GLU C 547 45.19 -25.37 -37.64
CA GLU C 547 45.73 -24.05 -37.32
C GLU C 547 45.15 -23.46 -36.04
N PHE C 548 44.11 -24.09 -35.51
CA PHE C 548 43.48 -23.62 -34.28
C PHE C 548 42.68 -24.72 -33.59
N ARG C 549 42.46 -24.55 -32.29
CA ARG C 549 41.73 -25.53 -31.49
C ARG C 549 40.37 -24.97 -31.05
N ASP C 550 40.11 -23.72 -31.40
CA ASP C 550 38.85 -23.08 -31.01
C ASP C 550 37.75 -23.37 -32.04
N LYS C 551 36.99 -24.43 -31.81
CA LYS C 551 35.89 -24.79 -32.70
C LYS C 551 34.53 -24.49 -32.09
N LEU C 552 34.54 -24.02 -30.84
CA LEU C 552 33.31 -23.81 -30.10
C LEU C 552 32.76 -22.39 -30.26
N THR C 553 33.64 -21.40 -30.12
CA THR C 553 33.25 -20.00 -30.23
C THR C 553 32.76 -19.66 -31.64
N PRO C 554 31.53 -19.11 -31.74
CA PRO C 554 30.95 -18.73 -33.02
C PRO C 554 31.72 -17.61 -33.73
N ILE C 555 31.82 -17.69 -35.05
CA ILE C 555 32.52 -16.68 -35.84
C ILE C 555 31.58 -15.54 -36.21
N THR C 556 31.77 -14.39 -35.57
CA THR C 556 30.89 -13.25 -35.80
C THR C 556 31.37 -12.40 -36.97
N ILE C 557 30.49 -12.23 -37.96
CA ILE C 557 30.77 -11.37 -39.10
C ILE C 557 30.24 -9.96 -38.81
N PHE C 558 31.14 -9.00 -38.77
CA PHE C 558 30.78 -7.64 -38.37
C PHE C 558 30.89 -6.66 -39.54
N MET C 559 29.89 -5.81 -39.68
CA MET C 559 29.90 -4.78 -40.72
C MET C 559 29.72 -3.39 -40.11
N GLU C 560 30.42 -2.41 -40.69
CA GLU C 560 30.32 -1.03 -40.22
C GLU C 560 30.37 -0.08 -41.41
N TYR C 561 29.58 0.98 -41.35
CA TYR C 561 29.52 1.96 -42.44
C TYR C 561 29.55 3.38 -41.90
N ARG C 562 30.14 4.29 -42.66
CA ARG C 562 30.22 5.69 -42.29
C ARG C 562 29.95 6.61 -43.48
N LEU C 563 29.12 7.62 -43.27
CA LEU C 563 28.77 8.56 -44.33
C LEU C 563 29.81 9.66 -44.48
N ASP C 564 30.04 10.08 -45.72
CA ASP C 564 30.93 11.22 -45.98
C ASP C 564 30.14 12.52 -45.83
N TYR C 565 30.20 13.11 -44.63
CA TYR C 565 29.43 14.31 -44.33
C TYR C 565 29.97 15.53 -45.06
N ARG C 566 31.27 15.54 -45.35
CA ARG C 566 31.91 16.67 -46.01
C ARG C 566 31.33 16.93 -47.39
N THR C 567 31.18 15.86 -48.17
CA THR C 567 30.70 15.98 -49.55
C THR C 567 29.18 16.09 -49.59
N ALA C 568 28.53 15.75 -48.49
CA ALA C 568 27.07 15.81 -48.42
C ALA C 568 26.60 17.07 -47.70
N THR C 571 24.63 24.15 -49.62
CA THR C 571 25.36 25.27 -50.19
C THR C 571 26.09 26.06 -49.10
N THR C 572 25.49 26.12 -47.92
CA THR C 572 26.07 26.82 -46.79
C THR C 572 27.04 25.93 -46.02
N GLY C 573 26.92 24.62 -46.20
CA GLY C 573 27.76 23.68 -45.49
C GLY C 573 26.95 22.87 -44.50
N LEU C 574 25.63 22.89 -44.66
CA LEU C 574 24.74 22.16 -43.77
C LEU C 574 24.80 20.66 -44.04
N GLN C 575 25.58 19.96 -43.22
CA GLN C 575 25.78 18.52 -43.37
C GLN C 575 24.62 17.74 -42.77
N PRO C 576 24.14 16.72 -43.50
CA PRO C 576 23.07 15.84 -43.01
C PRO C 576 23.51 14.97 -41.83
N ILE C 577 22.59 14.21 -41.28
CA ILE C 577 22.89 13.34 -40.14
C ILE C 577 22.09 12.04 -40.22
N LEU C 578 22.68 10.96 -39.72
CA LEU C 578 22.00 9.67 -39.66
C LEU C 578 21.00 9.65 -38.51
N ASN C 579 19.97 8.83 -38.63
CA ASN C 579 18.91 8.75 -37.63
C ASN C 579 19.46 8.29 -36.28
N GLN C 580 18.73 8.61 -35.21
CA GLN C 580 19.22 8.35 -33.85
C GLN C 580 19.28 6.86 -33.50
N PHE C 581 18.12 6.20 -33.47
CA PHE C 581 18.05 4.82 -33.00
C PHE C 581 18.64 3.84 -33.99
N THR C 582 18.68 4.22 -35.26
CA THR C 582 19.22 3.37 -36.31
C THR C 582 20.70 3.08 -36.07
N PRO C 583 21.03 1.80 -35.83
CA PRO C 583 22.39 1.35 -35.53
C PRO C 583 23.35 1.60 -36.68
N ALA C 584 24.59 1.97 -36.36
CA ALA C 584 25.60 2.23 -37.37
C ALA C 584 26.34 0.96 -37.79
N ASN C 585 25.97 -0.17 -37.19
CA ASN C 585 26.63 -1.44 -37.49
C ASN C 585 25.70 -2.61 -37.19
N ILE C 586 25.69 -3.61 -38.05
CA ILE C 586 24.95 -4.83 -37.77
C ILE C 586 25.91 -6.02 -37.86
N SER C 587 25.54 -7.13 -37.22
CA SER C 587 26.43 -8.29 -37.19
C SER C 587 25.68 -9.61 -37.23
N ARG C 588 26.18 -10.52 -38.05
CA ARG C 588 25.67 -11.89 -38.10
C ARG C 588 26.77 -12.83 -37.63
N GLN C 589 26.46 -14.12 -37.51
CA GLN C 589 27.48 -15.07 -37.08
C GLN C 589 27.34 -16.44 -37.76
N ALA C 590 28.38 -17.25 -37.63
CA ALA C 590 28.40 -18.59 -38.21
C ALA C 590 28.94 -19.59 -37.19
N HIS C 591 28.58 -20.86 -37.37
CA HIS C 591 29.00 -21.91 -36.44
C HIS C 591 29.77 -23.01 -37.16
N ILE C 592 30.41 -23.88 -36.39
CA ILE C 592 31.10 -25.02 -36.96
C ILE C 592 30.62 -26.32 -36.31
N LEU C 593 30.16 -27.27 -37.13
CA LEU C 593 29.67 -28.54 -36.62
C LEU C 593 30.83 -29.44 -36.21
N LEU C 594 30.51 -30.62 -35.67
CA LEU C 594 31.52 -31.58 -35.26
C LEU C 594 30.94 -33.00 -35.28
N GLY D 22 25.84 -16.02 -6.91
CA GLY D 22 25.76 -15.78 -8.34
C GLY D 22 26.95 -14.99 -8.86
N CYS D 23 28.13 -15.33 -8.37
CA CYS D 23 29.36 -14.65 -8.78
C CYS D 23 29.96 -15.28 -10.03
N ALA D 24 29.45 -16.46 -10.39
CA ALA D 24 29.96 -17.16 -11.57
C ALA D 24 29.54 -16.42 -12.83
N LEU D 25 30.22 -16.73 -13.93
CA LEU D 25 30.00 -16.06 -15.22
C LEU D 25 30.23 -14.56 -15.11
N THR D 30 39.37 -10.96 -14.87
CA THR D 30 39.96 -9.83 -14.14
C THR D 30 39.51 -9.85 -12.68
N CYS D 31 40.48 -9.75 -11.78
CA CYS D 31 40.20 -9.73 -10.35
C CYS D 31 39.44 -8.46 -9.97
N GLU D 32 39.79 -7.35 -10.60
CA GLU D 32 39.15 -6.06 -10.32
C GLU D 32 37.69 -6.06 -10.78
N ASP D 33 37.43 -6.70 -11.91
CA ASP D 33 36.07 -6.78 -12.44
C ASP D 33 35.26 -7.85 -11.71
N CYS D 34 35.95 -8.77 -11.06
CA CYS D 34 35.30 -9.84 -10.32
C CYS D 34 34.59 -9.29 -9.08
N LEU D 35 35.13 -8.21 -8.55
CA LEU D 35 34.57 -7.60 -7.34
C LEU D 35 33.48 -6.60 -7.70
N LEU D 36 33.42 -6.25 -8.98
CA LEU D 36 32.46 -5.25 -9.46
C LEU D 36 31.11 -5.87 -9.76
N ILE D 37 31.11 -7.13 -10.16
CA ILE D 37 29.87 -7.82 -10.53
C ILE D 37 29.00 -8.14 -9.32
N GLY D 38 29.61 -8.10 -8.13
CA GLY D 38 28.87 -8.37 -6.91
C GLY D 38 29.73 -8.24 -5.66
N PRO D 39 29.14 -7.74 -4.57
CA PRO D 39 29.82 -7.59 -3.28
C PRO D 39 30.09 -8.94 -2.60
N GLN D 40 29.36 -9.97 -3.00
CA GLN D 40 29.51 -11.29 -2.39
C GLN D 40 30.53 -12.13 -3.14
N CYS D 41 31.06 -11.60 -4.24
CA CYS D 41 32.02 -12.31 -5.06
C CYS D 41 33.45 -12.16 -4.55
N ALA D 42 34.32 -13.07 -4.97
CA ALA D 42 35.71 -13.05 -4.55
C ALA D 42 36.61 -13.66 -5.62
N TRP D 43 37.89 -13.30 -5.59
CA TRP D 43 38.84 -13.82 -6.57
C TRP D 43 39.93 -14.64 -5.87
N CYS D 44 40.31 -15.76 -6.48
CA CYS D 44 41.33 -16.63 -5.92
C CYS D 44 42.68 -16.43 -6.59
N ALA D 45 43.59 -15.76 -5.89
CA ALA D 45 44.92 -15.50 -6.41
C ALA D 45 45.78 -16.77 -6.39
N ARG D 58 39.22 -17.97 -10.81
CA ARG D 58 37.78 -18.15 -10.69
C ARG D 58 37.15 -17.15 -9.73
N CYS D 59 36.01 -16.59 -10.13
CA CYS D 59 35.29 -15.65 -9.29
C CYS D 59 34.04 -16.30 -8.70
N ASP D 60 34.09 -16.61 -7.41
CA ASP D 60 32.95 -17.23 -6.73
C ASP D 60 32.92 -16.90 -5.24
N THR D 61 31.78 -17.19 -4.61
CA THR D 61 31.61 -16.97 -3.18
C THR D 61 32.55 -17.87 -2.38
N PRO D 62 33.05 -17.37 -1.24
CA PRO D 62 33.97 -18.12 -0.38
C PRO D 62 33.38 -19.45 0.11
N CYS D 70 40.78 -23.27 -2.96
CA CYS D 70 41.59 -22.07 -2.81
C CYS D 70 41.92 -21.81 -1.35
N GLN D 71 43.19 -21.51 -1.07
CA GLN D 71 43.64 -21.29 0.30
C GLN D 71 43.12 -19.95 0.82
N LEU D 72 43.02 -19.81 2.13
CA LEU D 72 42.46 -18.62 2.76
C LEU D 72 43.32 -17.38 2.55
N ASN D 73 44.63 -17.55 2.55
CA ASN D 73 45.54 -16.43 2.38
C ASN D 73 45.58 -15.92 0.94
N PHE D 74 45.12 -16.75 0.01
CA PHE D 74 45.05 -16.38 -1.40
C PHE D 74 43.72 -15.73 -1.74
N ILE D 75 42.68 -16.06 -0.98
CA ILE D 75 41.35 -15.48 -1.18
C ILE D 75 41.33 -13.99 -0.82
N GLU D 76 40.88 -13.18 -1.76
CA GLU D 76 40.86 -11.73 -1.58
C GLU D 76 39.44 -11.20 -1.40
N ASN D 77 39.16 -10.64 -0.23
CA ASN D 77 37.85 -10.07 0.07
C ASN D 77 37.94 -8.69 0.70
N PRO D 78 37.76 -7.65 -0.11
CA PRO D 78 37.72 -6.26 0.37
C PRO D 78 36.41 -5.93 1.08
N VAL D 79 36.16 -6.58 2.21
CA VAL D 79 34.91 -6.39 2.93
C VAL D 79 34.79 -4.95 3.48
N SER D 80 33.60 -4.39 3.34
CA SER D 80 33.32 -3.05 3.85
C SER D 80 33.46 -2.98 5.36
N GLN D 81 34.02 -1.88 5.85
CA GLN D 81 34.25 -1.70 7.28
C GLN D 81 34.31 -0.23 7.66
N VAL D 82 34.03 0.06 8.94
CA VAL D 82 34.11 1.42 9.45
C VAL D 82 35.21 1.52 10.50
N GLU D 83 35.86 2.67 10.56
CA GLU D 83 36.92 2.90 11.53
C GLU D 83 36.71 4.22 12.27
N ILE D 84 36.32 4.12 13.54
CA ILE D 84 36.11 5.29 14.37
C ILE D 84 37.42 6.01 14.64
N LEU D 85 37.41 7.33 14.45
CA LEU D 85 38.60 8.13 14.69
C LEU D 85 38.40 8.99 15.93
N LYS D 86 37.30 9.73 15.96
CA LYS D 86 36.98 10.58 17.10
C LYS D 86 35.59 10.26 17.62
N ASN D 87 35.53 9.50 18.72
CA ASN D 87 34.27 9.11 19.32
C ASN D 87 34.21 9.55 20.78
N LYS D 88 34.19 10.86 21.00
CA LYS D 88 34.09 11.41 22.35
C LYS D 88 32.67 11.30 22.87
N PRO D 89 32.50 10.80 24.10
CA PRO D 89 31.17 10.57 24.70
C PRO D 89 30.35 11.85 24.85
N LEU D 90 29.04 11.69 24.84
CA LEU D 90 28.11 12.82 24.98
C LEU D 90 28.19 13.46 26.36
N SER D 91 28.48 14.76 26.38
CA SER D 91 28.59 15.51 27.63
C SER D 91 27.23 16.02 28.10
N VAL D 92 26.84 15.62 29.29
CA VAL D 92 25.54 15.99 29.83
C VAL D 92 25.71 16.80 31.12
N GLY D 93 24.77 17.69 31.37
CA GLY D 93 24.84 18.56 32.53
C GLY D 93 25.29 19.92 32.07
N ARG D 94 25.16 20.91 32.94
CA ARG D 94 25.58 22.26 32.62
C ARG D 94 27.11 22.33 32.54
N GLN D 95 27.61 22.71 31.36
CA GLN D 95 29.03 22.79 31.12
C GLN D 95 29.52 24.24 31.16
N LYS D 96 30.42 24.51 32.10
CA LYS D 96 30.97 25.83 32.28
C LYS D 96 31.87 26.17 31.10
N ASN D 97 32.47 25.13 30.52
CA ASN D 97 33.36 25.22 29.37
C ASN D 97 32.62 25.02 28.05
N SER D 98 32.68 26.01 27.17
CA SER D 98 31.97 25.93 25.89
C SER D 98 32.61 24.92 24.95
N SER D 99 33.92 24.75 25.08
CA SER D 99 34.67 23.87 24.18
C SER D 99 34.73 22.43 24.67
N ASP D 100 33.94 22.12 25.69
CA ASP D 100 33.92 20.77 26.25
C ASP D 100 32.53 20.15 26.09
N ILE D 101 31.69 20.80 25.29
CA ILE D 101 30.33 20.33 25.06
C ILE D 101 30.27 19.42 23.84
N VAL D 102 29.77 18.20 24.04
CA VAL D 102 29.59 17.25 22.94
C VAL D 102 28.12 16.84 22.84
N GLN D 103 27.50 17.14 21.70
CA GLN D 103 26.08 16.86 21.53
C GLN D 103 25.82 15.79 20.48
N ILE D 104 26.88 15.30 19.84
CA ILE D 104 26.76 14.24 18.85
C ILE D 104 27.93 13.25 18.96
N ALA D 105 27.62 11.97 18.78
CA ALA D 105 28.63 10.92 18.87
C ALA D 105 28.38 9.83 17.83
N PRO D 106 29.43 9.44 17.09
CA PRO D 106 30.80 9.97 17.19
C PRO D 106 30.98 11.30 16.47
N GLN D 107 32.23 11.70 16.25
CA GLN D 107 32.53 13.00 15.63
C GLN D 107 33.27 12.82 14.31
N SER D 108 34.21 11.90 14.26
CA SER D 108 34.95 11.63 13.04
C SER D 108 34.95 10.14 12.71
N LEU D 109 34.52 9.82 11.49
CA LEU D 109 34.42 8.43 11.06
C LEU D 109 34.80 8.29 9.59
N ILE D 110 35.83 7.49 9.30
CA ILE D 110 36.17 7.16 7.93
C ILE D 110 35.49 5.86 7.53
N LEU D 111 34.62 5.94 6.53
CA LEU D 111 33.79 4.81 6.14
C LEU D 111 34.22 4.19 4.82
N LYS D 112 34.74 2.96 4.89
CA LYS D 112 35.13 2.21 3.70
C LYS D 112 34.01 1.29 3.23
N LEU D 113 33.59 1.44 1.97
CA LEU D 113 32.47 0.67 1.43
C LEU D 113 32.76 0.00 0.10
N ARG D 114 32.20 -1.20 -0.07
CA ARG D 114 32.28 -1.94 -1.32
C ARG D 114 31.09 -1.62 -2.20
N PRO D 115 31.33 -1.41 -3.51
CA PRO D 115 30.24 -1.12 -4.45
C PRO D 115 29.18 -2.22 -4.44
N GLY D 116 28.04 -1.90 -3.83
CA GLY D 116 26.96 -2.85 -3.67
C GLY D 116 26.76 -3.18 -2.20
N GLY D 117 27.86 -3.30 -1.47
CA GLY D 117 27.80 -3.56 -0.05
C GLY D 117 27.29 -2.35 0.71
N ALA D 118 26.68 -2.59 1.87
CA ALA D 118 26.12 -1.52 2.67
C ALA D 118 26.71 -1.51 4.08
N GLN D 119 26.45 -0.43 4.81
CA GLN D 119 26.93 -0.29 6.18
C GLN D 119 26.03 0.65 6.97
N THR D 120 25.67 0.24 8.18
CA THR D 120 24.78 1.05 9.01
C THR D 120 25.55 1.76 10.12
N LEU D 121 25.39 3.07 10.21
CA LEU D 121 26.08 3.87 11.22
C LEU D 121 25.15 4.23 12.38
N GLN D 122 25.67 4.12 13.59
CA GLN D 122 24.90 4.48 14.77
C GLN D 122 25.28 5.88 15.25
N VAL D 123 24.36 6.83 15.08
CA VAL D 123 24.60 8.21 15.47
C VAL D 123 23.77 8.60 16.69
N HIS D 124 24.44 9.13 17.71
CA HIS D 124 23.77 9.53 18.94
C HIS D 124 23.81 11.04 19.11
N VAL D 125 22.64 11.65 19.31
CA VAL D 125 22.55 13.09 19.45
C VAL D 125 21.82 13.43 20.75
N ARG D 126 22.28 14.48 21.42
CA ARG D 126 21.72 14.87 22.71
C ARG D 126 21.98 16.34 23.01
N GLN D 127 20.93 17.08 23.33
CA GLN D 127 21.06 18.51 23.61
C GLN D 127 21.50 18.77 25.04
N THR D 128 22.35 19.77 25.20
CA THR D 128 22.83 20.17 26.53
C THR D 128 21.81 21.04 27.24
N GLU D 129 21.94 21.16 28.56
CA GLU D 129 20.99 21.91 29.36
C GLU D 129 21.10 23.41 29.12
N ASP D 130 22.33 23.92 29.11
CA ASP D 130 22.56 25.34 28.86
C ASP D 130 23.30 25.55 27.54
N TYR D 131 22.62 26.15 26.58
CA TYR D 131 23.19 26.40 25.27
C TYR D 131 22.83 27.82 24.80
N PRO D 132 23.83 28.57 24.32
CA PRO D 132 23.64 29.96 23.89
C PRO D 132 22.60 30.09 22.78
N VAL D 133 21.83 31.17 22.81
CA VAL D 133 20.72 31.37 21.87
C VAL D 133 20.75 32.77 21.25
N ASP D 134 20.75 32.82 19.92
CA ASP D 134 20.66 34.09 19.21
C ASP D 134 19.29 34.28 18.58
N LEU D 135 18.66 35.42 18.85
CA LEU D 135 17.35 35.71 18.30
C LEU D 135 17.42 36.96 17.41
N TYR D 136 16.77 36.89 16.26
CA TYR D 136 16.69 38.02 15.34
C TYR D 136 15.23 38.34 15.03
N TYR D 137 14.73 39.43 15.59
CA TYR D 137 13.34 39.81 15.41
C TYR D 137 13.15 40.51 14.07
N LEU D 138 12.70 39.75 13.07
CA LEU D 138 12.42 40.30 11.75
C LEU D 138 10.94 40.64 11.62
N MET D 139 10.64 41.93 11.53
CA MET D 139 9.25 42.37 11.60
C MET D 139 8.77 43.10 10.34
N ASP D 140 7.55 42.77 9.93
CA ASP D 140 6.87 43.48 8.86
C ASP D 140 6.45 44.86 9.35
N LEU D 141 6.75 45.88 8.57
CA LEU D 141 6.39 47.25 8.93
C LEU D 141 5.26 47.81 8.06
N SER D 142 4.36 46.93 7.64
CA SER D 142 3.17 47.36 6.93
C SER D 142 2.28 48.16 7.89
N ALA D 143 1.44 49.03 7.35
CA ALA D 143 0.61 49.92 8.17
C ALA D 143 -0.32 49.16 9.11
N SER D 144 -0.61 47.90 8.78
CA SER D 144 -1.47 47.06 9.61
C SER D 144 -0.71 46.51 10.82
N MET D 145 0.57 46.83 10.91
CA MET D 145 1.40 46.41 12.02
C MET D 145 1.66 47.56 12.99
N ASP D 146 0.85 48.61 12.87
CA ASP D 146 0.97 49.78 13.73
C ASP D 146 0.55 49.43 15.15
N ASP D 147 -0.59 48.75 15.27
CA ASP D 147 -1.09 48.30 16.57
C ASP D 147 -0.13 47.31 17.22
N ASP D 148 0.64 46.60 16.39
CA ASP D 148 1.65 45.67 16.88
C ASP D 148 2.78 46.44 17.58
N LEU D 149 3.28 47.46 16.91
CA LEU D 149 4.41 48.26 17.42
C LEU D 149 4.12 48.88 18.79
N ASN D 150 2.85 49.13 19.09
CA ASN D 150 2.47 49.74 20.34
C ASN D 150 2.55 48.77 21.53
N THR D 151 2.75 47.49 21.23
CA THR D 151 2.81 46.47 22.27
C THR D 151 4.21 45.91 22.43
N ILE D 152 5.01 46.00 21.36
CA ILE D 152 6.37 45.47 21.35
C ILE D 152 7.37 46.47 21.92
N LYS D 153 6.88 47.66 22.24
CA LYS D 153 7.75 48.75 22.71
C LYS D 153 8.57 48.37 23.94
N GLU D 154 8.09 47.41 24.72
CA GLU D 154 8.83 46.93 25.87
C GLU D 154 8.87 45.40 25.91
N LEU D 155 9.21 44.80 24.77
CA LEU D 155 9.27 43.34 24.68
C LEU D 155 10.67 42.81 24.98
N GLY D 156 11.69 43.50 24.47
CA GLY D 156 13.07 43.06 24.58
C GLY D 156 13.53 42.74 25.99
N SER D 157 13.21 43.61 26.93
CA SER D 157 13.55 43.38 28.33
C SER D 157 12.73 42.22 28.88
N ARG D 158 11.47 42.19 28.49
CA ARG D 158 10.51 41.21 28.96
C ARG D 158 10.82 39.82 28.37
N LEU D 159 11.27 39.79 27.11
CA LEU D 159 11.67 38.55 26.46
C LEU D 159 12.96 38.02 27.08
N SER D 160 13.93 38.89 27.29
CA SER D 160 15.22 38.51 27.85
C SER D 160 15.09 38.08 29.30
N LYS D 161 14.08 38.60 29.98
CA LYS D 161 13.82 38.25 31.38
C LYS D 161 13.48 36.76 31.51
N GLU D 162 12.59 36.29 30.64
CA GLU D 162 12.14 34.90 30.68
C GLU D 162 13.17 33.96 30.09
N MET D 163 13.89 34.41 29.07
CA MET D 163 14.91 33.58 28.42
C MET D 163 16.13 33.41 29.32
N SER D 164 16.24 34.26 30.33
CA SER D 164 17.33 34.17 31.28
C SER D 164 17.17 32.94 32.16
N LYS D 165 15.93 32.50 32.34
CA LYS D 165 15.65 31.31 33.11
C LYS D 165 16.10 30.06 32.36
N LEU D 166 16.10 30.14 31.03
CA LEU D 166 16.39 29.00 30.19
C LEU D 166 17.83 28.97 29.71
N THR D 167 18.42 30.14 29.51
CA THR D 167 19.81 30.23 29.04
C THR D 167 20.51 31.47 29.59
N SER D 168 21.82 31.34 29.82
CA SER D 168 22.61 32.45 30.34
C SER D 168 23.07 33.38 29.21
N ASN D 169 23.23 32.81 28.02
CA ASN D 169 23.66 33.59 26.86
C ASN D 169 22.51 33.80 25.87
N PHE D 170 21.89 34.97 25.93
CA PHE D 170 20.75 35.28 25.08
C PHE D 170 20.91 36.67 24.47
N ARG D 171 21.01 36.74 23.15
CA ARG D 171 21.19 38.00 22.44
C ARG D 171 20.05 38.28 21.47
N LEU D 172 19.64 39.55 21.39
CA LEU D 172 18.52 39.94 20.54
C LEU D 172 18.95 40.93 19.48
N GLY D 173 18.47 40.72 18.27
CA GLY D 173 18.74 41.64 17.17
C GLY D 173 17.44 42.11 16.55
N PHE D 174 17.53 43.00 15.57
CA PHE D 174 16.32 43.51 14.94
C PHE D 174 16.52 43.80 13.45
N GLY D 175 15.44 43.70 12.70
CA GLY D 175 15.45 44.01 11.28
C GLY D 175 14.04 44.34 10.83
N SER D 176 13.92 45.05 9.71
CA SER D 176 12.61 45.44 9.22
C SER D 176 12.51 45.27 7.71
N PHE D 177 11.31 44.96 7.24
CA PHE D 177 11.08 44.75 5.82
C PHE D 177 9.69 45.21 5.41
N VAL D 178 9.51 45.48 4.12
CA VAL D 178 8.19 45.72 3.56
C VAL D 178 8.06 45.02 2.21
N GLU D 179 8.63 45.64 1.18
CA GLU D 179 8.47 45.17 -0.18
C GLU D 179 9.48 45.87 -1.10
N LYS D 180 9.80 45.24 -2.23
CA LYS D 180 10.60 45.88 -3.27
C LYS D 180 9.94 47.18 -3.72
N PRO D 181 10.66 48.31 -3.59
CA PRO D 181 10.12 49.63 -3.92
C PRO D 181 9.96 49.85 -5.42
N VAL D 182 9.30 48.92 -6.10
CA VAL D 182 9.10 49.01 -7.55
C VAL D 182 7.67 48.62 -7.91
N SER D 183 7.10 49.30 -8.92
CA SER D 183 5.81 48.94 -9.47
C SER D 183 5.84 47.49 -9.96
N PRO D 184 4.69 46.78 -9.88
CA PRO D 184 3.37 47.27 -9.42
C PRO D 184 3.17 47.09 -7.92
N PHE D 185 4.21 46.63 -7.23
CA PHE D 185 4.13 46.36 -5.80
C PHE D 185 3.86 47.64 -5.01
N VAL D 186 4.42 48.74 -5.49
CA VAL D 186 4.25 50.05 -4.86
C VAL D 186 3.76 51.07 -5.88
N LYS D 187 2.95 52.02 -5.43
CA LYS D 187 2.53 53.15 -6.26
C LYS D 187 3.76 53.97 -6.65
N THR D 188 3.78 54.48 -7.88
CA THR D 188 4.97 55.16 -8.39
C THR D 188 4.76 56.65 -8.68
N THR D 189 3.65 57.21 -8.22
CA THR D 189 3.44 58.65 -8.37
C THR D 189 4.26 59.39 -7.32
N PRO D 190 4.84 60.55 -7.69
CA PRO D 190 5.74 61.32 -6.82
C PRO D 190 5.17 61.62 -5.44
N GLU D 191 3.86 61.76 -5.34
CA GLU D 191 3.21 62.04 -4.07
C GLU D 191 3.05 60.76 -3.24
N GLU D 192 2.88 59.63 -3.93
CA GLU D 192 2.77 58.34 -3.27
C GLU D 192 4.14 57.75 -2.96
N ILE D 193 5.15 58.19 -3.71
CA ILE D 193 6.52 57.76 -3.46
C ILE D 193 7.02 58.43 -2.19
N ALA D 194 6.68 59.70 -2.01
CA ALA D 194 7.07 60.44 -0.82
C ALA D 194 6.31 59.91 0.40
N ASN D 195 5.02 59.65 0.21
CA ASN D 195 4.20 59.07 1.26
C ASN D 195 3.16 58.10 0.69
N PRO D 196 3.40 56.80 0.86
CA PRO D 196 2.54 55.74 0.31
C PRO D 196 1.20 55.62 1.03
N CYS D 197 0.99 56.41 2.08
CA CYS D 197 -0.28 56.43 2.79
C CYS D 197 -0.98 57.79 2.60
N SER D 198 -0.63 58.48 1.52
CA SER D 198 -1.16 59.82 1.25
C SER D 198 -2.66 59.84 1.02
N SER D 199 -3.20 58.71 0.58
CA SER D 199 -4.61 58.64 0.18
C SER D 199 -5.57 58.49 1.36
N ILE D 200 -5.08 57.92 2.46
CA ILE D 200 -5.94 57.64 3.60
C ILE D 200 -6.56 58.91 4.22
N PRO D 201 -5.76 59.92 4.58
CA PRO D 201 -4.30 60.10 4.60
C PRO D 201 -3.69 59.74 5.96
N TYR D 202 -2.43 59.35 5.97
CA TYR D 202 -1.73 59.03 7.19
C TYR D 202 -0.23 59.19 6.97
N PHE D 203 0.50 59.51 8.03
CA PHE D 203 1.95 59.67 7.89
C PHE D 203 2.64 58.32 7.81
N CYS D 204 3.22 58.03 6.66
CA CYS D 204 3.91 56.77 6.43
C CYS D 204 5.26 56.99 5.75
N LEU D 205 6.26 56.20 6.14
CA LEU D 205 7.58 56.29 5.53
C LEU D 205 7.61 55.63 4.14
N PRO D 206 8.55 56.04 3.28
CA PRO D 206 8.67 55.43 1.96
C PRO D 206 8.96 53.93 2.04
N THR D 207 8.44 53.17 1.07
CA THR D 207 8.60 51.73 1.05
C THR D 207 10.06 51.30 0.88
N PHE D 208 10.50 50.37 1.70
CA PHE D 208 11.86 49.84 1.62
C PHE D 208 11.86 48.32 1.63
N GLY D 209 12.86 47.71 1.01
CA GLY D 209 12.96 46.27 0.94
C GLY D 209 13.25 45.63 2.29
N PHE D 210 14.47 45.88 2.79
CA PHE D 210 14.89 45.34 4.07
C PHE D 210 16.00 46.19 4.67
N LYS D 211 15.89 46.49 5.96
CA LYS D 211 16.88 47.30 6.65
C LYS D 211 17.36 46.64 7.95
N HIS D 212 18.59 46.13 7.92
CA HIS D 212 19.23 45.62 9.13
C HIS D 212 19.50 46.78 10.07
N ILE D 213 18.96 46.69 11.27
CA ILE D 213 19.03 47.81 12.21
C ILE D 213 19.92 47.54 13.42
N LEU D 214 19.64 46.47 14.14
CA LEU D 214 20.42 46.15 15.34
C LEU D 214 21.10 44.78 15.26
N PRO D 215 22.43 44.76 15.20
CA PRO D 215 23.17 43.50 15.36
C PRO D 215 22.90 42.93 16.75
N LEU D 216 22.63 41.63 16.84
CA LEU D 216 22.22 41.03 18.09
C LEU D 216 23.30 41.09 19.16
N THR D 217 22.93 41.64 20.32
CA THR D 217 23.85 41.81 21.44
C THR D 217 23.17 41.46 22.76
N ASN D 218 23.94 41.47 23.85
CA ASN D 218 23.41 41.11 25.15
C ASN D 218 22.51 42.19 25.75
N ASP D 219 22.77 43.43 25.39
CA ASP D 219 22.02 44.56 25.94
C ASP D 219 20.59 44.56 25.44
N ALA D 220 19.68 44.06 26.27
CA ALA D 220 18.27 43.97 25.92
C ALA D 220 17.56 45.32 25.98
N GLU D 221 18.16 46.27 26.69
CA GLU D 221 17.56 47.59 26.87
C GLU D 221 17.61 48.42 25.58
N ARG D 222 18.64 48.20 24.77
CA ARG D 222 18.77 48.91 23.51
C ARG D 222 17.70 48.44 22.52
N PHE D 223 17.30 47.19 22.65
CA PHE D 223 16.26 46.60 21.81
C PHE D 223 14.96 47.40 21.90
N ASN D 224 14.55 47.71 23.13
CA ASN D 224 13.32 48.44 23.37
C ASN D 224 13.34 49.86 22.79
N GLU D 225 14.48 50.53 22.89
CA GLU D 225 14.62 51.89 22.41
C GLU D 225 14.45 51.97 20.89
N ILE D 226 14.90 50.94 20.20
CA ILE D 226 14.82 50.90 18.74
C ILE D 226 13.39 50.67 18.27
N VAL D 227 12.66 49.83 19.00
CA VAL D 227 11.25 49.59 18.70
C VAL D 227 10.46 50.89 18.77
N LYS D 228 10.85 51.75 19.71
CA LYS D 228 10.20 53.04 19.90
C LYS D 228 10.47 53.99 18.72
N ASN D 229 11.63 53.84 18.11
CA ASN D 229 12.04 54.69 17.01
C ASN D 229 11.45 54.29 15.65
N GLN D 230 10.91 53.07 15.59
CA GLN D 230 10.41 52.55 14.32
C GLN D 230 9.09 53.19 13.90
N LYS D 231 8.91 53.36 12.59
CA LYS D 231 7.71 53.95 12.02
C LYS D 231 7.12 53.09 10.92
N ILE D 232 5.84 53.30 10.64
CA ILE D 232 5.12 52.55 9.62
C ILE D 232 5.55 52.99 8.22
N SER D 233 5.66 52.04 7.30
CA SER D 233 6.05 52.33 5.93
C SER D 233 4.86 52.44 4.99
N ALA D 234 4.16 51.34 4.74
CA ALA D 234 3.08 51.36 3.76
C ALA D 234 1.91 50.49 4.15
N ASN D 235 0.73 50.82 3.62
CA ASN D 235 -0.44 49.96 3.78
C ASN D 235 -0.53 48.96 2.64
N ILE D 236 -0.29 47.68 2.94
CA ILE D 236 -0.24 46.66 1.91
C ILE D 236 -1.21 45.51 2.19
N ASP D 237 -2.18 45.33 1.30
CA ASP D 237 -3.08 44.19 1.37
C ASP D 237 -2.60 43.07 0.44
N THR D 238 -1.45 43.31 -0.18
CA THR D 238 -0.81 42.34 -1.07
C THR D 238 0.26 41.57 -0.31
N PRO D 239 0.67 40.39 -0.84
CA PRO D 239 1.83 39.71 -0.28
C PRO D 239 3.06 40.62 -0.27
N GLU D 240 3.95 40.43 0.69
CA GLU D 240 5.06 41.35 0.86
C GLU D 240 6.41 40.66 0.66
N GLY D 241 7.47 41.45 0.50
CA GLY D 241 8.78 40.91 0.19
C GLY D 241 9.59 40.44 1.38
N GLY D 242 8.98 39.64 2.24
CA GLY D 242 9.63 39.16 3.44
C GLY D 242 10.80 38.23 3.16
N PHE D 243 10.73 37.51 2.05
CA PHE D 243 11.74 36.51 1.71
C PHE D 243 13.10 37.15 1.45
N ASP D 244 13.10 38.37 0.92
CA ASP D 244 14.34 39.11 0.68
C ASP D 244 15.06 39.39 2.00
N ALA D 245 14.29 39.68 3.04
CA ALA D 245 14.83 39.96 4.36
C ALA D 245 15.40 38.69 4.99
N ILE D 246 14.71 37.57 4.79
CA ILE D 246 15.12 36.28 5.34
C ILE D 246 16.47 35.83 4.80
N MET D 247 16.66 35.98 3.49
CA MET D 247 17.90 35.60 2.83
C MET D 247 19.09 36.39 3.38
N GLN D 248 18.90 37.68 3.57
CA GLN D 248 19.95 38.54 4.09
C GLN D 248 20.24 38.29 5.56
N ALA D 249 19.19 37.93 6.31
CA ALA D 249 19.34 37.70 7.74
C ALA D 249 20.10 36.40 8.03
N ALA D 250 20.24 35.56 7.00
CA ALA D 250 20.90 34.28 7.16
C ALA D 250 22.33 34.30 6.61
N VAL D 251 22.52 34.92 5.46
CA VAL D 251 23.81 34.93 4.80
C VAL D 251 24.80 35.88 5.47
N CYS D 252 24.34 37.09 5.78
CA CYS D 252 25.18 38.10 6.41
C CYS D 252 25.50 37.77 7.87
N LYS D 253 26.45 36.86 8.07
CA LYS D 253 26.79 36.39 9.41
C LYS D 253 27.35 37.50 10.30
N GLU D 254 28.36 38.20 9.81
CA GLU D 254 29.04 39.22 10.61
C GLU D 254 28.12 40.40 10.94
N LYS D 255 27.40 40.91 9.94
CA LYS D 255 26.58 42.09 10.14
C LYS D 255 25.38 41.80 11.04
N ILE D 256 24.92 40.55 11.06
CA ILE D 256 23.84 40.17 11.96
C ILE D 256 24.44 39.76 13.31
N GLY D 257 25.47 38.93 13.27
CA GLY D 257 26.20 38.57 14.46
C GLY D 257 25.87 37.20 15.04
N TRP D 258 25.66 36.21 14.18
CA TRP D 258 25.39 34.86 14.64
C TRP D 258 26.63 34.29 15.33
N ARG D 259 26.47 33.79 16.56
CA ARG D 259 27.59 33.19 17.28
C ARG D 259 27.96 31.84 16.66
N ASN D 260 29.24 31.50 16.70
CA ASN D 260 29.71 30.29 16.04
C ASN D 260 29.10 28.98 16.54
N ASP D 261 28.88 28.90 17.85
CA ASP D 261 28.27 27.71 18.44
C ASP D 261 27.08 28.09 19.31
N SER D 262 25.94 28.34 18.66
CA SER D 262 24.73 28.73 19.37
C SER D 262 23.50 28.51 18.51
N LEU D 263 22.32 28.59 19.13
CA LEU D 263 21.07 28.51 18.39
C LEU D 263 20.81 29.80 17.61
N HIS D 264 20.57 29.66 16.31
CA HIS D 264 20.30 30.82 15.46
C HIS D 264 18.81 30.95 15.16
N LEU D 265 18.06 31.56 16.07
CA LEU D 265 16.62 31.72 15.90
C LEU D 265 16.27 32.96 15.09
N LEU D 266 15.43 32.77 14.08
CA LEU D 266 14.96 33.87 13.24
C LEU D 266 13.44 33.97 13.35
N VAL D 267 12.97 35.02 14.03
CA VAL D 267 11.53 35.19 14.23
C VAL D 267 10.93 36.08 13.16
N PHE D 268 10.21 35.46 12.23
CA PHE D 268 9.55 36.17 11.14
C PHE D 268 8.16 36.65 11.57
N VAL D 269 7.99 37.96 11.66
CA VAL D 269 6.72 38.53 12.12
C VAL D 269 6.03 39.34 11.03
N SER D 270 4.98 38.77 10.45
CA SER D 270 4.23 39.44 9.39
C SER D 270 2.74 39.11 9.48
N ASP D 271 1.94 39.80 8.68
CA ASP D 271 0.50 39.58 8.67
C ASP D 271 -0.03 39.37 7.26
N ALA D 272 0.83 38.87 6.38
CA ALA D 272 0.45 38.63 4.99
C ALA D 272 1.31 37.55 4.34
N ASP D 273 1.00 37.24 3.09
CA ASP D 273 1.73 36.23 2.32
C ASP D 273 3.09 36.81 1.90
N SER D 274 3.88 36.02 1.16
CA SER D 274 5.20 36.46 0.74
C SER D 274 5.45 36.15 -0.74
N HIS D 275 6.03 37.11 -1.44
CA HIS D 275 6.44 36.89 -2.83
C HIS D 275 7.68 35.99 -2.85
N PHE D 276 7.85 35.26 -3.94
CA PHE D 276 9.01 34.39 -4.09
C PHE D 276 9.42 34.28 -5.56
N GLY D 277 10.67 33.86 -5.77
CA GLY D 277 11.19 33.56 -7.10
C GLY D 277 10.91 34.60 -8.18
N MET D 278 10.16 34.19 -9.20
CA MET D 278 9.93 35.02 -10.37
C MET D 278 8.72 35.93 -10.24
N ASP D 279 8.24 36.13 -9.03
CA ASP D 279 7.14 37.07 -8.80
C ASP D 279 7.55 38.49 -9.17
N SER D 280 8.86 38.74 -9.16
CA SER D 280 9.42 40.06 -9.46
C SER D 280 9.58 40.33 -10.96
N LYS D 281 9.12 39.37 -11.77
CA LYS D 281 9.12 39.54 -13.21
C LYS D 281 8.14 40.63 -13.63
N LEU D 282 7.11 40.84 -12.80
CA LEU D 282 6.14 41.91 -13.03
C LEU D 282 6.81 43.28 -12.85
N ALA D 283 7.85 43.32 -12.05
CA ALA D 283 8.56 44.57 -11.75
C ALA D 283 9.71 44.79 -12.73
N GLY D 284 9.92 43.84 -13.63
CA GLY D 284 11.01 43.93 -14.58
C GLY D 284 12.32 43.40 -14.01
N ILE D 285 12.21 42.64 -12.94
CA ILE D 285 13.38 42.02 -12.32
C ILE D 285 13.50 40.57 -12.74
N VAL D 286 14.49 40.28 -13.58
CA VAL D 286 14.63 38.97 -14.20
C VAL D 286 15.96 38.32 -13.83
N CYS D 287 16.72 38.95 -12.94
CA CYS D 287 18.00 38.40 -12.50
C CYS D 287 17.85 37.71 -11.16
N PRO D 288 18.07 36.38 -11.14
CA PRO D 288 17.91 35.55 -9.94
C PRO D 288 18.83 35.96 -8.78
N ASN D 289 18.35 35.73 -7.56
CA ASN D 289 19.13 36.01 -6.36
C ASN D 289 20.35 35.09 -6.26
N ASP D 290 21.50 35.67 -5.93
CA ASP D 290 22.74 34.92 -5.84
C ASP D 290 22.98 34.37 -4.44
N GLY D 291 22.08 34.71 -3.52
CA GLY D 291 22.17 34.23 -2.15
C GLY D 291 23.40 34.74 -1.43
N LEU D 292 23.79 35.97 -1.76
CA LEU D 292 24.93 36.61 -1.12
C LEU D 292 24.48 37.81 -0.30
N CYS D 293 25.37 38.29 0.57
CA CYS D 293 25.08 39.48 1.37
C CYS D 293 25.22 40.71 0.50
N HIS D 294 24.24 41.61 0.59
CA HIS D 294 24.28 42.84 -0.20
C HIS D 294 23.79 44.00 0.65
N LEU D 295 24.17 43.98 1.92
CA LEU D 295 23.90 45.10 2.81
C LEU D 295 24.98 46.16 2.65
N ASP D 296 24.60 47.34 2.19
CA ASP D 296 25.55 48.41 1.97
C ASP D 296 26.01 49.05 3.29
N SER D 297 26.69 50.19 3.18
CA SER D 297 27.21 50.89 4.35
C SER D 297 26.07 51.40 5.24
N LYS D 298 24.87 51.48 4.67
CA LYS D 298 23.70 51.98 5.39
C LYS D 298 22.91 50.82 5.99
N ASN D 299 23.45 49.61 5.86
CA ASN D 299 22.78 48.39 6.30
C ASN D 299 21.38 48.24 5.69
N GLU D 300 21.34 48.20 4.36
CA GLU D 300 20.09 48.05 3.62
C GLU D 300 20.29 47.15 2.41
N TYR D 301 19.28 46.33 2.10
CA TYR D 301 19.36 45.44 0.95
C TYR D 301 19.38 46.27 -0.33
N SER D 302 20.56 46.42 -0.91
CA SER D 302 20.78 47.32 -2.04
C SER D 302 20.24 46.76 -3.36
N MET D 303 20.14 45.44 -3.46
CA MET D 303 19.76 44.81 -4.72
C MET D 303 18.31 44.36 -4.72
N SER D 304 17.46 45.08 -3.99
CA SER D 304 16.04 44.75 -3.92
C SER D 304 15.32 45.21 -5.19
N THR D 305 16.07 45.82 -6.11
CA THR D 305 15.52 46.27 -7.38
C THR D 305 16.30 45.63 -8.52
N VAL D 306 17.26 44.78 -8.16
CA VAL D 306 18.13 44.15 -9.14
C VAL D 306 17.92 42.63 -9.17
N LEU D 307 17.81 42.03 -7.99
CA LEU D 307 17.67 40.59 -7.89
C LEU D 307 16.23 40.16 -7.56
N GLU D 308 15.88 38.96 -8.01
CA GLU D 308 14.56 38.39 -7.75
C GLU D 308 14.39 38.02 -6.29
N TYR D 309 13.16 37.74 -5.88
CA TYR D 309 12.92 37.16 -4.57
C TYR D 309 13.59 35.80 -4.52
N PRO D 310 14.08 35.41 -3.33
CA PRO D 310 14.66 34.07 -3.22
C PRO D 310 13.61 32.97 -3.32
N THR D 311 14.01 31.81 -3.83
CA THR D 311 13.12 30.67 -3.90
C THR D 311 13.25 29.84 -2.63
N ILE D 312 12.26 29.01 -2.34
CA ILE D 312 12.31 28.16 -1.15
C ILE D 312 13.50 27.21 -1.25
N GLY D 313 13.78 26.74 -2.45
CA GLY D 313 14.94 25.91 -2.69
C GLY D 313 16.24 26.64 -2.34
N GLN D 314 16.25 27.94 -2.60
CA GLN D 314 17.39 28.78 -2.24
C GLN D 314 17.40 29.09 -0.76
N LEU D 315 16.23 29.42 -0.22
CA LEU D 315 16.10 29.73 1.21
C LEU D 315 16.53 28.54 2.07
N ILE D 316 16.14 27.34 1.65
CA ILE D 316 16.54 26.13 2.34
C ILE D 316 18.05 25.95 2.32
N ASP D 317 18.65 26.15 1.15
CA ASP D 317 20.08 25.97 0.97
C ASP D 317 20.91 26.86 1.86
N LYS D 318 20.38 28.03 2.20
CA LYS D 318 21.11 29.00 3.01
C LYS D 318 20.80 28.88 4.50
N LEU D 319 19.55 28.60 4.84
CA LEU D 319 19.16 28.41 6.23
C LEU D 319 19.84 27.18 6.84
N VAL D 320 20.06 26.17 6.01
CA VAL D 320 20.74 24.96 6.44
C VAL D 320 22.24 25.17 6.55
N GLN D 321 22.81 25.83 5.54
CA GLN D 321 24.24 26.10 5.48
C GLN D 321 24.67 27.06 6.59
N ASN D 322 23.81 28.00 6.93
CA ASN D 322 24.10 28.98 7.96
C ASN D 322 23.55 28.58 9.33
N ASN D 323 22.93 27.40 9.37
CA ASN D 323 22.41 26.82 10.62
C ASN D 323 21.42 27.74 11.33
N VAL D 324 20.45 28.22 10.57
CA VAL D 324 19.44 29.15 11.07
C VAL D 324 18.06 28.49 11.20
N LEU D 325 17.48 28.58 12.39
CA LEU D 325 16.15 28.03 12.64
C LEU D 325 15.08 29.11 12.44
N LEU D 326 14.21 28.90 11.47
CA LEU D 326 13.22 29.90 11.10
C LEU D 326 11.91 29.71 11.87
N ILE D 327 11.36 30.80 12.40
CA ILE D 327 10.09 30.76 13.11
C ILE D 327 9.06 31.69 12.47
N PHE D 328 7.98 31.11 11.95
CA PHE D 328 6.94 31.89 11.31
C PHE D 328 5.89 32.35 12.31
N ALA D 329 5.98 33.61 12.72
CA ALA D 329 5.00 34.19 13.62
C ALA D 329 3.99 35.03 12.85
N VAL D 330 3.00 34.38 12.26
CA VAL D 330 2.01 35.06 11.44
C VAL D 330 0.60 34.94 12.02
N THR D 331 -0.31 35.80 11.55
CA THR D 331 -1.69 35.78 12.00
C THR D 331 -2.49 34.70 11.30
N GLN D 332 -3.74 34.53 11.71
CA GLN D 332 -4.60 33.49 11.15
C GLN D 332 -4.86 33.76 9.66
N GLU D 333 -5.28 32.72 8.93
CA GLU D 333 -5.45 32.77 7.47
C GLU D 333 -4.11 32.86 6.73
N GLN D 334 -3.03 32.96 7.50
CA GLN D 334 -1.69 32.88 6.95
C GLN D 334 -0.95 31.76 7.66
N VAL D 335 -1.59 31.22 8.70
CA VAL D 335 -1.02 30.14 9.48
C VAL D 335 -0.84 28.90 8.63
N HIS D 336 -1.92 28.49 7.96
CA HIS D 336 -1.91 27.30 7.12
C HIS D 336 -0.90 27.40 5.99
N LEU D 337 -0.80 28.59 5.41
CA LEU D 337 0.09 28.80 4.28
C LEU D 337 1.55 28.67 4.71
N TYR D 338 1.92 29.33 5.81
CA TYR D 338 3.28 29.25 6.30
C TYR D 338 3.56 27.91 6.97
N GLU D 339 2.50 27.22 7.38
CA GLU D 339 2.64 25.85 7.88
C GLU D 339 3.09 24.91 6.78
N ASN D 340 2.57 25.12 5.57
CA ASN D 340 2.95 24.30 4.43
C ASN D 340 4.35 24.67 3.96
N TYR D 341 4.79 25.89 4.24
CA TYR D 341 6.15 26.32 3.94
C TYR D 341 7.17 25.66 4.88
N ALA D 342 6.82 25.59 6.16
CA ALA D 342 7.72 25.09 7.18
C ALA D 342 7.93 23.58 7.07
N LYS D 343 7.06 22.91 6.33
CA LYS D 343 7.17 21.47 6.13
C LYS D 343 8.37 21.13 5.24
N LEU D 344 8.69 22.03 4.33
CA LEU D 344 9.81 21.83 3.41
C LEU D 344 11.12 22.32 4.01
N ILE D 345 11.02 23.32 4.88
CA ILE D 345 12.19 23.92 5.50
C ILE D 345 12.56 23.24 6.82
N PRO D 346 13.70 22.53 6.84
CA PRO D 346 14.14 21.82 8.04
C PRO D 346 14.44 22.75 9.21
N GLY D 347 13.73 22.55 10.32
CA GLY D 347 13.94 23.36 11.51
C GLY D 347 12.99 24.54 11.60
N ALA D 348 12.00 24.58 10.71
CA ALA D 348 11.06 25.70 10.67
C ALA D 348 9.74 25.36 11.34
N THR D 349 9.28 26.27 12.21
CA THR D 349 8.00 26.10 12.90
C THR D 349 7.14 27.35 12.73
N VAL D 350 5.89 27.26 13.16
CA VAL D 350 4.97 28.39 13.07
C VAL D 350 4.31 28.67 14.42
N GLY D 351 3.52 29.73 14.46
CA GLY D 351 2.80 30.11 15.66
C GLY D 351 1.71 31.12 15.35
N LEU D 352 0.57 30.98 16.01
CA LEU D 352 -0.56 31.88 15.78
C LEU D 352 -0.33 33.24 16.43
N LEU D 353 -0.19 34.28 15.62
CA LEU D 353 0.03 35.63 16.11
C LEU D 353 -1.27 36.42 16.15
N GLN D 354 -1.48 37.16 17.24
CA GLN D 354 -2.67 37.99 17.37
C GLN D 354 -2.57 39.24 16.50
N LYS D 355 -3.71 39.88 16.25
CA LYS D 355 -3.77 41.06 15.41
C LYS D 355 -3.00 42.22 16.04
N ASP D 356 -2.94 42.24 17.37
CA ASP D 356 -2.17 43.26 18.09
C ASP D 356 -0.81 42.74 18.53
N SER D 357 -0.52 41.48 18.17
CA SER D 357 0.74 40.83 18.49
C SER D 357 1.04 40.83 19.98
N GLY D 358 0.02 40.50 20.78
CA GLY D 358 0.17 40.51 22.23
C GLY D 358 0.56 39.17 22.80
N ASN D 359 0.74 38.18 21.94
CA ASN D 359 1.11 36.84 22.37
C ASN D 359 2.45 36.42 21.77
N ILE D 360 3.24 37.39 21.35
CA ILE D 360 4.51 37.11 20.69
C ILE D 360 5.49 36.46 21.66
N LEU D 361 5.39 36.81 22.94
CA LEU D 361 6.22 36.21 23.97
C LEU D 361 5.83 34.75 24.15
N GLN D 362 4.53 34.47 24.08
CA GLN D 362 4.03 33.12 24.23
C GLN D 362 4.35 32.25 23.02
N LEU D 363 4.57 32.91 21.89
CA LEU D 363 4.92 32.20 20.66
C LEU D 363 6.40 31.83 20.64
N ILE D 364 7.24 32.80 21.00
CA ILE D 364 8.70 32.61 20.97
C ILE D 364 9.17 31.57 21.98
N ILE D 365 8.69 31.67 23.21
CA ILE D 365 9.11 30.75 24.26
C ILE D 365 8.66 29.31 23.96
N SER D 366 7.40 29.16 23.56
CA SER D 366 6.86 27.84 23.23
C SER D 366 7.57 27.25 22.02
N ALA D 367 7.94 28.10 21.07
CA ALA D 367 8.67 27.66 19.88
C ALA D 367 10.08 27.25 20.27
N TYR D 368 10.64 27.91 21.28
CA TYR D 368 11.97 27.56 21.77
C TYR D 368 11.92 26.21 22.48
N GLU D 369 10.92 26.03 23.34
CA GLU D 369 10.75 24.79 24.07
C GLU D 369 10.46 23.62 23.14
N GLU D 370 9.79 23.90 22.03
CA GLU D 370 9.50 22.88 21.03
C GLU D 370 10.80 22.40 20.38
N LEU D 371 11.68 23.35 20.06
CA LEU D 371 12.97 23.03 19.48
C LEU D 371 13.89 22.33 20.47
N ARG D 372 13.70 22.62 21.75
CA ARG D 372 14.49 21.97 22.81
C ARG D 372 14.09 20.51 23.01
N SER D 373 12.95 20.13 22.43
CA SER D 373 12.46 18.75 22.56
C SER D 373 12.60 17.97 21.27
N GLU D 374 12.93 18.66 20.18
CA GLU D 374 13.08 18.04 18.87
C GLU D 374 14.54 17.79 18.50
N VAL D 375 14.82 16.60 17.97
CA VAL D 375 16.16 16.28 17.47
C VAL D 375 16.07 15.67 16.07
N GLU D 376 16.46 16.45 15.06
CA GLU D 376 16.41 16.01 13.67
C GLU D 376 17.81 15.98 13.05
N LEU D 377 18.04 15.04 12.14
CA LEU D 377 19.34 14.91 11.50
C LEU D 377 19.42 15.56 10.11
N GLU D 378 20.64 15.89 9.70
CA GLU D 378 20.90 16.44 8.38
C GLU D 378 22.08 15.72 7.74
N VAL D 379 22.08 15.63 6.42
CA VAL D 379 23.22 15.07 5.69
C VAL D 379 23.70 16.09 4.65
N LEU D 380 24.94 16.51 4.77
CA LEU D 380 25.46 17.58 3.93
C LEU D 380 26.68 17.18 3.11
N GLY D 381 26.79 17.75 1.91
CA GLY D 381 27.95 17.56 1.05
C GLY D 381 28.07 16.17 0.48
N ASP D 382 27.01 15.37 0.62
CA ASP D 382 27.02 14.00 0.11
C ASP D 382 26.90 13.97 -1.41
N THR D 383 26.50 12.82 -1.93
CA THR D 383 26.42 12.64 -3.38
C THR D 383 25.00 12.36 -3.86
N GLU D 384 24.71 12.84 -5.08
CA GLU D 384 23.46 12.56 -5.76
C GLU D 384 23.24 11.06 -5.99
N GLY D 385 24.33 10.33 -6.13
CA GLY D 385 24.27 8.89 -6.39
C GLY D 385 24.29 8.02 -5.15
N LEU D 386 24.56 8.62 -4.01
CA LEU D 386 24.67 7.89 -2.74
C LEU D 386 23.32 7.44 -2.18
N ASN D 387 23.27 6.23 -1.63
CA ASN D 387 22.05 5.69 -1.04
C ASN D 387 22.01 5.87 0.48
N LEU D 388 20.95 6.49 0.98
CA LEU D 388 20.81 6.71 2.42
C LEU D 388 19.42 6.36 2.93
N SER D 389 19.37 5.74 4.11
CA SER D 389 18.11 5.44 4.79
C SER D 389 18.24 5.75 6.28
N PHE D 390 17.13 6.19 6.90
CA PHE D 390 17.18 6.60 8.30
C PHE D 390 16.13 5.91 9.17
N THR D 391 16.52 5.52 10.38
CA THR D 391 15.59 5.01 11.38
C THR D 391 15.79 5.71 12.72
N ALA D 392 14.71 6.25 13.29
CA ALA D 392 14.78 7.01 14.53
C ALA D 392 14.44 6.21 15.77
N ILE D 393 15.28 6.32 16.81
CA ILE D 393 15.03 5.68 18.10
C ILE D 393 14.83 6.74 19.17
N CYS D 394 13.58 7.18 19.35
CA CYS D 394 13.27 8.28 20.27
C CYS D 394 13.06 7.85 21.72
N ASN D 395 12.88 6.55 21.96
CA ASN D 395 12.63 6.06 23.31
C ASN D 395 13.55 4.92 23.70
N ASN D 396 13.01 3.91 24.38
CA ASN D 396 13.80 2.77 24.81
C ASN D 396 13.55 1.57 23.90
N GLY D 397 12.28 1.35 23.56
CA GLY D 397 11.89 0.24 22.71
C GLY D 397 11.09 0.70 21.51
N THR D 398 11.41 1.89 21.00
CA THR D 398 10.67 2.45 19.87
C THR D 398 11.58 2.83 18.71
N LEU D 399 11.31 2.25 17.54
CA LEU D 399 12.10 2.50 16.35
C LEU D 399 11.21 2.89 15.17
N PHE D 400 11.31 4.15 14.74
CA PHE D 400 10.50 4.63 13.63
C PHE D 400 11.21 4.43 12.29
N GLN D 401 10.47 3.91 11.31
CA GLN D 401 11.00 3.71 9.96
C GLN D 401 10.81 4.96 9.10
N HIS D 402 11.73 5.14 8.15
CA HIS D 402 11.69 6.24 7.20
C HIS D 402 11.62 7.58 7.94
N GLN D 403 12.38 7.70 9.02
CA GLN D 403 12.31 8.89 9.86
C GLN D 403 13.66 9.21 10.50
N LYS D 404 14.05 10.48 10.46
CA LYS D 404 15.29 10.94 11.06
C LYS D 404 15.04 12.06 12.06
N LYS D 405 13.87 12.03 12.68
CA LYS D 405 13.44 13.10 13.57
C LYS D 405 12.77 12.55 14.84
N CYS D 406 13.25 13.01 15.99
CA CYS D 406 12.65 12.63 17.27
C CYS D 406 12.03 13.85 17.96
N SER D 407 10.96 13.60 18.71
CA SER D 407 10.26 14.67 19.41
C SER D 407 9.84 14.24 20.81
N HIS D 408 9.21 15.15 21.54
CA HIS D 408 8.75 14.89 22.90
C HIS D 408 9.88 14.41 23.82
N MET D 409 11.01 15.10 23.77
CA MET D 409 12.16 14.74 24.58
C MET D 409 12.52 15.84 25.58
N LYS D 410 12.68 15.48 26.85
CA LYS D 410 13.16 16.44 27.83
C LYS D 410 14.65 16.64 27.60
N VAL D 411 15.15 17.82 27.99
CA VAL D 411 16.56 18.13 27.77
C VAL D 411 17.47 17.20 28.55
N GLY D 412 18.39 16.55 27.86
CA GLY D 412 19.28 15.59 28.46
C GLY D 412 19.02 14.19 27.96
N ASP D 413 17.89 14.01 27.29
CA ASP D 413 17.54 12.71 26.70
C ASP D 413 18.36 12.47 25.44
N THR D 414 18.81 11.24 25.25
CA THR D 414 19.59 10.87 24.08
C THR D 414 18.67 10.52 22.91
N ALA D 415 19.15 10.70 21.70
CA ALA D 415 18.41 10.34 20.50
C ALA D 415 19.31 9.58 19.54
N SER D 416 19.03 8.31 19.35
CA SER D 416 19.86 7.47 18.50
C SER D 416 19.28 7.34 17.10
N PHE D 417 20.15 7.25 16.10
CA PHE D 417 19.73 7.11 14.72
C PHE D 417 20.60 6.09 13.99
N SER D 418 20.00 5.33 13.09
CA SER D 418 20.75 4.39 12.28
C SER D 418 20.78 4.85 10.82
N VAL D 419 21.93 5.34 10.38
CA VAL D 419 22.08 5.83 9.02
C VAL D 419 22.80 4.79 8.15
N THR D 420 22.08 4.22 7.19
CA THR D 420 22.65 3.22 6.31
C THR D 420 23.17 3.86 5.03
N VAL D 421 24.44 3.62 4.72
CA VAL D 421 25.07 4.20 3.55
C VAL D 421 25.43 3.12 2.54
N ASN D 422 25.15 3.37 1.26
CA ASN D 422 25.48 2.40 0.22
C ASN D 422 25.93 3.06 -1.08
N ILE D 423 26.94 2.46 -1.70
CA ILE D 423 27.43 2.91 -3.01
C ILE D 423 27.12 1.87 -4.07
N PRO D 424 26.38 2.28 -5.12
CA PRO D 424 25.97 1.38 -6.20
C PRO D 424 27.14 0.93 -7.09
N HIS D 425 27.94 1.87 -7.58
CA HIS D 425 29.03 1.54 -8.50
C HIS D 425 30.35 2.13 -8.05
N CYS D 426 31.45 1.48 -8.40
CA CYS D 426 32.79 1.92 -8.03
C CYS D 426 33.03 3.36 -8.47
N GLU D 427 33.59 4.15 -7.57
CA GLU D 427 33.80 5.58 -7.82
C GLU D 427 35.25 5.90 -8.12
N ARG D 428 35.49 7.15 -8.51
CA ARG D 428 36.83 7.62 -8.79
C ARG D 428 37.58 7.84 -7.49
N ARG D 429 37.04 8.69 -6.62
CA ARG D 429 37.73 9.07 -5.39
C ARG D 429 36.78 9.25 -4.22
N SER D 430 37.36 9.48 -3.04
CA SER D 430 36.61 9.63 -1.80
C SER D 430 35.72 10.87 -1.76
N ARG D 431 34.71 10.84 -0.89
CA ARG D 431 33.77 11.95 -0.77
C ARG D 431 33.57 12.37 0.67
N HIS D 432 33.56 13.67 0.91
CA HIS D 432 33.41 14.22 2.26
C HIS D 432 31.94 14.48 2.58
N ILE D 433 31.47 13.92 3.69
CA ILE D 433 30.08 14.08 4.10
C ILE D 433 29.99 14.52 5.56
N ILE D 434 28.94 15.28 5.89
CA ILE D 434 28.72 15.74 7.25
C ILE D 434 27.31 15.42 7.74
N ILE D 435 27.23 14.74 8.88
CA ILE D 435 25.95 14.47 9.52
C ILE D 435 25.83 15.26 10.82
N LYS D 436 24.89 16.21 10.86
CA LYS D 436 24.74 17.06 12.03
C LYS D 436 23.27 17.27 12.37
N PRO D 437 22.96 17.54 13.65
CA PRO D 437 21.59 17.85 14.06
C PRO D 437 21.14 19.20 13.53
N VAL D 438 19.83 19.42 13.48
CA VAL D 438 19.28 20.68 13.01
C VAL D 438 19.37 21.76 14.10
N GLY D 439 20.08 22.84 13.79
CA GLY D 439 20.19 23.96 14.71
C GLY D 439 21.49 23.98 15.52
N LEU D 440 22.12 22.82 15.68
CA LEU D 440 23.33 22.72 16.48
C LEU D 440 24.59 22.80 15.63
N GLY D 441 25.69 23.21 16.24
CA GLY D 441 26.95 23.37 15.54
C GLY D 441 27.76 22.09 15.43
N ASP D 442 27.60 21.21 16.41
CA ASP D 442 28.31 19.93 16.42
C ASP D 442 27.99 19.10 15.18
N ALA D 443 28.97 18.36 14.69
CA ALA D 443 28.80 17.62 13.44
C ALA D 443 29.61 16.33 13.37
N LEU D 444 29.15 15.41 12.53
CA LEU D 444 29.82 14.15 12.27
C LEU D 444 30.40 14.10 10.87
N GLU D 445 31.72 14.05 10.77
CA GLU D 445 32.38 13.98 9.48
C GLU D 445 32.48 12.55 8.97
N LEU D 446 32.16 12.36 7.69
CA LEU D 446 32.24 11.04 7.07
C LEU D 446 33.13 11.04 5.84
N LEU D 447 34.17 10.22 5.86
CA LEU D 447 35.02 10.04 4.69
C LEU D 447 34.72 8.72 4.02
N VAL D 448 33.92 8.78 2.95
CA VAL D 448 33.50 7.57 2.24
C VAL D 448 34.42 7.25 1.07
N SER D 449 35.28 6.25 1.26
CA SER D 449 36.20 5.82 0.22
C SER D 449 35.86 4.41 -0.26
N PRO D 450 35.62 4.26 -1.57
CA PRO D 450 35.25 2.97 -2.19
C PRO D 450 36.44 2.04 -2.39
N GLU D 451 36.17 0.77 -2.69
CA GLU D 451 37.21 -0.22 -2.93
C GLU D 451 36.90 -1.08 -4.14
N CYS D 452 37.85 -1.16 -5.07
CA CYS D 452 37.66 -1.96 -6.28
C CYS D 452 38.92 -2.70 -6.70
N ASN D 453 40.08 -2.25 -6.21
CA ASN D 453 41.35 -2.83 -6.59
C ASN D 453 41.75 -4.06 -5.77
N CYS D 454 42.60 -4.90 -6.36
CA CYS D 454 43.12 -6.07 -5.67
C CYS D 454 44.60 -5.87 -5.33
N ASP D 455 45.06 -6.49 -4.25
CA ASP D 455 46.44 -6.38 -3.82
C ASP D 455 47.39 -7.20 -4.68
N CYS D 456 46.85 -8.20 -5.38
CA CYS D 456 47.67 -9.06 -6.24
C CYS D 456 48.02 -8.35 -7.55
N GLN D 457 47.36 -7.21 -7.79
CA GLN D 457 47.62 -6.41 -8.98
C GLN D 457 48.72 -5.40 -8.72
N LYS D 458 49.46 -5.61 -7.63
CA LYS D 458 50.55 -4.71 -7.26
C LYS D 458 51.90 -5.44 -7.30
#